data_8AMT
# 
_entry.id   8AMT 
# 
_audit_conform.dict_name       mmcif_pdbx.dic 
_audit_conform.dict_version    5.385 
_audit_conform.dict_location   http://mmcif.pdb.org/dictionaries/ascii/mmcif_pdbx.dic 
# 
loop_
_database_2.database_id 
_database_2.database_code 
_database_2.pdbx_database_accession 
_database_2.pdbx_DOI 
PDB   8AMT         pdb_00008amt 10.2210/pdb8amt/pdb 
WWPDB D_1292119080 ?            ?                   
# 
loop_
_pdbx_audit_revision_history.ordinal 
_pdbx_audit_revision_history.data_content_type 
_pdbx_audit_revision_history.major_revision 
_pdbx_audit_revision_history.minor_revision 
_pdbx_audit_revision_history.revision_date 
1 'Structure model' 1 0 2023-02-08 
2 'Structure model' 1 1 2023-03-01 
3 'Structure model' 1 2 2024-02-07 
# 
_pdbx_audit_revision_details.ordinal             1 
_pdbx_audit_revision_details.revision_ordinal    1 
_pdbx_audit_revision_details.data_content_type   'Structure model' 
_pdbx_audit_revision_details.provider            repository 
_pdbx_audit_revision_details.type                'Initial release' 
_pdbx_audit_revision_details.description         ? 
_pdbx_audit_revision_details.details             ? 
# 
loop_
_pdbx_audit_revision_group.ordinal 
_pdbx_audit_revision_group.revision_ordinal 
_pdbx_audit_revision_group.data_content_type 
_pdbx_audit_revision_group.group 
1 2 'Structure model' 'Database references'    
2 3 'Structure model' 'Data collection'        
3 3 'Structure model' 'Refinement description' 
# 
loop_
_pdbx_audit_revision_category.ordinal 
_pdbx_audit_revision_category.revision_ordinal 
_pdbx_audit_revision_category.data_content_type 
_pdbx_audit_revision_category.category 
1 2 'Structure model' citation                      
2 3 'Structure model' chem_comp_atom                
3 3 'Structure model' chem_comp_bond                
4 3 'Structure model' pdbx_initial_refinement_model 
# 
loop_
_pdbx_audit_revision_item.ordinal 
_pdbx_audit_revision_item.revision_ordinal 
_pdbx_audit_revision_item.data_content_type 
_pdbx_audit_revision_item.item 
1 2 'Structure model' '_citation.journal_volume' 
2 2 'Structure model' '_citation.page_first'     
3 2 'Structure model' '_citation.page_last'      
# 
_pdbx_database_status.status_code                     REL 
_pdbx_database_status.status_code_sf                  REL 
_pdbx_database_status.status_code_mr                  ? 
_pdbx_database_status.entry_id                        8AMT 
_pdbx_database_status.recvd_initial_deposition_date   2022-08-04 
_pdbx_database_status.SG_entry                        N 
_pdbx_database_status.deposit_site                    PDBE 
_pdbx_database_status.process_site                    PDBE 
_pdbx_database_status.status_code_cs                  ? 
_pdbx_database_status.status_code_nmr_data            ? 
_pdbx_database_status.methods_development_category    ? 
_pdbx_database_status.pdb_format_compatible           N 
# 
_pdbx_contact_author.id                 2 
_pdbx_contact_author.email              miquel.coll@irbbarcelona.org 
_pdbx_contact_author.name_first         Miquel 
_pdbx_contact_author.name_last          Coll 
_pdbx_contact_author.name_mi            ? 
_pdbx_contact_author.role               'principal investigator/group leader' 
_pdbx_contact_author.identifier_ORCID   0000-0003-4471-8674 
# 
loop_
_audit_author.name 
_audit_author.pdbx_ordinal 
_audit_author.identifier_ORCID 
'Machon, C.'      1 0000-0001-5363-2958 
'Amodio, J.'      2 ?                   
'Boer, R.D.'      3 0000-0001-5949-6627 
'Ruiz-Maso, J.A.' 4 0000-0002-7526-8437 
'del Solar, G.'   5 0000-0002-7356-9164 
'Coll, M.'        6 0000-0003-4471-8674 
# 
_citation.abstract                  ? 
_citation.abstract_id_CAS           ? 
_citation.book_id_ISBN              ? 
_citation.book_publisher            ? 
_citation.book_publisher_city       ? 
_citation.book_title                ? 
_citation.coordinate_linkage        ? 
_citation.country                   UK 
_citation.database_id_Medline       ? 
_citation.details                   ? 
_citation.id                        primary 
_citation.journal_abbrev            'Nucleic Acids Res.' 
_citation.journal_id_ASTM           NARHAD 
_citation.journal_id_CSD            0389 
_citation.journal_id_ISSN           1362-4962 
_citation.journal_full              ? 
_citation.journal_issue             ? 
_citation.journal_volume            51 
_citation.language                  ? 
_citation.page_first                1458 
_citation.page_last                 1472 
_citation.title                     
'Structures of pMV158 replication initiator RepB with and without DNA reveal a flexible dual-function protein.' 
_citation.year                      2023 
_citation.database_id_CSD           ? 
_citation.pdbx_database_id_DOI      10.1093/nar/gkac1271 
_citation.pdbx_database_id_PubMed   36688326 
_citation.pdbx_database_id_patent   ? 
_citation.unpublished_flag          ? 
# 
loop_
_citation_author.citation_id 
_citation_author.name 
_citation_author.ordinal 
_citation_author.identifier_ORCID 
primary 'Machon, C.'            1 0000-0001-5363-2958 
primary 'Ruiz-Maso, J.A.'       2 0000-0002-7526-8437 
primary 'Amodio, J.'            3 ?                   
primary 'Boer, D.R.'            4 0000-0001-5949-6627 
primary 'Bordanaba-Ruiseco, L.' 5 ?                   
primary 'Bury, K.'              6 0000-0001-8197-1658 
primary 'Konieczny, I.'         7 0000-0002-1588-5601 
primary 'Del Solar, G.'         8 0000-0002-7356-9164 
primary 'Coll, M.'              9 0000-0003-4471-8674 
# 
loop_
_entity.id 
_entity.type 
_entity.src_method 
_entity.pdbx_description 
_entity.formula_weight 
_entity.pdbx_number_of_molecules 
_entity.pdbx_ec 
_entity.pdbx_mutation 
_entity.pdbx_fragment 
_entity.details 
1 polymer     man 'Replication protein RepB' 15327.007 1   ? ? ? ? 
2 non-polymer syn GLYCEROL                   92.094    2   ? ? ? ? 
3 non-polymer syn 'MANGANESE (II) ION'       54.938    1   ? ? ? ? 
4 non-polymer syn 'CHLORIDE ION'             35.453    11  ? ? ? ? 
5 water       nat water                      18.015    140 ? ? ? ? 
# 
_entity_poly.entity_id                      1 
_entity_poly.type                           'polypeptide(L)' 
_entity_poly.nstd_linkage                   no 
_entity_poly.nstd_monomer                   no 
_entity_poly.pdbx_seq_one_letter_code       
;MAKEKARYFTFLLYPESIPSDWELKLETLGVPMAISPLHDKDKSSIKGQKYKKAHYHVLYIAKNPVTADSVRKKIKLLLG
EKSLAMVQVVLNVENMYLYLTHESKDAIAKKKHVYDKADIKLINNFDIDRYV
;
_entity_poly.pdbx_seq_one_letter_code_can   
;MAKEKARYFTFLLYPESIPSDWELKLETLGVPMAISPLHDKDKSSIKGQKYKKAHYHVLYIAKNPVTADSVRKKIKLLLG
EKSLAMVQVVLNVENMYLYLTHESKDAIAKKKHVYDKADIKLINNFDIDRYV
;
_entity_poly.pdbx_strand_id                 AAA 
_entity_poly.pdbx_target_identifier         ? 
# 
loop_
_pdbx_entity_nonpoly.entity_id 
_pdbx_entity_nonpoly.name 
_pdbx_entity_nonpoly.comp_id 
2 GLYCEROL             GOL 
3 'MANGANESE (II) ION' MN  
4 'CHLORIDE ION'       CL  
5 water                HOH 
# 
loop_
_entity_poly_seq.entity_id 
_entity_poly_seq.num 
_entity_poly_seq.mon_id 
_entity_poly_seq.hetero 
1 1   MET n 
1 2   ALA n 
1 3   LYS n 
1 4   GLU n 
1 5   LYS n 
1 6   ALA n 
1 7   ARG n 
1 8   TYR n 
1 9   PHE n 
1 10  THR n 
1 11  PHE n 
1 12  LEU n 
1 13  LEU n 
1 14  TYR n 
1 15  PRO n 
1 16  GLU n 
1 17  SER n 
1 18  ILE n 
1 19  PRO n 
1 20  SER n 
1 21  ASP n 
1 22  TRP n 
1 23  GLU n 
1 24  LEU n 
1 25  LYS n 
1 26  LEU n 
1 27  GLU n 
1 28  THR n 
1 29  LEU n 
1 30  GLY n 
1 31  VAL n 
1 32  PRO n 
1 33  MET n 
1 34  ALA n 
1 35  ILE n 
1 36  SER n 
1 37  PRO n 
1 38  LEU n 
1 39  HIS n 
1 40  ASP n 
1 41  LYS n 
1 42  ASP n 
1 43  LYS n 
1 44  SER n 
1 45  SER n 
1 46  ILE n 
1 47  LYS n 
1 48  GLY n 
1 49  GLN n 
1 50  LYS n 
1 51  TYR n 
1 52  LYS n 
1 53  LYS n 
1 54  ALA n 
1 55  HIS n 
1 56  TYR n 
1 57  HIS n 
1 58  VAL n 
1 59  LEU n 
1 60  TYR n 
1 61  ILE n 
1 62  ALA n 
1 63  LYS n 
1 64  ASN n 
1 65  PRO n 
1 66  VAL n 
1 67  THR n 
1 68  ALA n 
1 69  ASP n 
1 70  SER n 
1 71  VAL n 
1 72  ARG n 
1 73  LYS n 
1 74  LYS n 
1 75  ILE n 
1 76  LYS n 
1 77  LEU n 
1 78  LEU n 
1 79  LEU n 
1 80  GLY n 
1 81  GLU n 
1 82  LYS n 
1 83  SER n 
1 84  LEU n 
1 85  ALA n 
1 86  MET n 
1 87  VAL n 
1 88  GLN n 
1 89  VAL n 
1 90  VAL n 
1 91  LEU n 
1 92  ASN n 
1 93  VAL n 
1 94  GLU n 
1 95  ASN n 
1 96  MET n 
1 97  TYR n 
1 98  LEU n 
1 99  TYR n 
1 100 LEU n 
1 101 THR n 
1 102 HIS n 
1 103 GLU n 
1 104 SER n 
1 105 LYS n 
1 106 ASP n 
1 107 ALA n 
1 108 ILE n 
1 109 ALA n 
1 110 LYS n 
1 111 LYS n 
1 112 LYS n 
1 113 HIS n 
1 114 VAL n 
1 115 TYR n 
1 116 ASP n 
1 117 LYS n 
1 118 ALA n 
1 119 ASP n 
1 120 ILE n 
1 121 LYS n 
1 122 LEU n 
1 123 ILE n 
1 124 ASN n 
1 125 ASN n 
1 126 PHE n 
1 127 ASP n 
1 128 ILE n 
1 129 ASP n 
1 130 ARG n 
1 131 TYR n 
1 132 VAL n 
# 
_entity_src_gen.entity_id                          1 
_entity_src_gen.pdbx_src_id                        1 
_entity_src_gen.pdbx_alt_source_flag               sample 
_entity_src_gen.pdbx_seq_type                      'Biological sequence' 
_entity_src_gen.pdbx_beg_seq_num                   1 
_entity_src_gen.pdbx_end_seq_num                   132 
_entity_src_gen.gene_src_common_name               ? 
_entity_src_gen.gene_src_genus                     ? 
_entity_src_gen.pdbx_gene_src_gene                 repB 
_entity_src_gen.gene_src_species                   ? 
_entity_src_gen.gene_src_strain                    ? 
_entity_src_gen.gene_src_tissue                    ? 
_entity_src_gen.gene_src_tissue_fraction           ? 
_entity_src_gen.gene_src_details                   ? 
_entity_src_gen.pdbx_gene_src_fragment             ? 
_entity_src_gen.pdbx_gene_src_scientific_name      'Streptococcus agalactiae' 
_entity_src_gen.pdbx_gene_src_ncbi_taxonomy_id     1311 
_entity_src_gen.pdbx_gene_src_variant              ? 
_entity_src_gen.pdbx_gene_src_cell_line            ? 
_entity_src_gen.pdbx_gene_src_atcc                 ? 
_entity_src_gen.pdbx_gene_src_organ                ? 
_entity_src_gen.pdbx_gene_src_organelle            ? 
_entity_src_gen.pdbx_gene_src_cell                 ? 
_entity_src_gen.pdbx_gene_src_cellular_location    ? 
_entity_src_gen.host_org_common_name               ? 
_entity_src_gen.pdbx_host_org_scientific_name      'Escherichia coli BL21(DE3)' 
_entity_src_gen.pdbx_host_org_ncbi_taxonomy_id     469008 
_entity_src_gen.host_org_genus                     ? 
_entity_src_gen.pdbx_host_org_gene                 ? 
_entity_src_gen.pdbx_host_org_organ                ? 
_entity_src_gen.host_org_species                   ? 
_entity_src_gen.pdbx_host_org_tissue               ? 
_entity_src_gen.pdbx_host_org_tissue_fraction      ? 
_entity_src_gen.pdbx_host_org_strain               ? 
_entity_src_gen.pdbx_host_org_variant              ? 
_entity_src_gen.pdbx_host_org_cell_line            ? 
_entity_src_gen.pdbx_host_org_atcc                 ? 
_entity_src_gen.pdbx_host_org_culture_collection   ? 
_entity_src_gen.pdbx_host_org_cell                 ? 
_entity_src_gen.pdbx_host_org_organelle            ? 
_entity_src_gen.pdbx_host_org_cellular_location    ? 
_entity_src_gen.pdbx_host_org_vector_type          ? 
_entity_src_gen.pdbx_host_org_vector               ? 
_entity_src_gen.host_org_details                   ? 
_entity_src_gen.expression_system_id               ? 
_entity_src_gen.plasmid_name                       ? 
_entity_src_gen.plasmid_details                    ? 
_entity_src_gen.pdbx_description                   ? 
# 
loop_
_chem_comp.id 
_chem_comp.type 
_chem_comp.mon_nstd_flag 
_chem_comp.name 
_chem_comp.pdbx_synonyms 
_chem_comp.formula 
_chem_comp.formula_weight 
ALA 'L-peptide linking' y ALANINE              ?                               'C3 H7 N O2'     89.093  
ARG 'L-peptide linking' y ARGININE             ?                               'C6 H15 N4 O2 1' 175.209 
ASN 'L-peptide linking' y ASPARAGINE           ?                               'C4 H8 N2 O3'    132.118 
ASP 'L-peptide linking' y 'ASPARTIC ACID'      ?                               'C4 H7 N O4'     133.103 
CL  non-polymer         . 'CHLORIDE ION'       ?                               'Cl -1'          35.453  
GLN 'L-peptide linking' y GLUTAMINE            ?                               'C5 H10 N2 O3'   146.144 
GLU 'L-peptide linking' y 'GLUTAMIC ACID'      ?                               'C5 H9 N O4'     147.129 
GLY 'peptide linking'   y GLYCINE              ?                               'C2 H5 N O2'     75.067  
GOL non-polymer         . GLYCEROL             'GLYCERIN; PROPANE-1,2,3-TRIOL' 'C3 H8 O3'       92.094  
HIS 'L-peptide linking' y HISTIDINE            ?                               'C6 H10 N3 O2 1' 156.162 
HOH non-polymer         . WATER                ?                               'H2 O'           18.015  
ILE 'L-peptide linking' y ISOLEUCINE           ?                               'C6 H13 N O2'    131.173 
LEU 'L-peptide linking' y LEUCINE              ?                               'C6 H13 N O2'    131.173 
LYS 'L-peptide linking' y LYSINE               ?                               'C6 H15 N2 O2 1' 147.195 
MET 'L-peptide linking' y METHIONINE           ?                               'C5 H11 N O2 S'  149.211 
MN  non-polymer         . 'MANGANESE (II) ION' ?                               'Mn 2'           54.938  
PHE 'L-peptide linking' y PHENYLALANINE        ?                               'C9 H11 N O2'    165.189 
PRO 'L-peptide linking' y PROLINE              ?                               'C5 H9 N O2'     115.130 
SER 'L-peptide linking' y SERINE               ?                               'C3 H7 N O3'     105.093 
THR 'L-peptide linking' y THREONINE            ?                               'C4 H9 N O3'     119.119 
TRP 'L-peptide linking' y TRYPTOPHAN           ?                               'C11 H12 N2 O2'  204.225 
TYR 'L-peptide linking' y TYROSINE             ?                               'C9 H11 N O3'    181.189 
VAL 'L-peptide linking' y VALINE               ?                               'C5 H11 N O2'    117.146 
# 
loop_
_pdbx_poly_seq_scheme.asym_id 
_pdbx_poly_seq_scheme.entity_id 
_pdbx_poly_seq_scheme.seq_id 
_pdbx_poly_seq_scheme.mon_id 
_pdbx_poly_seq_scheme.ndb_seq_num 
_pdbx_poly_seq_scheme.pdb_seq_num 
_pdbx_poly_seq_scheme.auth_seq_num 
_pdbx_poly_seq_scheme.pdb_mon_id 
_pdbx_poly_seq_scheme.auth_mon_id 
_pdbx_poly_seq_scheme.pdb_strand_id 
_pdbx_poly_seq_scheme.pdb_ins_code 
_pdbx_poly_seq_scheme.hetero 
A 1 1   MET 1   1   ?   ?   ?   AAA . n 
A 1 2   ALA 2   2   ?   ?   ?   AAA . n 
A 1 3   LYS 3   3   ?   ?   ?   AAA . n 
A 1 4   GLU 4   4   4   GLU GLU AAA . n 
A 1 5   LYS 5   5   5   LYS LYS AAA . n 
A 1 6   ALA 6   6   6   ALA ALA AAA . n 
A 1 7   ARG 7   7   7   ARG ARG AAA . n 
A 1 8   TYR 8   8   8   TYR TYR AAA . n 
A 1 9   PHE 9   9   9   PHE PHE AAA . n 
A 1 10  THR 10  10  10  THR THR AAA . n 
A 1 11  PHE 11  11  11  PHE PHE AAA . n 
A 1 12  LEU 12  12  12  LEU LEU AAA . n 
A 1 13  LEU 13  13  13  LEU LEU AAA . n 
A 1 14  TYR 14  14  14  TYR TYR AAA . n 
A 1 15  PRO 15  15  15  PRO PRO AAA . n 
A 1 16  GLU 16  16  16  GLU GLU AAA . n 
A 1 17  SER 17  17  17  SER SER AAA . n 
A 1 18  ILE 18  18  18  ILE ILE AAA . n 
A 1 19  PRO 19  19  19  PRO PRO AAA . n 
A 1 20  SER 20  20  20  SER SER AAA . n 
A 1 21  ASP 21  21  21  ASP ASP AAA . n 
A 1 22  TRP 22  22  22  TRP TRP AAA . n 
A 1 23  GLU 23  23  23  GLU GLU AAA . n 
A 1 24  LEU 24  24  24  LEU LEU AAA . n 
A 1 25  LYS 25  25  25  LYS LYS AAA . n 
A 1 26  LEU 26  26  26  LEU LEU AAA . n 
A 1 27  GLU 27  27  27  GLU GLU AAA . n 
A 1 28  THR 28  28  28  THR THR AAA . n 
A 1 29  LEU 29  29  29  LEU LEU AAA . n 
A 1 30  GLY 30  30  30  GLY GLY AAA . n 
A 1 31  VAL 31  31  31  VAL VAL AAA . n 
A 1 32  PRO 32  32  32  PRO PRO AAA . n 
A 1 33  MET 33  33  33  MET MET AAA . n 
A 1 34  ALA 34  34  34  ALA ALA AAA . n 
A 1 35  ILE 35  35  35  ILE ILE AAA . n 
A 1 36  SER 36  36  36  SER SER AAA . n 
A 1 37  PRO 37  37  37  PRO PRO AAA . n 
A 1 38  LEU 38  38  38  LEU LEU AAA . n 
A 1 39  HIS 39  39  39  HIS HIS AAA . n 
A 1 40  ASP 40  40  40  ASP ASP AAA . n 
A 1 41  LYS 41  41  41  LYS LYS AAA . n 
A 1 42  ASP 42  42  42  ASP ASP AAA . n 
A 1 43  LYS 43  43  43  LYS LYS AAA . n 
A 1 44  SER 44  44  44  SER SER AAA . n 
A 1 45  SER 45  45  45  SER SER AAA . n 
A 1 46  ILE 46  46  46  ILE ILE AAA . n 
A 1 47  LYS 47  47  47  LYS LYS AAA . n 
A 1 48  GLY 48  48  48  GLY GLY AAA . n 
A 1 49  GLN 49  49  49  GLN GLN AAA . n 
A 1 50  LYS 50  50  50  LYS LYS AAA . n 
A 1 51  TYR 51  51  51  TYR TYR AAA . n 
A 1 52  LYS 52  52  52  LYS LYS AAA . n 
A 1 53  LYS 53  53  53  LYS LYS AAA . n 
A 1 54  ALA 54  54  54  ALA ALA AAA . n 
A 1 55  HIS 55  55  55  HIS HIS AAA . n 
A 1 56  TYR 56  56  56  TYR TYR AAA . n 
A 1 57  HIS 57  57  57  HIS HIS AAA . n 
A 1 58  VAL 58  58  58  VAL VAL AAA . n 
A 1 59  LEU 59  59  59  LEU LEU AAA . n 
A 1 60  TYR 60  60  60  TYR TYR AAA . n 
A 1 61  ILE 61  61  61  ILE ILE AAA . n 
A 1 62  ALA 62  62  62  ALA ALA AAA . n 
A 1 63  LYS 63  63  63  LYS LYS AAA . n 
A 1 64  ASN 64  64  64  ASN ASN AAA . n 
A 1 65  PRO 65  65  65  PRO PRO AAA . n 
A 1 66  VAL 66  66  66  VAL VAL AAA . n 
A 1 67  THR 67  67  67  THR THR AAA . n 
A 1 68  ALA 68  68  68  ALA ALA AAA . n 
A 1 69  ASP 69  69  69  ASP ASP AAA . n 
A 1 70  SER 70  70  70  SER SER AAA . n 
A 1 71  VAL 71  71  71  VAL VAL AAA . n 
A 1 72  ARG 72  72  72  ARG ARG AAA . n 
A 1 73  LYS 73  73  73  LYS LYS AAA . n 
A 1 74  LYS 74  74  74  LYS LYS AAA . n 
A 1 75  ILE 75  75  75  ILE ILE AAA . n 
A 1 76  LYS 76  76  76  LYS LYS AAA . n 
A 1 77  LEU 77  77  77  LEU LEU AAA . n 
A 1 78  LEU 78  78  78  LEU LEU AAA . n 
A 1 79  LEU 79  79  79  LEU LEU AAA . n 
A 1 80  GLY 80  80  80  GLY GLY AAA . n 
A 1 81  GLU 81  81  81  GLU GLU AAA . n 
A 1 82  LYS 82  82  82  LYS LYS AAA . n 
A 1 83  SER 83  83  83  SER SER AAA . n 
A 1 84  LEU 84  84  84  LEU LEU AAA . n 
A 1 85  ALA 85  85  85  ALA ALA AAA . n 
A 1 86  MET 86  86  86  MET MET AAA . n 
A 1 87  VAL 87  87  87  VAL VAL AAA . n 
A 1 88  GLN 88  88  88  GLN GLN AAA . n 
A 1 89  VAL 89  89  89  VAL VAL AAA . n 
A 1 90  VAL 90  90  90  VAL VAL AAA . n 
A 1 91  LEU 91  91  91  LEU LEU AAA . n 
A 1 92  ASN 92  92  92  ASN ASN AAA . n 
A 1 93  VAL 93  93  93  VAL VAL AAA . n 
A 1 94  GLU 94  94  94  GLU GLU AAA . n 
A 1 95  ASN 95  95  95  ASN ASN AAA . n 
A 1 96  MET 96  96  96  MET MET AAA . n 
A 1 97  TYR 97  97  97  TYR TYR AAA . n 
A 1 98  LEU 98  98  98  LEU LEU AAA . n 
A 1 99  TYR 99  99  99  TYR TYR AAA . n 
A 1 100 LEU 100 100 100 LEU LEU AAA . n 
A 1 101 THR 101 101 101 THR THR AAA . n 
A 1 102 HIS 102 102 102 HIS HIS AAA . n 
A 1 103 GLU 103 103 103 GLU GLU AAA . n 
A 1 104 SER 104 104 104 SER SER AAA . n 
A 1 105 LYS 105 105 105 LYS LYS AAA . n 
A 1 106 ASP 106 106 106 ASP ASP AAA . n 
A 1 107 ALA 107 107 107 ALA ALA AAA . n 
A 1 108 ILE 108 108 108 ILE ILE AAA . n 
A 1 109 ALA 109 109 109 ALA ALA AAA . n 
A 1 110 LYS 110 110 110 LYS LYS AAA . n 
A 1 111 LYS 111 111 111 LYS LYS AAA . n 
A 1 112 LYS 112 112 112 LYS LYS AAA . n 
A 1 113 HIS 113 113 113 HIS HIS AAA . n 
A 1 114 VAL 114 114 114 VAL VAL AAA . n 
A 1 115 TYR 115 115 115 TYR TYR AAA . n 
A 1 116 ASP 116 116 116 ASP ASP AAA . n 
A 1 117 LYS 117 117 117 LYS LYS AAA . n 
A 1 118 ALA 118 118 118 ALA ALA AAA . n 
A 1 119 ASP 119 119 119 ASP ASP AAA . n 
A 1 120 ILE 120 120 120 ILE ILE AAA . n 
A 1 121 LYS 121 121 121 LYS LYS AAA . n 
A 1 122 LEU 122 122 122 LEU LEU AAA . n 
A 1 123 ILE 123 123 123 ILE ILE AAA . n 
A 1 124 ASN 124 124 124 ASN ASN AAA . n 
A 1 125 ASN 125 125 125 ASN ASN AAA . n 
A 1 126 PHE 126 126 126 PHE PHE AAA . n 
A 1 127 ASP 127 127 127 ASP ASP AAA . n 
A 1 128 ILE 128 128 128 ILE ILE AAA . n 
A 1 129 ASP 129 129 129 ASP ASP AAA . n 
A 1 130 ARG 130 130 130 ARG ARG AAA . n 
A 1 131 TYR 131 131 131 TYR TYR AAA . n 
A 1 132 VAL 132 132 132 VAL VAL AAA . n 
# 
loop_
_pdbx_nonpoly_scheme.asym_id 
_pdbx_nonpoly_scheme.entity_id 
_pdbx_nonpoly_scheme.mon_id 
_pdbx_nonpoly_scheme.ndb_seq_num 
_pdbx_nonpoly_scheme.pdb_seq_num 
_pdbx_nonpoly_scheme.auth_seq_num 
_pdbx_nonpoly_scheme.pdb_mon_id 
_pdbx_nonpoly_scheme.auth_mon_id 
_pdbx_nonpoly_scheme.pdb_strand_id 
_pdbx_nonpoly_scheme.pdb_ins_code 
B 2 GOL 1   201 1   GOL GOL AAA . 
C 2 GOL 1   202 2   GOL GOL AAA . 
D 3 MN  1   203 1   MN  MN  AAA . 
E 4 CL  1   204 1   CL  CL  AAA . 
F 4 CL  1   205 2   CL  CL  AAA . 
G 4 CL  1   206 3   CL  CL  AAA . 
H 4 CL  1   207 4   CL  CL  AAA . 
I 4 CL  1   208 5   CL  CL  AAA . 
J 4 CL  1   209 6   CL  CL  AAA . 
K 4 CL  1   210 7   CL  CL  AAA . 
L 4 CL  1   211 8   CL  CL  AAA . 
M 4 CL  1   212 9   CL  CL  AAA . 
N 4 CL  1   213 10  CL  CL  AAA . 
O 4 CL  1   214 11  CL  CL  AAA . 
P 5 HOH 1   301 86  HOH HOH AAA . 
P 5 HOH 2   302 51  HOH HOH AAA . 
P 5 HOH 3   303 13  HOH HOH AAA . 
P 5 HOH 4   304 129 HOH HOH AAA . 
P 5 HOH 5   305 73  HOH HOH AAA . 
P 5 HOH 6   306 122 HOH HOH AAA . 
P 5 HOH 7   307 118 HOH HOH AAA . 
P 5 HOH 8   308 123 HOH HOH AAA . 
P 5 HOH 9   309 61  HOH HOH AAA . 
P 5 HOH 10  310 60  HOH HOH AAA . 
P 5 HOH 11  311 57  HOH HOH AAA . 
P 5 HOH 12  312 72  HOH HOH AAA . 
P 5 HOH 13  313 65  HOH HOH AAA . 
P 5 HOH 14  314 100 HOH HOH AAA . 
P 5 HOH 15  315 3   HOH HOH AAA . 
P 5 HOH 16  316 82  HOH HOH AAA . 
P 5 HOH 17  317 4   HOH HOH AAA . 
P 5 HOH 18  318 30  HOH HOH AAA . 
P 5 HOH 19  319 114 HOH HOH AAA . 
P 5 HOH 20  320 125 HOH HOH AAA . 
P 5 HOH 21  321 10  HOH HOH AAA . 
P 5 HOH 22  322 87  HOH HOH AAA . 
P 5 HOH 23  323 31  HOH HOH AAA . 
P 5 HOH 24  324 42  HOH HOH AAA . 
P 5 HOH 25  325 94  HOH HOH AAA . 
P 5 HOH 26  326 66  HOH HOH AAA . 
P 5 HOH 27  327 132 HOH HOH AAA . 
P 5 HOH 28  328 67  HOH HOH AAA . 
P 5 HOH 29  329 142 HOH HOH AAA . 
P 5 HOH 30  330 25  HOH HOH AAA . 
P 5 HOH 31  331 26  HOH HOH AAA . 
P 5 HOH 32  332 23  HOH HOH AAA . 
P 5 HOH 33  333 33  HOH HOH AAA . 
P 5 HOH 34  334 133 HOH HOH AAA . 
P 5 HOH 35  335 16  HOH HOH AAA . 
P 5 HOH 36  336 117 HOH HOH AAA . 
P 5 HOH 37  337 128 HOH HOH AAA . 
P 5 HOH 38  338 54  HOH HOH AAA . 
P 5 HOH 39  339 135 HOH HOH AAA . 
P 5 HOH 40  340 36  HOH HOH AAA . 
P 5 HOH 41  341 29  HOH HOH AAA . 
P 5 HOH 42  342 79  HOH HOH AAA . 
P 5 HOH 43  343 115 HOH HOH AAA . 
P 5 HOH 44  344 88  HOH HOH AAA . 
P 5 HOH 45  345 69  HOH HOH AAA . 
P 5 HOH 46  346 24  HOH HOH AAA . 
P 5 HOH 47  347 41  HOH HOH AAA . 
P 5 HOH 48  348 32  HOH HOH AAA . 
P 5 HOH 49  349 106 HOH HOH AAA . 
P 5 HOH 50  350 12  HOH HOH AAA . 
P 5 HOH 51  351 7   HOH HOH AAA . 
P 5 HOH 52  352 6   HOH HOH AAA . 
P 5 HOH 53  353 37  HOH HOH AAA . 
P 5 HOH 54  354 46  HOH HOH AAA . 
P 5 HOH 55  355 137 HOH HOH AAA . 
P 5 HOH 56  356 70  HOH HOH AAA . 
P 5 HOH 57  357 120 HOH HOH AAA . 
P 5 HOH 58  358 8   HOH HOH AAA . 
P 5 HOH 59  359 9   HOH HOH AAA . 
P 5 HOH 60  360 44  HOH HOH AAA . 
P 5 HOH 61  361 2   HOH HOH AAA . 
P 5 HOH 62  362 99  HOH HOH AAA . 
P 5 HOH 63  363 39  HOH HOH AAA . 
P 5 HOH 64  364 38  HOH HOH AAA . 
P 5 HOH 65  365 19  HOH HOH AAA . 
P 5 HOH 66  366 102 HOH HOH AAA . 
P 5 HOH 67  367 92  HOH HOH AAA . 
P 5 HOH 68  368 53  HOH HOH AAA . 
P 5 HOH 69  369 130 HOH HOH AAA . 
P 5 HOH 70  370 89  HOH HOH AAA . 
P 5 HOH 71  371 91  HOH HOH AAA . 
P 5 HOH 72  372 119 HOH HOH AAA . 
P 5 HOH 73  373 52  HOH HOH AAA . 
P 5 HOH 74  374 34  HOH HOH AAA . 
P 5 HOH 75  375 15  HOH HOH AAA . 
P 5 HOH 76  376 49  HOH HOH AAA . 
P 5 HOH 77  377 98  HOH HOH AAA . 
P 5 HOH 78  378 40  HOH HOH AAA . 
P 5 HOH 79  379 68  HOH HOH AAA . 
P 5 HOH 80  380 1   HOH HOH AAA . 
P 5 HOH 81  381 64  HOH HOH AAA . 
P 5 HOH 82  382 83  HOH HOH AAA . 
P 5 HOH 83  383 110 HOH HOH AAA . 
P 5 HOH 84  384 97  HOH HOH AAA . 
P 5 HOH 85  385 5   HOH HOH AAA . 
P 5 HOH 86  386 28  HOH HOH AAA . 
P 5 HOH 87  387 22  HOH HOH AAA . 
P 5 HOH 88  388 71  HOH HOH AAA . 
P 5 HOH 89  389 43  HOH HOH AAA . 
P 5 HOH 90  390 56  HOH HOH AAA . 
P 5 HOH 91  391 74  HOH HOH AAA . 
P 5 HOH 92  392 136 HOH HOH AAA . 
P 5 HOH 93  393 35  HOH HOH AAA . 
P 5 HOH 94  394 50  HOH HOH AAA . 
P 5 HOH 95  395 14  HOH HOH AAA . 
P 5 HOH 96  396 17  HOH HOH AAA . 
P 5 HOH 97  397 85  HOH HOH AAA . 
P 5 HOH 98  398 45  HOH HOH AAA . 
P 5 HOH 99  399 111 HOH HOH AAA . 
P 5 HOH 100 400 21  HOH HOH AAA . 
P 5 HOH 101 401 96  HOH HOH AAA . 
P 5 HOH 102 402 48  HOH HOH AAA . 
P 5 HOH 103 403 131 HOH HOH AAA . 
P 5 HOH 104 404 90  HOH HOH AAA . 
P 5 HOH 105 405 103 HOH HOH AAA . 
P 5 HOH 106 406 27  HOH HOH AAA . 
P 5 HOH 107 407 75  HOH HOH AAA . 
P 5 HOH 108 408 18  HOH HOH AAA . 
P 5 HOH 109 409 109 HOH HOH AAA . 
P 5 HOH 110 410 127 HOH HOH AAA . 
P 5 HOH 111 411 108 HOH HOH AAA . 
P 5 HOH 112 412 104 HOH HOH AAA . 
P 5 HOH 113 413 126 HOH HOH AAA . 
P 5 HOH 114 414 93  HOH HOH AAA . 
P 5 HOH 115 415 59  HOH HOH AAA . 
P 5 HOH 116 416 20  HOH HOH AAA . 
P 5 HOH 117 417 107 HOH HOH AAA . 
P 5 HOH 118 418 141 HOH HOH AAA . 
P 5 HOH 119 419 134 HOH HOH AAA . 
P 5 HOH 120 420 138 HOH HOH AAA . 
P 5 HOH 121 421 113 HOH HOH AAA . 
P 5 HOH 122 422 95  HOH HOH AAA . 
P 5 HOH 123 423 47  HOH HOH AAA . 
P 5 HOH 124 424 101 HOH HOH AAA . 
P 5 HOH 125 425 116 HOH HOH AAA . 
P 5 HOH 126 426 77  HOH HOH AAA . 
P 5 HOH 127 427 63  HOH HOH AAA . 
P 5 HOH 128 428 11  HOH HOH AAA . 
P 5 HOH 129 429 84  HOH HOH AAA . 
P 5 HOH 130 430 105 HOH HOH AAA . 
P 5 HOH 131 431 55  HOH HOH AAA . 
P 5 HOH 132 432 78  HOH HOH AAA . 
P 5 HOH 133 433 112 HOH HOH AAA . 
P 5 HOH 134 434 58  HOH HOH AAA . 
P 5 HOH 135 435 62  HOH HOH AAA . 
P 5 HOH 136 436 81  HOH HOH AAA . 
P 5 HOH 137 437 140 HOH HOH AAA . 
P 5 HOH 138 438 76  HOH HOH AAA . 
P 5 HOH 139 439 80  HOH HOH AAA . 
P 5 HOH 140 440 139 HOH HOH AAA . 
# 
loop_
_software.citation_id 
_software.classification 
_software.compiler_name 
_software.compiler_version 
_software.contact_author 
_software.contact_author_email 
_software.date 
_software.description 
_software.dependencies 
_software.hardware 
_software.language 
_software.location 
_software.mods 
_software.name 
_software.os 
_software.os_version 
_software.type 
_software.version 
_software.pdbx_ordinal 
? refinement       ? ? ? ? ? ? ? ? ? ? ? REFMAC    ? ? ? 5.8.0267 1 
? 'data reduction' ? ? ? ? ? ? ? ? ? ? ? MOSFLM    ? ? ? .        2 
? 'data scaling'   ? ? ? ? ? ? ? ? ? ? ? pointless ? ? ? .        3 
? phasing          ? ? ? ? ? ? ? ? ? ? ? PHASER    ? ? ? .        4 
# 
_cell.angle_alpha                  90.000 
_cell.angle_alpha_esd              ? 
_cell.angle_beta                   90.000 
_cell.angle_beta_esd               ? 
_cell.angle_gamma                  90.000 
_cell.angle_gamma_esd              ? 
_cell.entry_id                     8AMT 
_cell.details                      ? 
_cell.formula_units_Z              ? 
_cell.length_a                     44.450 
_cell.length_a_esd                 ? 
_cell.length_b                     48.150 
_cell.length_b_esd                 ? 
_cell.length_c                     73.750 
_cell.length_c_esd                 ? 
_cell.volume                       ? 
_cell.volume_esd                   ? 
_cell.Z_PDB                        4 
_cell.reciprocal_angle_alpha       ? 
_cell.reciprocal_angle_beta        ? 
_cell.reciprocal_angle_gamma       ? 
_cell.reciprocal_angle_alpha_esd   ? 
_cell.reciprocal_angle_beta_esd    ? 
_cell.reciprocal_angle_gamma_esd   ? 
_cell.reciprocal_length_a          ? 
_cell.reciprocal_length_b          ? 
_cell.reciprocal_length_c          ? 
_cell.reciprocal_length_a_esd      ? 
_cell.reciprocal_length_b_esd      ? 
_cell.reciprocal_length_c_esd      ? 
_cell.pdbx_unique_axis             ? 
_cell.pdbx_esd_method              ? 
# 
_symmetry.entry_id                         8AMT 
_symmetry.cell_setting                     ? 
_symmetry.Int_Tables_number                19 
_symmetry.space_group_name_Hall            ? 
_symmetry.space_group_name_H-M             'P 21 21 21' 
_symmetry.pdbx_full_space_group_name_H-M   ? 
# 
_exptl.absorpt_coefficient_mu     ? 
_exptl.absorpt_correction_T_max   ? 
_exptl.absorpt_correction_T_min   ? 
_exptl.absorpt_correction_type    ? 
_exptl.absorpt_process_details    ? 
_exptl.entry_id                   8AMT 
_exptl.crystals_number            1 
_exptl.details                    ? 
_exptl.method                     'X-RAY DIFFRACTION' 
_exptl.method_details             ? 
# 
_exptl_crystal.colour                       ? 
_exptl_crystal.density_diffrn               ? 
_exptl_crystal.density_Matthews             2.57 
_exptl_crystal.density_method               ? 
_exptl_crystal.density_percent_sol          52.23 
_exptl_crystal.description                  ? 
_exptl_crystal.F_000                        ? 
_exptl_crystal.id                           1 
_exptl_crystal.preparation                  ? 
_exptl_crystal.size_max                     ? 
_exptl_crystal.size_mid                     ? 
_exptl_crystal.size_min                     ? 
_exptl_crystal.size_rad                     ? 
_exptl_crystal.colour_lustre                ? 
_exptl_crystal.colour_modifier              ? 
_exptl_crystal.colour_primary               ? 
_exptl_crystal.density_meas                 ? 
_exptl_crystal.density_meas_esd             ? 
_exptl_crystal.density_meas_gt              ? 
_exptl_crystal.density_meas_lt              ? 
_exptl_crystal.density_meas_temp            ? 
_exptl_crystal.density_meas_temp_esd        ? 
_exptl_crystal.density_meas_temp_gt         ? 
_exptl_crystal.density_meas_temp_lt         ? 
_exptl_crystal.pdbx_crystal_image_url       ? 
_exptl_crystal.pdbx_crystal_image_format    ? 
_exptl_crystal.pdbx_mosaicity               ? 
_exptl_crystal.pdbx_mosaicity_esd           ? 
_exptl_crystal.pdbx_mosaic_method           ? 
_exptl_crystal.pdbx_mosaic_block_size       ? 
_exptl_crystal.pdbx_mosaic_block_size_esd   ? 
# 
_exptl_crystal_grow.apparatus       ? 
_exptl_crystal_grow.atmosphere      ? 
_exptl_crystal_grow.crystal_id      1 
_exptl_crystal_grow.details         ? 
_exptl_crystal_grow.method          'VAPOR DIFFUSION, HANGING DROP' 
_exptl_crystal_grow.method_ref      ? 
_exptl_crystal_grow.pH              ? 
_exptl_crystal_grow.pressure        ? 
_exptl_crystal_grow.pressure_esd    ? 
_exptl_crystal_grow.seeding         ? 
_exptl_crystal_grow.seeding_ref     ? 
_exptl_crystal_grow.temp            277 
_exptl_crystal_grow.temp_details    ? 
_exptl_crystal_grow.temp_esd        ? 
_exptl_crystal_grow.time            ? 
_exptl_crystal_grow.pdbx_details    
;0.1 M Tri-sodium citrate pH 5.0
1M LiCl
30 % PEG 6000
;
_exptl_crystal_grow.pdbx_pH_range   ? 
# 
_diffrn.ambient_environment              ? 
_diffrn.ambient_temp                     100 
_diffrn.ambient_temp_details             ? 
_diffrn.ambient_temp_esd                 ? 
_diffrn.crystal_id                       1 
_diffrn.crystal_support                  ? 
_diffrn.crystal_treatment                ? 
_diffrn.details                          ? 
_diffrn.id                               1 
_diffrn.ambient_pressure                 ? 
_diffrn.ambient_pressure_esd             ? 
_diffrn.ambient_pressure_gt              ? 
_diffrn.ambient_pressure_lt              ? 
_diffrn.ambient_temp_gt                  ? 
_diffrn.ambient_temp_lt                  ? 
_diffrn.pdbx_serial_crystal_experiment   N 
# 
_diffrn_detector.details                      ? 
_diffrn_detector.detector                     PIXEL 
_diffrn_detector.diffrn_id                    1 
_diffrn_detector.type                         'DECTRIS PILATUS 6M' 
_diffrn_detector.area_resol_mean              ? 
_diffrn_detector.dtime                        ? 
_diffrn_detector.pdbx_frames_total            ? 
_diffrn_detector.pdbx_collection_time_total   ? 
_diffrn_detector.pdbx_collection_date         2016-09-30 
_diffrn_detector.pdbx_frequency               ? 
# 
_diffrn_radiation.collimation                      ? 
_diffrn_radiation.diffrn_id                        1 
_diffrn_radiation.filter_edge                      ? 
_diffrn_radiation.inhomogeneity                    ? 
_diffrn_radiation.monochromator                    ? 
_diffrn_radiation.polarisn_norm                    ? 
_diffrn_radiation.polarisn_ratio                   ? 
_diffrn_radiation.probe                            ? 
_diffrn_radiation.type                             ? 
_diffrn_radiation.xray_symbol                      ? 
_diffrn_radiation.wavelength_id                    1 
_diffrn_radiation.pdbx_monochromatic_or_laue_m_l   M 
_diffrn_radiation.pdbx_wavelength_list             ? 
_diffrn_radiation.pdbx_wavelength                  ? 
_diffrn_radiation.pdbx_diffrn_protocol             'SINGLE WAVELENGTH' 
_diffrn_radiation.pdbx_analyzer                    ? 
_diffrn_radiation.pdbx_scattering_type             x-ray 
# 
_diffrn_radiation_wavelength.id           1 
_diffrn_radiation_wavelength.wavelength   0.979 
_diffrn_radiation_wavelength.wt           1.0 
# 
_diffrn_source.current                     ? 
_diffrn_source.details                     ? 
_diffrn_source.diffrn_id                   1 
_diffrn_source.power                       ? 
_diffrn_source.size                        ? 
_diffrn_source.source                      SYNCHROTRON 
_diffrn_source.target                      ? 
_diffrn_source.type                        'ALBA BEAMLINE XALOC' 
_diffrn_source.voltage                     ? 
_diffrn_source.take-off_angle              ? 
_diffrn_source.pdbx_wavelength_list        0.979 
_diffrn_source.pdbx_wavelength             ? 
_diffrn_source.pdbx_synchrotron_beamline   XALOC 
_diffrn_source.pdbx_synchrotron_site       ALBA 
# 
_reflns.B_iso_Wilson_estimate                          ? 
_reflns.entry_id                                       8AMT 
_reflns.data_reduction_details                         ? 
_reflns.data_reduction_method                          ? 
_reflns.d_resolution_high                              1.5 
_reflns.d_resolution_low                               32.66 
_reflns.details                                        ? 
_reflns.limit_h_max                                    ? 
_reflns.limit_h_min                                    ? 
_reflns.limit_k_max                                    ? 
_reflns.limit_k_min                                    ? 
_reflns.limit_l_max                                    ? 
_reflns.limit_l_min                                    ? 
_reflns.number_all                                     ? 
_reflns.number_obs                                     26009 
_reflns.observed_criterion                             ? 
_reflns.observed_criterion_F_max                       ? 
_reflns.observed_criterion_F_min                       ? 
_reflns.observed_criterion_I_max                       ? 
_reflns.observed_criterion_I_min                       ? 
_reflns.observed_criterion_sigma_F                     ? 
_reflns.observed_criterion_sigma_I                     ? 
_reflns.percent_possible_obs                           99.8 
_reflns.R_free_details                                 ? 
_reflns.Rmerge_F_all                                   ? 
_reflns.Rmerge_F_obs                                   ? 
_reflns.Friedel_coverage                               ? 
_reflns.number_gt                                      ? 
_reflns.threshold_expression                           ? 
_reflns.pdbx_redundancy                                13.4 
_reflns.pdbx_Rmerge_I_obs                              0.186 
_reflns.pdbx_Rmerge_I_all                              ? 
_reflns.pdbx_Rsym_value                                ? 
_reflns.pdbx_netI_over_av_sigmaI                       ? 
_reflns.pdbx_netI_over_sigmaI                          9.1 
_reflns.pdbx_res_netI_over_av_sigmaI_2                 ? 
_reflns.pdbx_res_netI_over_sigmaI_2                    ? 
_reflns.pdbx_chi_squared                               ? 
_reflns.pdbx_scaling_rejects                           ? 
_reflns.pdbx_d_res_high_opt                            ? 
_reflns.pdbx_d_res_low_opt                             ? 
_reflns.pdbx_d_res_opt_method                          ? 
_reflns.phase_calculation_details                      ? 
_reflns.pdbx_Rrim_I_all                                ? 
_reflns.pdbx_Rpim_I_all                                ? 
_reflns.pdbx_d_opt                                     ? 
_reflns.pdbx_number_measured_all                       ? 
_reflns.pdbx_diffrn_id                                 1 
_reflns.pdbx_ordinal                                   1 
_reflns.pdbx_CC_half                                   ? 
_reflns.pdbx_CC_star                                   ? 
_reflns.pdbx_R_split                                   ? 
_reflns.pdbx_aniso_diffraction_limit_axis_1_ortho[1]   ? 
_reflns.pdbx_aniso_diffraction_limit_axis_1_ortho[2]   ? 
_reflns.pdbx_aniso_diffraction_limit_axis_1_ortho[3]   ? 
_reflns.pdbx_aniso_diffraction_limit_axis_2_ortho[1]   ? 
_reflns.pdbx_aniso_diffraction_limit_axis_2_ortho[2]   ? 
_reflns.pdbx_aniso_diffraction_limit_axis_2_ortho[3]   ? 
_reflns.pdbx_aniso_diffraction_limit_axis_3_ortho[1]   ? 
_reflns.pdbx_aniso_diffraction_limit_axis_3_ortho[2]   ? 
_reflns.pdbx_aniso_diffraction_limit_axis_3_ortho[3]   ? 
_reflns.pdbx_aniso_diffraction_limit_1                 ? 
_reflns.pdbx_aniso_diffraction_limit_2                 ? 
_reflns.pdbx_aniso_diffraction_limit_3                 ? 
_reflns.pdbx_aniso_B_tensor_eigenvector_1_ortho[1]     ? 
_reflns.pdbx_aniso_B_tensor_eigenvector_1_ortho[2]     ? 
_reflns.pdbx_aniso_B_tensor_eigenvector_1_ortho[3]     ? 
_reflns.pdbx_aniso_B_tensor_eigenvector_2_ortho[1]     ? 
_reflns.pdbx_aniso_B_tensor_eigenvector_2_ortho[2]     ? 
_reflns.pdbx_aniso_B_tensor_eigenvector_2_ortho[3]     ? 
_reflns.pdbx_aniso_B_tensor_eigenvector_3_ortho[1]     ? 
_reflns.pdbx_aniso_B_tensor_eigenvector_3_ortho[2]     ? 
_reflns.pdbx_aniso_B_tensor_eigenvector_3_ortho[3]     ? 
_reflns.pdbx_aniso_B_tensor_eigenvalue_1               ? 
_reflns.pdbx_aniso_B_tensor_eigenvalue_2               ? 
_reflns.pdbx_aniso_B_tensor_eigenvalue_3               ? 
_reflns.pdbx_orthogonalization_convention              ? 
_reflns.pdbx_percent_possible_ellipsoidal              ? 
_reflns.pdbx_percent_possible_spherical                ? 
_reflns.pdbx_percent_possible_ellipsoidal_anomalous    ? 
_reflns.pdbx_percent_possible_spherical_anomalous      ? 
_reflns.pdbx_redundancy_anomalous                      ? 
_reflns.pdbx_CC_half_anomalous                         ? 
_reflns.pdbx_absDiff_over_sigma_anomalous              ? 
_reflns.pdbx_percent_possible_anomalous                ? 
_reflns.pdbx_observed_signal_threshold                 ? 
_reflns.pdbx_signal_type                               ? 
_reflns.pdbx_signal_details                            ? 
_reflns.pdbx_signal_software_id                        ? 
_reflns.pdbx_CC_split_method                           ? 
# 
_reflns_shell.d_res_high                                    1.5 
_reflns_shell.d_res_low                                     32.66 
_reflns_shell.meanI_over_sigI_all                           ? 
_reflns_shell.meanI_over_sigI_obs                           ? 
_reflns_shell.number_measured_all                           ? 
_reflns_shell.number_measured_obs                           ? 
_reflns_shell.number_possible                               ? 
_reflns_shell.number_unique_all                             ? 
_reflns_shell.number_unique_obs                             1268 
_reflns_shell.percent_possible_all                          ? 
_reflns_shell.percent_possible_obs                          ? 
_reflns_shell.Rmerge_F_all                                  ? 
_reflns_shell.Rmerge_F_obs                                  ? 
_reflns_shell.Rmerge_I_all                                  ? 
_reflns_shell.Rmerge_I_obs                                  1.387 
_reflns_shell.meanI_over_sigI_gt                            ? 
_reflns_shell.meanI_over_uI_all                             ? 
_reflns_shell.meanI_over_uI_gt                              ? 
_reflns_shell.number_measured_gt                            ? 
_reflns_shell.number_unique_gt                              ? 
_reflns_shell.percent_possible_gt                           ? 
_reflns_shell.Rmerge_F_gt                                   ? 
_reflns_shell.Rmerge_I_gt                                   ? 
_reflns_shell.pdbx_redundancy                               ? 
_reflns_shell.pdbx_Rsym_value                               ? 
_reflns_shell.pdbx_chi_squared                              ? 
_reflns_shell.pdbx_netI_over_sigmaI_all                     ? 
_reflns_shell.pdbx_netI_over_sigmaI_obs                     ? 
_reflns_shell.pdbx_Rrim_I_all                               ? 
_reflns_shell.pdbx_Rpim_I_all                               0.023 
_reflns_shell.pdbx_rejects                                  ? 
_reflns_shell.pdbx_ordinal                                  1 
_reflns_shell.pdbx_diffrn_id                                1 
_reflns_shell.pdbx_CC_half                                  ? 
_reflns_shell.pdbx_CC_star                                  ? 
_reflns_shell.pdbx_R_split                                  ? 
_reflns_shell.pdbx_percent_possible_ellipsoidal             ? 
_reflns_shell.pdbx_percent_possible_spherical               ? 
_reflns_shell.pdbx_percent_possible_ellipsoidal_anomalous   ? 
_reflns_shell.pdbx_percent_possible_spherical_anomalous     ? 
_reflns_shell.pdbx_redundancy_anomalous                     ? 
_reflns_shell.pdbx_CC_half_anomalous                        ? 
_reflns_shell.pdbx_absDiff_over_sigma_anomalous             ? 
_reflns_shell.pdbx_percent_possible_anomalous               ? 
# 
_refine.aniso_B[1][1]                            -0.009 
_refine.aniso_B[1][2]                            0.000 
_refine.aniso_B[1][3]                            0.000 
_refine.aniso_B[2][2]                            0.114 
_refine.aniso_B[2][3]                            -0.000 
_refine.aniso_B[3][3]                            -0.105 
_refine.B_iso_max                                ? 
_refine.B_iso_mean                               12.903 
_refine.B_iso_min                                ? 
_refine.correlation_coeff_Fo_to_Fc               0.966 
_refine.correlation_coeff_Fo_to_Fc_free          0.956 
_refine.details                                  'Hydrogens have been added in their riding positions' 
_refine.diff_density_max                         ? 
_refine.diff_density_max_esd                     ? 
_refine.diff_density_min                         ? 
_refine.diff_density_min_esd                     ? 
_refine.diff_density_rms                         ? 
_refine.diff_density_rms_esd                     ? 
_refine.entry_id                                 8AMT 
_refine.pdbx_refine_id                           'X-RAY DIFFRACTION' 
_refine.ls_abs_structure_details                 ? 
_refine.ls_abs_structure_Flack                   ? 
_refine.ls_abs_structure_Flack_esd               ? 
_refine.ls_abs_structure_Rogers                  ? 
_refine.ls_abs_structure_Rogers_esd              ? 
_refine.ls_d_res_high                            1.500 
_refine.ls_d_res_low                             32.682 
_refine.ls_extinction_coef                       ? 
_refine.ls_extinction_coef_esd                   ? 
_refine.ls_extinction_expression                 ? 
_refine.ls_extinction_method                     ? 
_refine.ls_goodness_of_fit_all                   ? 
_refine.ls_goodness_of_fit_all_esd               ? 
_refine.ls_goodness_of_fit_obs                   ? 
_refine.ls_goodness_of_fit_obs_esd               ? 
_refine.ls_hydrogen_treatment                    ? 
_refine.ls_matrix_type                           ? 
_refine.ls_number_constraints                    ? 
_refine.ls_number_parameters                     ? 
_refine.ls_number_reflns_all                     ? 
_refine.ls_number_reflns_obs                     25957 
_refine.ls_number_reflns_R_free                  1287 
_refine.ls_number_reflns_R_work                  24670 
_refine.ls_number_restraints                     ? 
_refine.ls_percent_reflns_obs                    99.674 
_refine.ls_percent_reflns_R_free                 4.958 
_refine.ls_R_factor_all                          0.156 
_refine.ls_R_factor_obs                          ? 
_refine.ls_R_factor_R_free                       0.1746 
_refine.ls_R_factor_R_free_error                 ? 
_refine.ls_R_factor_R_free_error_details         ? 
_refine.ls_R_factor_R_work                       0.1554 
_refine.ls_R_Fsqd_factor_obs                     ? 
_refine.ls_R_I_factor_obs                        ? 
_refine.ls_redundancy_reflns_all                 ? 
_refine.ls_redundancy_reflns_obs                 ? 
_refine.ls_restrained_S_all                      ? 
_refine.ls_restrained_S_obs                      ? 
_refine.ls_shift_over_esd_max                    ? 
_refine.ls_shift_over_esd_mean                   ? 
_refine.ls_structure_factor_coef                 ? 
_refine.ls_weighting_details                     ? 
_refine.ls_weighting_scheme                      ? 
_refine.ls_wR_factor_all                         ? 
_refine.ls_wR_factor_obs                         ? 
_refine.ls_wR_factor_R_free                      0.182 
_refine.ls_wR_factor_R_work                      0.160 
_refine.occupancy_max                            ? 
_refine.occupancy_min                            ? 
_refine.solvent_model_details                    'MASK BULK SOLVENT' 
_refine.solvent_model_param_bsol                 ? 
_refine.solvent_model_param_ksol                 ? 
_refine.pdbx_R_complete                          ? 
_refine.ls_R_factor_gt                           ? 
_refine.ls_goodness_of_fit_gt                    ? 
_refine.ls_goodness_of_fit_ref                   ? 
_refine.ls_shift_over_su_max                     ? 
_refine.ls_shift_over_su_max_lt                  ? 
_refine.ls_shift_over_su_mean                    ? 
_refine.ls_shift_over_su_mean_lt                 ? 
_refine.pdbx_ls_sigma_I                          ? 
_refine.pdbx_ls_sigma_F                          ? 
_refine.pdbx_ls_sigma_Fsqd                       ? 
_refine.pdbx_data_cutoff_high_absF               ? 
_refine.pdbx_data_cutoff_high_rms_absF           ? 
_refine.pdbx_data_cutoff_low_absF                ? 
_refine.pdbx_isotropic_thermal_model             ? 
_refine.pdbx_ls_cross_valid_method               'FREE R-VALUE' 
_refine.pdbx_method_to_determine_struct          'MOLECULAR REPLACEMENT' 
_refine.pdbx_starting_model                      3DKX 
_refine.pdbx_stereochemistry_target_values       ? 
_refine.pdbx_R_Free_selection_details            ? 
_refine.pdbx_stereochem_target_val_spec_case     ? 
_refine.pdbx_overall_ESU_R                       0.062 
_refine.pdbx_overall_ESU_R_Free                  0.062 
_refine.pdbx_solvent_vdw_probe_radii             1.200 
_refine.pdbx_solvent_ion_probe_radii             0.800 
_refine.pdbx_solvent_shrinkage_radii             0.800 
_refine.pdbx_real_space_R                        ? 
_refine.pdbx_density_correlation                 ? 
_refine.pdbx_pd_number_of_powder_patterns        ? 
_refine.pdbx_pd_number_of_points                 ? 
_refine.pdbx_pd_meas_number_of_points            ? 
_refine.pdbx_pd_proc_ls_prof_R_factor            ? 
_refine.pdbx_pd_proc_ls_prof_wR_factor           ? 
_refine.pdbx_pd_Marquardt_correlation_coeff      ? 
_refine.pdbx_pd_Fsqrd_R_factor                   ? 
_refine.pdbx_pd_ls_matrix_band_width             ? 
_refine.pdbx_overall_phase_error                 ? 
_refine.pdbx_overall_SU_R_free_Cruickshank_DPI   ? 
_refine.pdbx_overall_SU_R_free_Blow_DPI          ? 
_refine.pdbx_overall_SU_R_Blow_DPI               ? 
_refine.pdbx_TLS_residual_ADP_flag               ? 
_refine.pdbx_diffrn_id                           1 
_refine.overall_SU_B                             1.041 
_refine.overall_SU_ML                            0.039 
_refine.overall_SU_R_Cruickshank_DPI             ? 
_refine.overall_SU_R_free                        ? 
_refine.overall_FOM_free_R_set                   ? 
_refine.overall_FOM_work_R_set                   ? 
_refine.pdbx_average_fsc_overall                 ? 
_refine.pdbx_average_fsc_work                    0.9605 
_refine.pdbx_average_fsc_free                    0.9548 
# 
_refine_hist.pdbx_refine_id                   'X-RAY DIFFRACTION' 
_refine_hist.cycle_id                         LAST 
_refine_hist.details                          ? 
_refine_hist.d_res_high                       1.500 
_refine_hist.d_res_low                        32.682 
_refine_hist.number_atoms_solvent             140 
_refine_hist.number_atoms_total               1220 
_refine_hist.number_reflns_all                ? 
_refine_hist.number_reflns_obs                ? 
_refine_hist.number_reflns_R_free             ? 
_refine_hist.number_reflns_R_work             ? 
_refine_hist.R_factor_all                     ? 
_refine_hist.R_factor_obs                     ? 
_refine_hist.R_factor_R_free                  ? 
_refine_hist.R_factor_R_work                  ? 
_refine_hist.pdbx_number_residues_total       ? 
_refine_hist.pdbx_B_iso_mean_ligand           ? 
_refine_hist.pdbx_B_iso_mean_solvent          ? 
_refine_hist.pdbx_number_atoms_protein        1056 
_refine_hist.pdbx_number_atoms_nucleic_acid   0 
_refine_hist.pdbx_number_atoms_ligand         24 
_refine_hist.pdbx_number_atoms_lipid          ? 
_refine_hist.pdbx_number_atoms_carb           ? 
_refine_hist.pdbx_pseudo_atom_details         ? 
# 
loop_
_refine_ls_restr.pdbx_refine_id 
_refine_ls_restr.criterion 
_refine_ls_restr.dev_ideal 
_refine_ls_restr.dev_ideal_target 
_refine_ls_restr.number 
_refine_ls_restr.rejects 
_refine_ls_restr.type 
_refine_ls_restr.weight 
_refine_ls_restr.pdbx_restraint_function 
'X-RAY DIFFRACTION' ? 0.014  0.013  1196 ? r_bond_refined_d               ? ? 
'X-RAY DIFFRACTION' ? 0.001  0.016  1210 ? r_bond_other_d                 ? ? 
'X-RAY DIFFRACTION' ? 1.905  1.643  1615 ? r_angle_refined_deg            ? ? 
'X-RAY DIFFRACTION' ? 1.483  1.597  2811 ? r_angle_other_deg              ? ? 
'X-RAY DIFFRACTION' ? 6.527  5.000  147  ? r_dihedral_angle_1_deg         ? ? 
'X-RAY DIFFRACTION' ? 31.830 22.830 53   ? r_dihedral_angle_2_deg         ? ? 
'X-RAY DIFFRACTION' ? 11.365 15.000 246  ? r_dihedral_angle_3_deg         ? ? 
'X-RAY DIFFRACTION' ? 27.700 15.000 5    ? r_dihedral_angle_4_deg         ? ? 
'X-RAY DIFFRACTION' ? 0.104  0.200  151  ? r_chiral_restr                 ? ? 
'X-RAY DIFFRACTION' ? 0.011  0.020  1308 ? r_gen_planes_refined           ? ? 
'X-RAY DIFFRACTION' ? 0.002  0.020  250  ? r_gen_planes_other             ? ? 
'X-RAY DIFFRACTION' ? 0.224  0.200  247  ? r_nbd_refined                  ? ? 
'X-RAY DIFFRACTION' ? 0.182  0.200  971  ? r_symmetry_nbd_other           ? ? 
'X-RAY DIFFRACTION' ? 0.176  0.200  549  ? r_nbtor_refined                ? ? 
'X-RAY DIFFRACTION' ? 0.085  0.200  451  ? r_symmetry_nbtor_other         ? ? 
'X-RAY DIFFRACTION' ? 0.182  0.200  89   ? r_xyhbond_nbd_refined          ? ? 
'X-RAY DIFFRACTION' ? 0.084  0.200  10   ? r_symmetry_nbd_refined         ? ? 
'X-RAY DIFFRACTION' ? 0.186  0.200  47   ? r_nbd_other                    ? ? 
'X-RAY DIFFRACTION' ? 0.115  0.200  7    ? r_symmetry_xyhbond_nbd_refined ? ? 
'X-RAY DIFFRACTION' ? 1.414  1.041  567  ? r_mcbond_it                    ? ? 
'X-RAY DIFFRACTION' ? 1.384  1.034  566  ? r_mcbond_other                 ? ? 
'X-RAY DIFFRACTION' ? 2.178  1.552  721  ? r_mcangle_it                   ? ? 
'X-RAY DIFFRACTION' ? 2.195  1.558  722  ? r_mcangle_other                ? ? 
'X-RAY DIFFRACTION' ? 2.516  1.352  629  ? r_scbond_it                    ? ? 
'X-RAY DIFFRACTION' ? 2.515  1.353  630  ? r_scbond_other                 ? ? 
'X-RAY DIFFRACTION' ? 3.866  1.889  894  ? r_scangle_it                   ? ? 
'X-RAY DIFFRACTION' ? 3.864  1.891  895  ? r_scangle_other                ? ? 
'X-RAY DIFFRACTION' ? 5.371  13.823 1372 ? r_lrange_it                    ? ? 
'X-RAY DIFFRACTION' ? 5.373  13.815 1372 ? r_lrange_other                 ? ? 
# 
loop_
_refine_ls_shell.pdbx_refine_id 
_refine_ls_shell.d_res_high 
_refine_ls_shell.d_res_low 
_refine_ls_shell.number_reflns_all 
_refine_ls_shell.number_reflns_obs 
_refine_ls_shell.number_reflns_R_free 
_refine_ls_shell.number_reflns_R_work 
_refine_ls_shell.percent_reflns_obs 
_refine_ls_shell.percent_reflns_R_free 
_refine_ls_shell.R_factor_all 
_refine_ls_shell.R_factor_obs 
_refine_ls_shell.R_factor_R_free 
_refine_ls_shell.R_factor_R_free_error 
_refine_ls_shell.R_factor_R_work 
_refine_ls_shell.redundancy_reflns_all 
_refine_ls_shell.redundancy_reflns_obs 
_refine_ls_shell.wR_factor_all 
_refine_ls_shell.wR_factor_obs 
_refine_ls_shell.wR_factor_R_free 
_refine_ls_shell.wR_factor_R_work 
_refine_ls_shell.pdbx_R_complete 
_refine_ls_shell.pdbx_total_number_of_bins_used 
_refine_ls_shell.pdbx_phase_error 
_refine_ls_shell.pdbx_fsc_work 
_refine_ls_shell.pdbx_fsc_free 
'X-RAY DIFFRACTION' 1.500 1.539  . . 88 1833 99.6369  . . . 0.223 . 0.210 . . . . . . . . . . . 
'X-RAY DIFFRACTION' 1.539 1.581  . . 89 1717 99.5590  . . . 0.201 . 0.199 . . . . . . . . . . . 
'X-RAY DIFFRACTION' 1.581 1.627  . . 89 1701 99.7770  . . . 0.185 . 0.186 . . . . . . . . . . . 
'X-RAY DIFFRACTION' 1.627 1.677  . . 83 1659 99.8853  . . . 0.199 . 0.171 . . . . . . . . . . . 
'X-RAY DIFFRACTION' 1.677 1.732  . . 93 1612 99.8244  . . . 0.242 . 0.173 . . . . . . . . . . . 
'X-RAY DIFFRACTION' 1.732 1.792  . . 88 1546 99.8778  . . . 0.190 . 0.157 . . . . . . . . . . . 
'X-RAY DIFFRACTION' 1.792 1.860  . . 81 1503 99.7481  . . . 0.161 . 0.147 . . . . . . . . . . . 
'X-RAY DIFFRACTION' 1.860 1.936  . . 64 1461 99.7384  . . . 0.165 . 0.139 . . . . . . . . . . . 
'X-RAY DIFFRACTION' 1.936 2.021  . . 61 1396 99.1831  . . . 0.149 . 0.135 . . . . . . . . . . . 
'X-RAY DIFFRACTION' 2.021 2.120  . . 84 1315 99.8572  . . . 0.151 . 0.131 . . . . . . . . . . . 
'X-RAY DIFFRACTION' 2.120 2.234  . . 65 1267 99.8501  . . . 0.147 . 0.134 . . . . . . . . . . . 
'X-RAY DIFFRACTION' 2.234 2.369  . . 62 1205 99.9211  . . . 0.137 . 0.132 . . . . . . . . . . . 
'X-RAY DIFFRACTION' 2.369 2.532  . . 64 1155 99.7545  . . . 0.160 . 0.142 . . . . . . . . . . . 
'X-RAY DIFFRACTION' 2.532 2.734  . . 50 1059 99.6406  . . . 0.183 . 0.150 . . . . . . . . . . . 
'X-RAY DIFFRACTION' 2.734 2.994  . . 44 994  99.5206  . . . 0.154 . 0.156 . . . . . . . . . . . 
'X-RAY DIFFRACTION' 2.994 3.345  . . 37 890  99.2505  . . . 0.201 . 0.148 . . . . . . . . . . . 
'X-RAY DIFFRACTION' 3.345 3.858  . . 43 800  99.1765  . . . 0.177 . 0.145 . . . . . . . . . . . 
'X-RAY DIFFRACTION' 3.858 4.714  . . 44 679  99.3132  . . . 0.155 . 0.136 . . . . . . . . . . . 
'X-RAY DIFFRACTION' 4.714 6.622  . . 38 546  100.0000 . . . 0.202 . 0.202 . . . . . . . . . . . 
'X-RAY DIFFRACTION' 6.622 32.682 . . 20 333  99.4366  . . . 0.215 . 0.247 . . . . . . . . . . . 
# 
_struct.entry_id                     8AMT 
_struct.title                        'OBD-RepB pMV158 domain' 
_struct.pdbx_model_details           ? 
_struct.pdbx_formula_weight          ? 
_struct.pdbx_formula_weight_method   ? 
_struct.pdbx_model_type_details      ? 
_struct.pdbx_CASP_flag               N 
# 
_struct_keywords.entry_id        8AMT 
_struct_keywords.text            'rolling circle replication, RepB, pMV158, REPLICATION' 
_struct_keywords.pdbx_keywords   REPLICATION 
# 
loop_
_struct_asym.id 
_struct_asym.pdbx_blank_PDB_chainid_flag 
_struct_asym.pdbx_modified 
_struct_asym.entity_id 
_struct_asym.details 
A N N 1 ? 
B N N 2 ? 
C N N 2 ? 
D N N 3 ? 
E N N 4 ? 
F N N 4 ? 
G N N 4 ? 
H N N 4 ? 
I N N 4 ? 
J N N 4 ? 
K N N 4 ? 
L N N 4 ? 
M N N 4 ? 
N N N 4 ? 
O N N 4 ? 
P N N 5 ? 
# 
_struct_ref.id                         1 
_struct_ref.db_name                    UNP 
_struct_ref.db_code                    REPB_STRAG 
_struct_ref.pdbx_db_accession          P13921 
_struct_ref.pdbx_db_isoform            ? 
_struct_ref.entity_id                  1 
_struct_ref.pdbx_seq_one_letter_code   
;MAKEKARYFTFLLYPESIPSDWELKLETLGVPMAISPLHDKDKSSIKGQKYKKAHYHVLYIAKNPVTADSVRKKIKLLLG
EKSLAMVQVVLNVENMYLYLTHESKDAIAKKKHVYDKADIKLINNFDIDRYV
;
_struct_ref.pdbx_align_begin           1 
# 
_struct_ref_seq.align_id                      1 
_struct_ref_seq.ref_id                        1 
_struct_ref_seq.pdbx_PDB_id_code              8AMT 
_struct_ref_seq.pdbx_strand_id                AAA 
_struct_ref_seq.seq_align_beg                 1 
_struct_ref_seq.pdbx_seq_align_beg_ins_code   ? 
_struct_ref_seq.seq_align_end                 132 
_struct_ref_seq.pdbx_seq_align_end_ins_code   ? 
_struct_ref_seq.pdbx_db_accession             P13921 
_struct_ref_seq.db_align_beg                  1 
_struct_ref_seq.pdbx_db_align_beg_ins_code    ? 
_struct_ref_seq.db_align_end                  132 
_struct_ref_seq.pdbx_db_align_end_ins_code    ? 
_struct_ref_seq.pdbx_auth_seq_align_beg       1 
_struct_ref_seq.pdbx_auth_seq_align_end       132 
# 
_pdbx_struct_assembly.id                   1 
_pdbx_struct_assembly.details              author_and_software_defined_assembly 
_pdbx_struct_assembly.method_details       PISA 
_pdbx_struct_assembly.oligomeric_details   monomeric 
_pdbx_struct_assembly.oligomeric_count     1 
# 
loop_
_pdbx_struct_assembly_prop.biol_id 
_pdbx_struct_assembly_prop.type 
_pdbx_struct_assembly_prop.value 
_pdbx_struct_assembly_prop.details 
1 'ABSA (A^2)' 2160 ? 
1 MORE         -114 ? 
1 'SSA (A^2)'  7670 ? 
# 
_pdbx_struct_assembly_gen.assembly_id       1 
_pdbx_struct_assembly_gen.oper_expression   1 
_pdbx_struct_assembly_gen.asym_id_list      A,B,C,D,E,F,G,H,I,J,K,L,M,N,O,P 
# 
_pdbx_struct_assembly_auth_evidence.id                     1 
_pdbx_struct_assembly_auth_evidence.assembly_id            1 
_pdbx_struct_assembly_auth_evidence.experimental_support   'gel filtration' 
_pdbx_struct_assembly_auth_evidence.details                ? 
# 
_pdbx_struct_oper_list.id                   1 
_pdbx_struct_oper_list.type                 'identity operation' 
_pdbx_struct_oper_list.name                 1_555 
_pdbx_struct_oper_list.symmetry_operation   x,y,z 
_pdbx_struct_oper_list.matrix[1][1]         1.0000000000 
_pdbx_struct_oper_list.matrix[1][2]         0.0000000000 
_pdbx_struct_oper_list.matrix[1][3]         0.0000000000 
_pdbx_struct_oper_list.vector[1]            0.0000000000 
_pdbx_struct_oper_list.matrix[2][1]         0.0000000000 
_pdbx_struct_oper_list.matrix[2][2]         1.0000000000 
_pdbx_struct_oper_list.matrix[2][3]         0.0000000000 
_pdbx_struct_oper_list.vector[2]            0.0000000000 
_pdbx_struct_oper_list.matrix[3][1]         0.0000000000 
_pdbx_struct_oper_list.matrix[3][2]         0.0000000000 
_pdbx_struct_oper_list.matrix[3][3]         1.0000000000 
_pdbx_struct_oper_list.vector[3]            0.0000000000 
# 
loop_
_struct_conf.conf_type_id 
_struct_conf.id 
_struct_conf.pdbx_PDB_helix_id 
_struct_conf.beg_label_comp_id 
_struct_conf.beg_label_asym_id 
_struct_conf.beg_label_seq_id 
_struct_conf.pdbx_beg_PDB_ins_code 
_struct_conf.end_label_comp_id 
_struct_conf.end_label_asym_id 
_struct_conf.end_label_seq_id 
_struct_conf.pdbx_end_PDB_ins_code 
_struct_conf.beg_auth_comp_id 
_struct_conf.beg_auth_asym_id 
_struct_conf.beg_auth_seq_id 
_struct_conf.end_auth_comp_id 
_struct_conf.end_auth_asym_id 
_struct_conf.end_auth_seq_id 
_struct_conf.pdbx_PDB_helix_class 
_struct_conf.details 
_struct_conf.pdbx_PDB_helix_length 
HELX_P HELX_P1 AA1 TYR A 14  ? ILE A 18  ? TYR AAA 14  ILE AAA 18  5 ? 5  
HELX_P HELX_P2 AA2 ASP A 21  ? GLU A 27  ? ASP AAA 21  GLU AAA 27  1 ? 7  
HELX_P HELX_P3 AA3 THR A 67  ? GLY A 80  ? THR AAA 67  GLY AAA 80  1 ? 14 
HELX_P HELX_P4 AA4 GLU A 81  ? LEU A 84  ? GLU AAA 81  LEU AAA 84  5 ? 4  
HELX_P HELX_P5 AA5 ASN A 92  ? LEU A 100 ? ASN AAA 92  LEU AAA 100 1 ? 9  
HELX_P HELX_P6 AA6 SER A 104 ? LYS A 110 ? SER AAA 104 LYS AAA 110 1 ? 7  
HELX_P HELX_P7 AA7 ASP A 116 ? ILE A 120 ? ASP AAA 116 ILE AAA 120 5 ? 5  
HELX_P HELX_P8 AA8 ASP A 127 ? TYR A 131 ? ASP AAA 127 TYR AAA 131 5 ? 5  
# 
_struct_conf_type.id          HELX_P 
_struct_conf_type.criteria    ? 
_struct_conf_type.reference   ? 
# 
loop_
_struct_conn.id 
_struct_conn.conn_type_id 
_struct_conn.pdbx_leaving_atom_flag 
_struct_conn.pdbx_PDB_id 
_struct_conn.ptnr1_label_asym_id 
_struct_conn.ptnr1_label_comp_id 
_struct_conn.ptnr1_label_seq_id 
_struct_conn.ptnr1_label_atom_id 
_struct_conn.pdbx_ptnr1_label_alt_id 
_struct_conn.pdbx_ptnr1_PDB_ins_code 
_struct_conn.pdbx_ptnr1_standard_comp_id 
_struct_conn.ptnr1_symmetry 
_struct_conn.ptnr2_label_asym_id 
_struct_conn.ptnr2_label_comp_id 
_struct_conn.ptnr2_label_seq_id 
_struct_conn.ptnr2_label_atom_id 
_struct_conn.pdbx_ptnr2_label_alt_id 
_struct_conn.pdbx_ptnr2_PDB_ins_code 
_struct_conn.ptnr1_auth_asym_id 
_struct_conn.ptnr1_auth_comp_id 
_struct_conn.ptnr1_auth_seq_id 
_struct_conn.ptnr2_auth_asym_id 
_struct_conn.ptnr2_auth_comp_id 
_struct_conn.ptnr2_auth_seq_id 
_struct_conn.ptnr2_symmetry 
_struct_conn.pdbx_ptnr3_label_atom_id 
_struct_conn.pdbx_ptnr3_label_seq_id 
_struct_conn.pdbx_ptnr3_label_comp_id 
_struct_conn.pdbx_ptnr3_label_asym_id 
_struct_conn.pdbx_ptnr3_label_alt_id 
_struct_conn.pdbx_ptnr3_PDB_ins_code 
_struct_conn.details 
_struct_conn.pdbx_dist_value 
_struct_conn.pdbx_value_order 
_struct_conn.pdbx_role 
metalc1 metalc ? ? A HIS 39 ND1 ? ? ? 1_555 D MN  . MN ? ? AAA HIS 39  AAA MN  203 1_555 ? ? ? ? ? ? ? 2.339 ? ? 
metalc2 metalc ? ? A ASP 42 OD2 ? ? ? 1_555 D MN  . MN ? ? AAA ASP 42  AAA MN  203 1_555 ? ? ? ? ? ? ? 2.191 ? ? 
metalc3 metalc ? ? A HIS 55 NE2 ? ? ? 1_555 D MN  . MN ? ? AAA HIS 55  AAA MN  203 1_555 ? ? ? ? ? ? ? 2.074 ? ? 
metalc4 metalc ? ? A HIS 57 NE2 ? ? ? 1_555 D MN  . MN ? ? AAA HIS 57  AAA MN  203 1_555 ? ? ? ? ? ? ? 2.085 ? ? 
metalc5 metalc ? ? D MN  .  MN  ? ? ? 1_555 P HOH . O  ? ? AAA MN  203 AAA HOH 336 1_555 ? ? ? ? ? ? ? 2.261 ? ? 
metalc6 metalc ? ? D MN  .  MN  ? ? ? 1_555 P HOH . O  ? ? AAA MN  203 AAA HOH 383 1_555 ? ? ? ? ? ? ? 2.179 ? ? 
# 
_struct_conn_type.id          metalc 
_struct_conn_type.criteria    ? 
_struct_conn_type.reference   ? 
# 
loop_
_pdbx_struct_conn_angle.id 
_pdbx_struct_conn_angle.ptnr1_label_atom_id 
_pdbx_struct_conn_angle.ptnr1_label_alt_id 
_pdbx_struct_conn_angle.ptnr1_label_asym_id 
_pdbx_struct_conn_angle.ptnr1_label_comp_id 
_pdbx_struct_conn_angle.ptnr1_label_seq_id 
_pdbx_struct_conn_angle.ptnr1_auth_atom_id 
_pdbx_struct_conn_angle.ptnr1_auth_asym_id 
_pdbx_struct_conn_angle.ptnr1_auth_comp_id 
_pdbx_struct_conn_angle.ptnr1_auth_seq_id 
_pdbx_struct_conn_angle.ptnr1_PDB_ins_code 
_pdbx_struct_conn_angle.ptnr1_symmetry 
_pdbx_struct_conn_angle.ptnr2_label_atom_id 
_pdbx_struct_conn_angle.ptnr2_label_alt_id 
_pdbx_struct_conn_angle.ptnr2_label_asym_id 
_pdbx_struct_conn_angle.ptnr2_label_comp_id 
_pdbx_struct_conn_angle.ptnr2_label_seq_id 
_pdbx_struct_conn_angle.ptnr2_auth_atom_id 
_pdbx_struct_conn_angle.ptnr2_auth_asym_id 
_pdbx_struct_conn_angle.ptnr2_auth_comp_id 
_pdbx_struct_conn_angle.ptnr2_auth_seq_id 
_pdbx_struct_conn_angle.ptnr2_PDB_ins_code 
_pdbx_struct_conn_angle.ptnr2_symmetry 
_pdbx_struct_conn_angle.ptnr3_label_atom_id 
_pdbx_struct_conn_angle.ptnr3_label_alt_id 
_pdbx_struct_conn_angle.ptnr3_label_asym_id 
_pdbx_struct_conn_angle.ptnr3_label_comp_id 
_pdbx_struct_conn_angle.ptnr3_label_seq_id 
_pdbx_struct_conn_angle.ptnr3_auth_atom_id 
_pdbx_struct_conn_angle.ptnr3_auth_asym_id 
_pdbx_struct_conn_angle.ptnr3_auth_comp_id 
_pdbx_struct_conn_angle.ptnr3_auth_seq_id 
_pdbx_struct_conn_angle.ptnr3_PDB_ins_code 
_pdbx_struct_conn_angle.ptnr3_symmetry 
_pdbx_struct_conn_angle.value 
_pdbx_struct_conn_angle.value_esd 
1  ND1 ? A HIS 39 ? AAA HIS 39  ? 1_555 MN ? D MN . ? AAA MN 203 ? 1_555 OD2 ? A ASP 42 ? AAA ASP 42  ? 1_555 75.6  ? 
2  ND1 ? A HIS 39 ? AAA HIS 39  ? 1_555 MN ? D MN . ? AAA MN 203 ? 1_555 NE2 ? A HIS 55 ? AAA HIS 55  ? 1_555 117.0 ? 
3  OD2 ? A ASP 42 ? AAA ASP 42  ? 1_555 MN ? D MN . ? AAA MN 203 ? 1_555 NE2 ? A HIS 55 ? AAA HIS 55  ? 1_555 104.4 ? 
4  ND1 ? A HIS 39 ? AAA HIS 39  ? 1_555 MN ? D MN . ? AAA MN 203 ? 1_555 NE2 ? A HIS 57 ? AAA HIS 57  ? 1_555 100.3 ? 
5  OD2 ? A ASP 42 ? AAA ASP 42  ? 1_555 MN ? D MN . ? AAA MN 203 ? 1_555 NE2 ? A HIS 57 ? AAA HIS 57  ? 1_555 170.5 ? 
6  NE2 ? A HIS 55 ? AAA HIS 55  ? 1_555 MN ? D MN . ? AAA MN 203 ? 1_555 NE2 ? A HIS 57 ? AAA HIS 57  ? 1_555 85.1  ? 
7  ND1 ? A HIS 39 ? AAA HIS 39  ? 1_555 MN ? D MN . ? AAA MN 203 ? 1_555 O   ? P HOH .  ? AAA HOH 336 ? 1_555 95.2  ? 
8  OD2 ? A ASP 42 ? AAA ASP 42  ? 1_555 MN ? D MN . ? AAA MN 203 ? 1_555 O   ? P HOH .  ? AAA HOH 336 ? 1_555 82.4  ? 
9  NE2 ? A HIS 55 ? AAA HIS 55  ? 1_555 MN ? D MN . ? AAA MN 203 ? 1_555 O   ? P HOH .  ? AAA HOH 336 ? 1_555 147.8 ? 
10 NE2 ? A HIS 57 ? AAA HIS 57  ? 1_555 MN ? D MN . ? AAA MN 203 ? 1_555 O   ? P HOH .  ? AAA HOH 336 ? 1_555 89.5  ? 
11 ND1 ? A HIS 39 ? AAA HIS 39  ? 1_555 MN ? D MN . ? AAA MN 203 ? 1_555 O   ? P HOH .  ? AAA HOH 383 ? 1_555 145.3 ? 
12 OD2 ? A ASP 42 ? AAA ASP 42  ? 1_555 MN ? D MN . ? AAA MN 203 ? 1_555 O   ? P HOH .  ? AAA HOH 383 ? 1_555 81.7  ? 
13 NE2 ? A HIS 55 ? AAA HIS 55  ? 1_555 MN ? D MN . ? AAA MN 203 ? 1_555 O   ? P HOH .  ? AAA HOH 383 ? 1_555 93.7  ? 
14 NE2 ? A HIS 57 ? AAA HIS 57  ? 1_555 MN ? D MN . ? AAA MN 203 ? 1_555 O   ? P HOH .  ? AAA HOH 383 ? 1_555 97.8  ? 
15 O   ? P HOH .  ? AAA HOH 336 ? 1_555 MN ? D MN . ? AAA MN 203 ? 1_555 O   ? P HOH .  ? AAA HOH 383 ? 1_555 55.5  ? 
# 
_struct_sheet.id               AA1 
_struct_sheet.type             ? 
_struct_sheet.number_strands   5 
_struct_sheet.details          ? 
# 
loop_
_struct_sheet_order.sheet_id 
_struct_sheet_order.range_id_1 
_struct_sheet_order.range_id_2 
_struct_sheet_order.offset 
_struct_sheet_order.sense 
AA1 1 2 ? anti-parallel 
AA1 2 3 ? anti-parallel 
AA1 3 4 ? anti-parallel 
AA1 4 5 ? anti-parallel 
# 
loop_
_struct_sheet_range.sheet_id 
_struct_sheet_range.id 
_struct_sheet_range.beg_label_comp_id 
_struct_sheet_range.beg_label_asym_id 
_struct_sheet_range.beg_label_seq_id 
_struct_sheet_range.pdbx_beg_PDB_ins_code 
_struct_sheet_range.end_label_comp_id 
_struct_sheet_range.end_label_asym_id 
_struct_sheet_range.end_label_seq_id 
_struct_sheet_range.pdbx_end_PDB_ins_code 
_struct_sheet_range.beg_auth_comp_id 
_struct_sheet_range.beg_auth_asym_id 
_struct_sheet_range.beg_auth_seq_id 
_struct_sheet_range.end_auth_comp_id 
_struct_sheet_range.end_auth_asym_id 
_struct_sheet_range.end_auth_seq_id 
AA1 1 GLN A 88  ? VAL A 89  ? GLN AAA 88  VAL AAA 89  
AA1 2 ALA A 6   ? LEU A 13  ? ALA AAA 6   LEU AAA 13  
AA1 3 TYR A 56  ? VAL A 66  ? TYR AAA 56  VAL AAA 66  
AA1 4 MET A 33  ? ILE A 35  ? MET AAA 33  ILE AAA 35  
AA1 5 LYS A 121 ? ILE A 123 ? LYS AAA 121 ILE AAA 123 
# 
loop_
_pdbx_struct_sheet_hbond.sheet_id 
_pdbx_struct_sheet_hbond.range_id_1 
_pdbx_struct_sheet_hbond.range_id_2 
_pdbx_struct_sheet_hbond.range_1_label_atom_id 
_pdbx_struct_sheet_hbond.range_1_label_comp_id 
_pdbx_struct_sheet_hbond.range_1_label_asym_id 
_pdbx_struct_sheet_hbond.range_1_label_seq_id 
_pdbx_struct_sheet_hbond.range_1_PDB_ins_code 
_pdbx_struct_sheet_hbond.range_1_auth_atom_id 
_pdbx_struct_sheet_hbond.range_1_auth_comp_id 
_pdbx_struct_sheet_hbond.range_1_auth_asym_id 
_pdbx_struct_sheet_hbond.range_1_auth_seq_id 
_pdbx_struct_sheet_hbond.range_2_label_atom_id 
_pdbx_struct_sheet_hbond.range_2_label_comp_id 
_pdbx_struct_sheet_hbond.range_2_label_asym_id 
_pdbx_struct_sheet_hbond.range_2_label_seq_id 
_pdbx_struct_sheet_hbond.range_2_PDB_ins_code 
_pdbx_struct_sheet_hbond.range_2_auth_atom_id 
_pdbx_struct_sheet_hbond.range_2_auth_comp_id 
_pdbx_struct_sheet_hbond.range_2_auth_asym_id 
_pdbx_struct_sheet_hbond.range_2_auth_seq_id 
AA1 1 2 O GLN A 88 ? O GLN AAA 88 N THR A 10  ? N THR AAA 10  
AA1 2 3 N ARG A 7  ? N ARG AAA 7  O ALA A 62  ? O ALA AAA 62  
AA1 3 4 O LEU A 59 ? O LEU AAA 59 N ALA A 34  ? N ALA AAA 34  
AA1 4 5 N ILE A 35 ? N ILE AAA 35 O LYS A 121 ? O LYS AAA 121 
# 
loop_
_pdbx_validate_close_contact.id 
_pdbx_validate_close_contact.PDB_model_num 
_pdbx_validate_close_contact.auth_atom_id_1 
_pdbx_validate_close_contact.auth_asym_id_1 
_pdbx_validate_close_contact.auth_comp_id_1 
_pdbx_validate_close_contact.auth_seq_id_1 
_pdbx_validate_close_contact.PDB_ins_code_1 
_pdbx_validate_close_contact.label_alt_id_1 
_pdbx_validate_close_contact.auth_atom_id_2 
_pdbx_validate_close_contact.auth_asym_id_2 
_pdbx_validate_close_contact.auth_comp_id_2 
_pdbx_validate_close_contact.auth_seq_id_2 
_pdbx_validate_close_contact.PDB_ins_code_2 
_pdbx_validate_close_contact.label_alt_id_2 
_pdbx_validate_close_contact.dist 
1 1 O AAA HOH 367 ? ? O AAA HOH 421 ? ? 2.06 
2 1 O AAA HOH 336 ? ? O AAA HOH 383 ? ? 2.07 
3 1 O AAA HOH 307 ? ? O AAA HOH 336 ? ? 2.16 
4 1 O AAA HOH 322 ? ? O AAA HOH 422 ? ? 2.17 
# 
loop_
_pdbx_validate_rmsd_angle.id 
_pdbx_validate_rmsd_angle.PDB_model_num 
_pdbx_validate_rmsd_angle.auth_atom_id_1 
_pdbx_validate_rmsd_angle.auth_asym_id_1 
_pdbx_validate_rmsd_angle.auth_comp_id_1 
_pdbx_validate_rmsd_angle.auth_seq_id_1 
_pdbx_validate_rmsd_angle.PDB_ins_code_1 
_pdbx_validate_rmsd_angle.label_alt_id_1 
_pdbx_validate_rmsd_angle.auth_atom_id_2 
_pdbx_validate_rmsd_angle.auth_asym_id_2 
_pdbx_validate_rmsd_angle.auth_comp_id_2 
_pdbx_validate_rmsd_angle.auth_seq_id_2 
_pdbx_validate_rmsd_angle.PDB_ins_code_2 
_pdbx_validate_rmsd_angle.label_alt_id_2 
_pdbx_validate_rmsd_angle.auth_atom_id_3 
_pdbx_validate_rmsd_angle.auth_asym_id_3 
_pdbx_validate_rmsd_angle.auth_comp_id_3 
_pdbx_validate_rmsd_angle.auth_seq_id_3 
_pdbx_validate_rmsd_angle.PDB_ins_code_3 
_pdbx_validate_rmsd_angle.label_alt_id_3 
_pdbx_validate_rmsd_angle.angle_value 
_pdbx_validate_rmsd_angle.angle_target_value 
_pdbx_validate_rmsd_angle.angle_deviation 
_pdbx_validate_rmsd_angle.angle_standard_deviation 
_pdbx_validate_rmsd_angle.linker_flag 
1 1 NE AAA ARG 7  ? C CZ AAA ARG 7  ? C NH2 AAA ARG 7  ? C 124.04 120.30 3.74 0.50 N 
2 1 CB AAA ASP 40 ? ? CG AAA ASP 40 ? ? OD1 AAA ASP 40 ? ? 123.99 118.30 5.69 0.90 N 
3 1 NE AAA ARG 72 ? ? CZ AAA ARG 72 ? ? NH1 AAA ARG 72 ? ? 123.32 120.30 3.02 0.50 N 
# 
_pdbx_entry_details.entry_id                 8AMT 
_pdbx_entry_details.nonpolymer_details       ? 
_pdbx_entry_details.sequence_details         ? 
_pdbx_entry_details.compound_details         ? 
_pdbx_entry_details.source_details           ? 
_pdbx_entry_details.has_ligand_of_interest   N 
# 
loop_
_pdbx_unobs_or_zero_occ_residues.id 
_pdbx_unobs_or_zero_occ_residues.PDB_model_num 
_pdbx_unobs_or_zero_occ_residues.polymer_flag 
_pdbx_unobs_or_zero_occ_residues.occupancy_flag 
_pdbx_unobs_or_zero_occ_residues.auth_asym_id 
_pdbx_unobs_or_zero_occ_residues.auth_comp_id 
_pdbx_unobs_or_zero_occ_residues.auth_seq_id 
_pdbx_unobs_or_zero_occ_residues.PDB_ins_code 
_pdbx_unobs_or_zero_occ_residues.label_asym_id 
_pdbx_unobs_or_zero_occ_residues.label_comp_id 
_pdbx_unobs_or_zero_occ_residues.label_seq_id 
1 1 Y 1 AAA MET 1 ? A MET 1 
2 1 Y 1 AAA ALA 2 ? A ALA 2 
3 1 Y 1 AAA LYS 3 ? A LYS 3 
# 
loop_
_chem_comp_atom.comp_id 
_chem_comp_atom.atom_id 
_chem_comp_atom.type_symbol 
_chem_comp_atom.pdbx_aromatic_flag 
_chem_comp_atom.pdbx_stereo_config 
_chem_comp_atom.pdbx_ordinal 
ALA N    N  N N 1   
ALA CA   C  N S 2   
ALA C    C  N N 3   
ALA O    O  N N 4   
ALA CB   C  N N 5   
ALA OXT  O  N N 6   
ALA H    H  N N 7   
ALA H2   H  N N 8   
ALA HA   H  N N 9   
ALA HB1  H  N N 10  
ALA HB2  H  N N 11  
ALA HB3  H  N N 12  
ALA HXT  H  N N 13  
ARG N    N  N N 14  
ARG CA   C  N S 15  
ARG C    C  N N 16  
ARG O    O  N N 17  
ARG CB   C  N N 18  
ARG CG   C  N N 19  
ARG CD   C  N N 20  
ARG NE   N  N N 21  
ARG CZ   C  N N 22  
ARG NH1  N  N N 23  
ARG NH2  N  N N 24  
ARG OXT  O  N N 25  
ARG H    H  N N 26  
ARG H2   H  N N 27  
ARG HA   H  N N 28  
ARG HB2  H  N N 29  
ARG HB3  H  N N 30  
ARG HG2  H  N N 31  
ARG HG3  H  N N 32  
ARG HD2  H  N N 33  
ARG HD3  H  N N 34  
ARG HE   H  N N 35  
ARG HH11 H  N N 36  
ARG HH12 H  N N 37  
ARG HH21 H  N N 38  
ARG HH22 H  N N 39  
ARG HXT  H  N N 40  
ASN N    N  N N 41  
ASN CA   C  N S 42  
ASN C    C  N N 43  
ASN O    O  N N 44  
ASN CB   C  N N 45  
ASN CG   C  N N 46  
ASN OD1  O  N N 47  
ASN ND2  N  N N 48  
ASN OXT  O  N N 49  
ASN H    H  N N 50  
ASN H2   H  N N 51  
ASN HA   H  N N 52  
ASN HB2  H  N N 53  
ASN HB3  H  N N 54  
ASN HD21 H  N N 55  
ASN HD22 H  N N 56  
ASN HXT  H  N N 57  
ASP N    N  N N 58  
ASP CA   C  N S 59  
ASP C    C  N N 60  
ASP O    O  N N 61  
ASP CB   C  N N 62  
ASP CG   C  N N 63  
ASP OD1  O  N N 64  
ASP OD2  O  N N 65  
ASP OXT  O  N N 66  
ASP H    H  N N 67  
ASP H2   H  N N 68  
ASP HA   H  N N 69  
ASP HB2  H  N N 70  
ASP HB3  H  N N 71  
ASP HD2  H  N N 72  
ASP HXT  H  N N 73  
CL  CL   CL N N 74  
GLN N    N  N N 75  
GLN CA   C  N S 76  
GLN C    C  N N 77  
GLN O    O  N N 78  
GLN CB   C  N N 79  
GLN CG   C  N N 80  
GLN CD   C  N N 81  
GLN OE1  O  N N 82  
GLN NE2  N  N N 83  
GLN OXT  O  N N 84  
GLN H    H  N N 85  
GLN H2   H  N N 86  
GLN HA   H  N N 87  
GLN HB2  H  N N 88  
GLN HB3  H  N N 89  
GLN HG2  H  N N 90  
GLN HG3  H  N N 91  
GLN HE21 H  N N 92  
GLN HE22 H  N N 93  
GLN HXT  H  N N 94  
GLU N    N  N N 95  
GLU CA   C  N S 96  
GLU C    C  N N 97  
GLU O    O  N N 98  
GLU CB   C  N N 99  
GLU CG   C  N N 100 
GLU CD   C  N N 101 
GLU OE1  O  N N 102 
GLU OE2  O  N N 103 
GLU OXT  O  N N 104 
GLU H    H  N N 105 
GLU H2   H  N N 106 
GLU HA   H  N N 107 
GLU HB2  H  N N 108 
GLU HB3  H  N N 109 
GLU HG2  H  N N 110 
GLU HG3  H  N N 111 
GLU HE2  H  N N 112 
GLU HXT  H  N N 113 
GLY N    N  N N 114 
GLY CA   C  N N 115 
GLY C    C  N N 116 
GLY O    O  N N 117 
GLY OXT  O  N N 118 
GLY H    H  N N 119 
GLY H2   H  N N 120 
GLY HA2  H  N N 121 
GLY HA3  H  N N 122 
GLY HXT  H  N N 123 
GOL C1   C  N N 124 
GOL O1   O  N N 125 
GOL C2   C  N N 126 
GOL O2   O  N N 127 
GOL C3   C  N N 128 
GOL O3   O  N N 129 
GOL H11  H  N N 130 
GOL H12  H  N N 131 
GOL HO1  H  N N 132 
GOL H2   H  N N 133 
GOL HO2  H  N N 134 
GOL H31  H  N N 135 
GOL H32  H  N N 136 
GOL HO3  H  N N 137 
HIS N    N  N N 138 
HIS CA   C  N S 139 
HIS C    C  N N 140 
HIS O    O  N N 141 
HIS CB   C  N N 142 
HIS CG   C  Y N 143 
HIS ND1  N  Y N 144 
HIS CD2  C  Y N 145 
HIS CE1  C  Y N 146 
HIS NE2  N  Y N 147 
HIS OXT  O  N N 148 
HIS H    H  N N 149 
HIS H2   H  N N 150 
HIS HA   H  N N 151 
HIS HB2  H  N N 152 
HIS HB3  H  N N 153 
HIS HD1  H  N N 154 
HIS HD2  H  N N 155 
HIS HE1  H  N N 156 
HIS HE2  H  N N 157 
HIS HXT  H  N N 158 
HOH O    O  N N 159 
HOH H1   H  N N 160 
HOH H2   H  N N 161 
ILE N    N  N N 162 
ILE CA   C  N S 163 
ILE C    C  N N 164 
ILE O    O  N N 165 
ILE CB   C  N S 166 
ILE CG1  C  N N 167 
ILE CG2  C  N N 168 
ILE CD1  C  N N 169 
ILE OXT  O  N N 170 
ILE H    H  N N 171 
ILE H2   H  N N 172 
ILE HA   H  N N 173 
ILE HB   H  N N 174 
ILE HG12 H  N N 175 
ILE HG13 H  N N 176 
ILE HG21 H  N N 177 
ILE HG22 H  N N 178 
ILE HG23 H  N N 179 
ILE HD11 H  N N 180 
ILE HD12 H  N N 181 
ILE HD13 H  N N 182 
ILE HXT  H  N N 183 
LEU N    N  N N 184 
LEU CA   C  N S 185 
LEU C    C  N N 186 
LEU O    O  N N 187 
LEU CB   C  N N 188 
LEU CG   C  N N 189 
LEU CD1  C  N N 190 
LEU CD2  C  N N 191 
LEU OXT  O  N N 192 
LEU H    H  N N 193 
LEU H2   H  N N 194 
LEU HA   H  N N 195 
LEU HB2  H  N N 196 
LEU HB3  H  N N 197 
LEU HG   H  N N 198 
LEU HD11 H  N N 199 
LEU HD12 H  N N 200 
LEU HD13 H  N N 201 
LEU HD21 H  N N 202 
LEU HD22 H  N N 203 
LEU HD23 H  N N 204 
LEU HXT  H  N N 205 
LYS N    N  N N 206 
LYS CA   C  N S 207 
LYS C    C  N N 208 
LYS O    O  N N 209 
LYS CB   C  N N 210 
LYS CG   C  N N 211 
LYS CD   C  N N 212 
LYS CE   C  N N 213 
LYS NZ   N  N N 214 
LYS OXT  O  N N 215 
LYS H    H  N N 216 
LYS H2   H  N N 217 
LYS HA   H  N N 218 
LYS HB2  H  N N 219 
LYS HB3  H  N N 220 
LYS HG2  H  N N 221 
LYS HG3  H  N N 222 
LYS HD2  H  N N 223 
LYS HD3  H  N N 224 
LYS HE2  H  N N 225 
LYS HE3  H  N N 226 
LYS HZ1  H  N N 227 
LYS HZ2  H  N N 228 
LYS HZ3  H  N N 229 
LYS HXT  H  N N 230 
MET N    N  N N 231 
MET CA   C  N S 232 
MET C    C  N N 233 
MET O    O  N N 234 
MET CB   C  N N 235 
MET CG   C  N N 236 
MET SD   S  N N 237 
MET CE   C  N N 238 
MET OXT  O  N N 239 
MET H    H  N N 240 
MET H2   H  N N 241 
MET HA   H  N N 242 
MET HB2  H  N N 243 
MET HB3  H  N N 244 
MET HG2  H  N N 245 
MET HG3  H  N N 246 
MET HE1  H  N N 247 
MET HE2  H  N N 248 
MET HE3  H  N N 249 
MET HXT  H  N N 250 
MN  MN   MN N N 251 
PHE N    N  N N 252 
PHE CA   C  N S 253 
PHE C    C  N N 254 
PHE O    O  N N 255 
PHE CB   C  N N 256 
PHE CG   C  Y N 257 
PHE CD1  C  Y N 258 
PHE CD2  C  Y N 259 
PHE CE1  C  Y N 260 
PHE CE2  C  Y N 261 
PHE CZ   C  Y N 262 
PHE OXT  O  N N 263 
PHE H    H  N N 264 
PHE H2   H  N N 265 
PHE HA   H  N N 266 
PHE HB2  H  N N 267 
PHE HB3  H  N N 268 
PHE HD1  H  N N 269 
PHE HD2  H  N N 270 
PHE HE1  H  N N 271 
PHE HE2  H  N N 272 
PHE HZ   H  N N 273 
PHE HXT  H  N N 274 
PRO N    N  N N 275 
PRO CA   C  N S 276 
PRO C    C  N N 277 
PRO O    O  N N 278 
PRO CB   C  N N 279 
PRO CG   C  N N 280 
PRO CD   C  N N 281 
PRO OXT  O  N N 282 
PRO H    H  N N 283 
PRO HA   H  N N 284 
PRO HB2  H  N N 285 
PRO HB3  H  N N 286 
PRO HG2  H  N N 287 
PRO HG3  H  N N 288 
PRO HD2  H  N N 289 
PRO HD3  H  N N 290 
PRO HXT  H  N N 291 
SER N    N  N N 292 
SER CA   C  N S 293 
SER C    C  N N 294 
SER O    O  N N 295 
SER CB   C  N N 296 
SER OG   O  N N 297 
SER OXT  O  N N 298 
SER H    H  N N 299 
SER H2   H  N N 300 
SER HA   H  N N 301 
SER HB2  H  N N 302 
SER HB3  H  N N 303 
SER HG   H  N N 304 
SER HXT  H  N N 305 
THR N    N  N N 306 
THR CA   C  N S 307 
THR C    C  N N 308 
THR O    O  N N 309 
THR CB   C  N R 310 
THR OG1  O  N N 311 
THR CG2  C  N N 312 
THR OXT  O  N N 313 
THR H    H  N N 314 
THR H2   H  N N 315 
THR HA   H  N N 316 
THR HB   H  N N 317 
THR HG1  H  N N 318 
THR HG21 H  N N 319 
THR HG22 H  N N 320 
THR HG23 H  N N 321 
THR HXT  H  N N 322 
TRP N    N  N N 323 
TRP CA   C  N S 324 
TRP C    C  N N 325 
TRP O    O  N N 326 
TRP CB   C  N N 327 
TRP CG   C  Y N 328 
TRP CD1  C  Y N 329 
TRP CD2  C  Y N 330 
TRP NE1  N  Y N 331 
TRP CE2  C  Y N 332 
TRP CE3  C  Y N 333 
TRP CZ2  C  Y N 334 
TRP CZ3  C  Y N 335 
TRP CH2  C  Y N 336 
TRP OXT  O  N N 337 
TRP H    H  N N 338 
TRP H2   H  N N 339 
TRP HA   H  N N 340 
TRP HB2  H  N N 341 
TRP HB3  H  N N 342 
TRP HD1  H  N N 343 
TRP HE1  H  N N 344 
TRP HE3  H  N N 345 
TRP HZ2  H  N N 346 
TRP HZ3  H  N N 347 
TRP HH2  H  N N 348 
TRP HXT  H  N N 349 
TYR N    N  N N 350 
TYR CA   C  N S 351 
TYR C    C  N N 352 
TYR O    O  N N 353 
TYR CB   C  N N 354 
TYR CG   C  Y N 355 
TYR CD1  C  Y N 356 
TYR CD2  C  Y N 357 
TYR CE1  C  Y N 358 
TYR CE2  C  Y N 359 
TYR CZ   C  Y N 360 
TYR OH   O  N N 361 
TYR OXT  O  N N 362 
TYR H    H  N N 363 
TYR H2   H  N N 364 
TYR HA   H  N N 365 
TYR HB2  H  N N 366 
TYR HB3  H  N N 367 
TYR HD1  H  N N 368 
TYR HD2  H  N N 369 
TYR HE1  H  N N 370 
TYR HE2  H  N N 371 
TYR HH   H  N N 372 
TYR HXT  H  N N 373 
VAL N    N  N N 374 
VAL CA   C  N S 375 
VAL C    C  N N 376 
VAL O    O  N N 377 
VAL CB   C  N N 378 
VAL CG1  C  N N 379 
VAL CG2  C  N N 380 
VAL OXT  O  N N 381 
VAL H    H  N N 382 
VAL H2   H  N N 383 
VAL HA   H  N N 384 
VAL HB   H  N N 385 
VAL HG11 H  N N 386 
VAL HG12 H  N N 387 
VAL HG13 H  N N 388 
VAL HG21 H  N N 389 
VAL HG22 H  N N 390 
VAL HG23 H  N N 391 
VAL HXT  H  N N 392 
# 
loop_
_chem_comp_bond.comp_id 
_chem_comp_bond.atom_id_1 
_chem_comp_bond.atom_id_2 
_chem_comp_bond.value_order 
_chem_comp_bond.pdbx_aromatic_flag 
_chem_comp_bond.pdbx_stereo_config 
_chem_comp_bond.pdbx_ordinal 
ALA N   CA   sing N N 1   
ALA N   H    sing N N 2   
ALA N   H2   sing N N 3   
ALA CA  C    sing N N 4   
ALA CA  CB   sing N N 5   
ALA CA  HA   sing N N 6   
ALA C   O    doub N N 7   
ALA C   OXT  sing N N 8   
ALA CB  HB1  sing N N 9   
ALA CB  HB2  sing N N 10  
ALA CB  HB3  sing N N 11  
ALA OXT HXT  sing N N 12  
ARG N   CA   sing N N 13  
ARG N   H    sing N N 14  
ARG N   H2   sing N N 15  
ARG CA  C    sing N N 16  
ARG CA  CB   sing N N 17  
ARG CA  HA   sing N N 18  
ARG C   O    doub N N 19  
ARG C   OXT  sing N N 20  
ARG CB  CG   sing N N 21  
ARG CB  HB2  sing N N 22  
ARG CB  HB3  sing N N 23  
ARG CG  CD   sing N N 24  
ARG CG  HG2  sing N N 25  
ARG CG  HG3  sing N N 26  
ARG CD  NE   sing N N 27  
ARG CD  HD2  sing N N 28  
ARG CD  HD3  sing N N 29  
ARG NE  CZ   sing N N 30  
ARG NE  HE   sing N N 31  
ARG CZ  NH1  sing N N 32  
ARG CZ  NH2  doub N N 33  
ARG NH1 HH11 sing N N 34  
ARG NH1 HH12 sing N N 35  
ARG NH2 HH21 sing N N 36  
ARG NH2 HH22 sing N N 37  
ARG OXT HXT  sing N N 38  
ASN N   CA   sing N N 39  
ASN N   H    sing N N 40  
ASN N   H2   sing N N 41  
ASN CA  C    sing N N 42  
ASN CA  CB   sing N N 43  
ASN CA  HA   sing N N 44  
ASN C   O    doub N N 45  
ASN C   OXT  sing N N 46  
ASN CB  CG   sing N N 47  
ASN CB  HB2  sing N N 48  
ASN CB  HB3  sing N N 49  
ASN CG  OD1  doub N N 50  
ASN CG  ND2  sing N N 51  
ASN ND2 HD21 sing N N 52  
ASN ND2 HD22 sing N N 53  
ASN OXT HXT  sing N N 54  
ASP N   CA   sing N N 55  
ASP N   H    sing N N 56  
ASP N   H2   sing N N 57  
ASP CA  C    sing N N 58  
ASP CA  CB   sing N N 59  
ASP CA  HA   sing N N 60  
ASP C   O    doub N N 61  
ASP C   OXT  sing N N 62  
ASP CB  CG   sing N N 63  
ASP CB  HB2  sing N N 64  
ASP CB  HB3  sing N N 65  
ASP CG  OD1  doub N N 66  
ASP CG  OD2  sing N N 67  
ASP OD2 HD2  sing N N 68  
ASP OXT HXT  sing N N 69  
GLN N   CA   sing N N 70  
GLN N   H    sing N N 71  
GLN N   H2   sing N N 72  
GLN CA  C    sing N N 73  
GLN CA  CB   sing N N 74  
GLN CA  HA   sing N N 75  
GLN C   O    doub N N 76  
GLN C   OXT  sing N N 77  
GLN CB  CG   sing N N 78  
GLN CB  HB2  sing N N 79  
GLN CB  HB3  sing N N 80  
GLN CG  CD   sing N N 81  
GLN CG  HG2  sing N N 82  
GLN CG  HG3  sing N N 83  
GLN CD  OE1  doub N N 84  
GLN CD  NE2  sing N N 85  
GLN NE2 HE21 sing N N 86  
GLN NE2 HE22 sing N N 87  
GLN OXT HXT  sing N N 88  
GLU N   CA   sing N N 89  
GLU N   H    sing N N 90  
GLU N   H2   sing N N 91  
GLU CA  C    sing N N 92  
GLU CA  CB   sing N N 93  
GLU CA  HA   sing N N 94  
GLU C   O    doub N N 95  
GLU C   OXT  sing N N 96  
GLU CB  CG   sing N N 97  
GLU CB  HB2  sing N N 98  
GLU CB  HB3  sing N N 99  
GLU CG  CD   sing N N 100 
GLU CG  HG2  sing N N 101 
GLU CG  HG3  sing N N 102 
GLU CD  OE1  doub N N 103 
GLU CD  OE2  sing N N 104 
GLU OE2 HE2  sing N N 105 
GLU OXT HXT  sing N N 106 
GLY N   CA   sing N N 107 
GLY N   H    sing N N 108 
GLY N   H2   sing N N 109 
GLY CA  C    sing N N 110 
GLY CA  HA2  sing N N 111 
GLY CA  HA3  sing N N 112 
GLY C   O    doub N N 113 
GLY C   OXT  sing N N 114 
GLY OXT HXT  sing N N 115 
GOL C1  O1   sing N N 116 
GOL C1  C2   sing N N 117 
GOL C1  H11  sing N N 118 
GOL C1  H12  sing N N 119 
GOL O1  HO1  sing N N 120 
GOL C2  O2   sing N N 121 
GOL C2  C3   sing N N 122 
GOL C2  H2   sing N N 123 
GOL O2  HO2  sing N N 124 
GOL C3  O3   sing N N 125 
GOL C3  H31  sing N N 126 
GOL C3  H32  sing N N 127 
GOL O3  HO3  sing N N 128 
HIS N   CA   sing N N 129 
HIS N   H    sing N N 130 
HIS N   H2   sing N N 131 
HIS CA  C    sing N N 132 
HIS CA  CB   sing N N 133 
HIS CA  HA   sing N N 134 
HIS C   O    doub N N 135 
HIS C   OXT  sing N N 136 
HIS CB  CG   sing N N 137 
HIS CB  HB2  sing N N 138 
HIS CB  HB3  sing N N 139 
HIS CG  ND1  sing Y N 140 
HIS CG  CD2  doub Y N 141 
HIS ND1 CE1  doub Y N 142 
HIS ND1 HD1  sing N N 143 
HIS CD2 NE2  sing Y N 144 
HIS CD2 HD2  sing N N 145 
HIS CE1 NE2  sing Y N 146 
HIS CE1 HE1  sing N N 147 
HIS NE2 HE2  sing N N 148 
HIS OXT HXT  sing N N 149 
HOH O   H1   sing N N 150 
HOH O   H2   sing N N 151 
ILE N   CA   sing N N 152 
ILE N   H    sing N N 153 
ILE N   H2   sing N N 154 
ILE CA  C    sing N N 155 
ILE CA  CB   sing N N 156 
ILE CA  HA   sing N N 157 
ILE C   O    doub N N 158 
ILE C   OXT  sing N N 159 
ILE CB  CG1  sing N N 160 
ILE CB  CG2  sing N N 161 
ILE CB  HB   sing N N 162 
ILE CG1 CD1  sing N N 163 
ILE CG1 HG12 sing N N 164 
ILE CG1 HG13 sing N N 165 
ILE CG2 HG21 sing N N 166 
ILE CG2 HG22 sing N N 167 
ILE CG2 HG23 sing N N 168 
ILE CD1 HD11 sing N N 169 
ILE CD1 HD12 sing N N 170 
ILE CD1 HD13 sing N N 171 
ILE OXT HXT  sing N N 172 
LEU N   CA   sing N N 173 
LEU N   H    sing N N 174 
LEU N   H2   sing N N 175 
LEU CA  C    sing N N 176 
LEU CA  CB   sing N N 177 
LEU CA  HA   sing N N 178 
LEU C   O    doub N N 179 
LEU C   OXT  sing N N 180 
LEU CB  CG   sing N N 181 
LEU CB  HB2  sing N N 182 
LEU CB  HB3  sing N N 183 
LEU CG  CD1  sing N N 184 
LEU CG  CD2  sing N N 185 
LEU CG  HG   sing N N 186 
LEU CD1 HD11 sing N N 187 
LEU CD1 HD12 sing N N 188 
LEU CD1 HD13 sing N N 189 
LEU CD2 HD21 sing N N 190 
LEU CD2 HD22 sing N N 191 
LEU CD2 HD23 sing N N 192 
LEU OXT HXT  sing N N 193 
LYS N   CA   sing N N 194 
LYS N   H    sing N N 195 
LYS N   H2   sing N N 196 
LYS CA  C    sing N N 197 
LYS CA  CB   sing N N 198 
LYS CA  HA   sing N N 199 
LYS C   O    doub N N 200 
LYS C   OXT  sing N N 201 
LYS CB  CG   sing N N 202 
LYS CB  HB2  sing N N 203 
LYS CB  HB3  sing N N 204 
LYS CG  CD   sing N N 205 
LYS CG  HG2  sing N N 206 
LYS CG  HG3  sing N N 207 
LYS CD  CE   sing N N 208 
LYS CD  HD2  sing N N 209 
LYS CD  HD3  sing N N 210 
LYS CE  NZ   sing N N 211 
LYS CE  HE2  sing N N 212 
LYS CE  HE3  sing N N 213 
LYS NZ  HZ1  sing N N 214 
LYS NZ  HZ2  sing N N 215 
LYS NZ  HZ3  sing N N 216 
LYS OXT HXT  sing N N 217 
MET N   CA   sing N N 218 
MET N   H    sing N N 219 
MET N   H2   sing N N 220 
MET CA  C    sing N N 221 
MET CA  CB   sing N N 222 
MET CA  HA   sing N N 223 
MET C   O    doub N N 224 
MET C   OXT  sing N N 225 
MET CB  CG   sing N N 226 
MET CB  HB2  sing N N 227 
MET CB  HB3  sing N N 228 
MET CG  SD   sing N N 229 
MET CG  HG2  sing N N 230 
MET CG  HG3  sing N N 231 
MET SD  CE   sing N N 232 
MET CE  HE1  sing N N 233 
MET CE  HE2  sing N N 234 
MET CE  HE3  sing N N 235 
MET OXT HXT  sing N N 236 
PHE N   CA   sing N N 237 
PHE N   H    sing N N 238 
PHE N   H2   sing N N 239 
PHE CA  C    sing N N 240 
PHE CA  CB   sing N N 241 
PHE CA  HA   sing N N 242 
PHE C   O    doub N N 243 
PHE C   OXT  sing N N 244 
PHE CB  CG   sing N N 245 
PHE CB  HB2  sing N N 246 
PHE CB  HB3  sing N N 247 
PHE CG  CD1  doub Y N 248 
PHE CG  CD2  sing Y N 249 
PHE CD1 CE1  sing Y N 250 
PHE CD1 HD1  sing N N 251 
PHE CD2 CE2  doub Y N 252 
PHE CD2 HD2  sing N N 253 
PHE CE1 CZ   doub Y N 254 
PHE CE1 HE1  sing N N 255 
PHE CE2 CZ   sing Y N 256 
PHE CE2 HE2  sing N N 257 
PHE CZ  HZ   sing N N 258 
PHE OXT HXT  sing N N 259 
PRO N   CA   sing N N 260 
PRO N   CD   sing N N 261 
PRO N   H    sing N N 262 
PRO CA  C    sing N N 263 
PRO CA  CB   sing N N 264 
PRO CA  HA   sing N N 265 
PRO C   O    doub N N 266 
PRO C   OXT  sing N N 267 
PRO CB  CG   sing N N 268 
PRO CB  HB2  sing N N 269 
PRO CB  HB3  sing N N 270 
PRO CG  CD   sing N N 271 
PRO CG  HG2  sing N N 272 
PRO CG  HG3  sing N N 273 
PRO CD  HD2  sing N N 274 
PRO CD  HD3  sing N N 275 
PRO OXT HXT  sing N N 276 
SER N   CA   sing N N 277 
SER N   H    sing N N 278 
SER N   H2   sing N N 279 
SER CA  C    sing N N 280 
SER CA  CB   sing N N 281 
SER CA  HA   sing N N 282 
SER C   O    doub N N 283 
SER C   OXT  sing N N 284 
SER CB  OG   sing N N 285 
SER CB  HB2  sing N N 286 
SER CB  HB3  sing N N 287 
SER OG  HG   sing N N 288 
SER OXT HXT  sing N N 289 
THR N   CA   sing N N 290 
THR N   H    sing N N 291 
THR N   H2   sing N N 292 
THR CA  C    sing N N 293 
THR CA  CB   sing N N 294 
THR CA  HA   sing N N 295 
THR C   O    doub N N 296 
THR C   OXT  sing N N 297 
THR CB  OG1  sing N N 298 
THR CB  CG2  sing N N 299 
THR CB  HB   sing N N 300 
THR OG1 HG1  sing N N 301 
THR CG2 HG21 sing N N 302 
THR CG2 HG22 sing N N 303 
THR CG2 HG23 sing N N 304 
THR OXT HXT  sing N N 305 
TRP N   CA   sing N N 306 
TRP N   H    sing N N 307 
TRP N   H2   sing N N 308 
TRP CA  C    sing N N 309 
TRP CA  CB   sing N N 310 
TRP CA  HA   sing N N 311 
TRP C   O    doub N N 312 
TRP C   OXT  sing N N 313 
TRP CB  CG   sing N N 314 
TRP CB  HB2  sing N N 315 
TRP CB  HB3  sing N N 316 
TRP CG  CD1  doub Y N 317 
TRP CG  CD2  sing Y N 318 
TRP CD1 NE1  sing Y N 319 
TRP CD1 HD1  sing N N 320 
TRP CD2 CE2  doub Y N 321 
TRP CD2 CE3  sing Y N 322 
TRP NE1 CE2  sing Y N 323 
TRP NE1 HE1  sing N N 324 
TRP CE2 CZ2  sing Y N 325 
TRP CE3 CZ3  doub Y N 326 
TRP CE3 HE3  sing N N 327 
TRP CZ2 CH2  doub Y N 328 
TRP CZ2 HZ2  sing N N 329 
TRP CZ3 CH2  sing Y N 330 
TRP CZ3 HZ3  sing N N 331 
TRP CH2 HH2  sing N N 332 
TRP OXT HXT  sing N N 333 
TYR N   CA   sing N N 334 
TYR N   H    sing N N 335 
TYR N   H2   sing N N 336 
TYR CA  C    sing N N 337 
TYR CA  CB   sing N N 338 
TYR CA  HA   sing N N 339 
TYR C   O    doub N N 340 
TYR C   OXT  sing N N 341 
TYR CB  CG   sing N N 342 
TYR CB  HB2  sing N N 343 
TYR CB  HB3  sing N N 344 
TYR CG  CD1  doub Y N 345 
TYR CG  CD2  sing Y N 346 
TYR CD1 CE1  sing Y N 347 
TYR CD1 HD1  sing N N 348 
TYR CD2 CE2  doub Y N 349 
TYR CD2 HD2  sing N N 350 
TYR CE1 CZ   doub Y N 351 
TYR CE1 HE1  sing N N 352 
TYR CE2 CZ   sing Y N 353 
TYR CE2 HE2  sing N N 354 
TYR CZ  OH   sing N N 355 
TYR OH  HH   sing N N 356 
TYR OXT HXT  sing N N 357 
VAL N   CA   sing N N 358 
VAL N   H    sing N N 359 
VAL N   H2   sing N N 360 
VAL CA  C    sing N N 361 
VAL CA  CB   sing N N 362 
VAL CA  HA   sing N N 363 
VAL C   O    doub N N 364 
VAL C   OXT  sing N N 365 
VAL CB  CG1  sing N N 366 
VAL CB  CG2  sing N N 367 
VAL CB  HB   sing N N 368 
VAL CG1 HG11 sing N N 369 
VAL CG1 HG12 sing N N 370 
VAL CG1 HG13 sing N N 371 
VAL CG2 HG21 sing N N 372 
VAL CG2 HG22 sing N N 373 
VAL CG2 HG23 sing N N 374 
VAL OXT HXT  sing N N 375 
# 
loop_
_pdbx_audit_support.funding_organization 
_pdbx_audit_support.country 
_pdbx_audit_support.grant_number 
_pdbx_audit_support.ordinal 
'Spanish Ministry of Science, Innovation, and Universities' Spain RYC-2011-09071       1 
'Spanish Ministry of Science, Innovation, and Universities' Spain BFU2014-53550-P      2 
'Spanish Ministry of Science, Innovation, and Universities' Spain BFU2017-83720-P      3 
'Spanish Ministry of Economy and Competitiveness'           Spain MDM-2014-0435        4 
'Spanish Ministry of Economy and Competitiveness'           Spain SEV-2015-0500        5 
'Spanish Ministry of Science, Innovation, and Universities' Spain RTI2018-097114-B-I00 6 
'Spanish Ministry of Science, Innovation, and Universities' Spain BFU2010-19597        7 
'Spanish Ministry of Science, Innovation, and Universities' Spain '8- CSD00C-08-41920' 8 
# 
_pdbx_initial_refinement_model.id               1 
_pdbx_initial_refinement_model.entity_id_list   ? 
_pdbx_initial_refinement_model.type             'experimental model' 
_pdbx_initial_refinement_model.source_name      PDB 
_pdbx_initial_refinement_model.accession_code   3DKX 
_pdbx_initial_refinement_model.details          ? 
# 
_atom_sites.entry_id                    8AMT 
_atom_sites.Cartn_transf_matrix[1][1]   ? 
_atom_sites.Cartn_transf_matrix[1][2]   ? 
_atom_sites.Cartn_transf_matrix[1][3]   ? 
_atom_sites.Cartn_transf_matrix[2][1]   ? 
_atom_sites.Cartn_transf_matrix[2][2]   ? 
_atom_sites.Cartn_transf_matrix[2][3]   ? 
_atom_sites.Cartn_transf_matrix[3][1]   ? 
_atom_sites.Cartn_transf_matrix[3][2]   ? 
_atom_sites.Cartn_transf_matrix[3][3]   ? 
_atom_sites.Cartn_transf_vector[1]      ? 
_atom_sites.Cartn_transf_vector[2]      ? 
_atom_sites.Cartn_transf_vector[3]      ? 
_atom_sites.fract_transf_matrix[1][1]   -0.01657916 
_atom_sites.fract_transf_matrix[1][2]   -0.01266564 
_atom_sites.fract_transf_matrix[1][3]   0.00841594 
_atom_sites.fract_transf_matrix[2][1]   -0.01151387 
_atom_sites.fract_transf_matrix[2][2]   0.00387982 
_atom_sites.fract_transf_matrix[2][3]   -0.01684303 
_atom_sites.fract_transf_matrix[3][1]   0.00524333 
_atom_sites.fract_transf_matrix[3][2]   -0.01091595 
_atom_sites.fract_transf_matrix[3][3]   -0.00609884 
_atom_sites.fract_transf_vector[1]      0.008653 
_atom_sites.fract_transf_vector[2]      -0.206535 
_atom_sites.fract_transf_vector[3]      -0.155729 
_atom_sites.solution_primary            ? 
_atom_sites.solution_secondary          ? 
_atom_sites.solution_hydrogens          ? 
_atom_sites.special_details             ? 
# 
loop_
_atom_type.symbol 
_atom_type.pdbx_scat_Z 
_atom_type.pdbx_N_electrons 
_atom_type.scat_Cromer_Mann_a1 
_atom_type.scat_Cromer_Mann_b1 
_atom_type.scat_Cromer_Mann_a2 
_atom_type.scat_Cromer_Mann_b2 
_atom_type.scat_Cromer_Mann_a3 
_atom_type.scat_Cromer_Mann_b3 
_atom_type.scat_Cromer_Mann_a4 
_atom_type.scat_Cromer_Mann_b4 
_atom_type.scat_Cromer_Mann_c 
C  6  6  2.310  20.844 1.020 10.208 1.589 0.569  0.865 51.651 0.216   
CL 17 17 11.460 0.010  7.196 1.166  6.255 18.519 1.645 47.778 -9.344  
H  1  1  0.493  10.511 0.323 26.126 0.140 3.142  0.041 57.800 0.003   
MN 25 25 11.285 5.341  7.360 0.343  3.020 17.867 2.245 83.754 1.380   
N  7  7  12.222 0.006  3.135 9.893  2.014 28.997 1.167 0.583  -11.538 
O  8  8  3.049  13.277 2.287 5.701  1.546 0.324  0.867 32.909 0.251   
S  16 16 6.905  1.468  5.203 22.215 1.438 0.254  1.586 56.172 1.050   
# 
loop_
_atom_site.group_PDB 
_atom_site.id 
_atom_site.type_symbol 
_atom_site.label_atom_id 
_atom_site.label_alt_id 
_atom_site.label_comp_id 
_atom_site.label_asym_id 
_atom_site.label_entity_id 
_atom_site.label_seq_id 
_atom_site.pdbx_PDB_ins_code 
_atom_site.Cartn_x 
_atom_site.Cartn_y 
_atom_site.Cartn_z 
_atom_site.occupancy 
_atom_site.B_iso_or_equiv 
_atom_site.pdbx_formal_charge 
_atom_site.auth_seq_id 
_atom_site.auth_comp_id 
_atom_site.auth_asym_id 
_atom_site.auth_atom_id 
_atom_site.pdbx_PDB_model_num 
ATOM   1    N  N   . GLU A 1 4   ? 2.925   17.567  11.294  1.000 37.707 0 4   GLU AAA N   1 
ATOM   2    C  CA  . GLU A 1 4   ? 2.079   16.316  11.432  1.000 35.251 0 4   GLU AAA CA  1 
ATOM   3    C  C   . GLU A 1 4   ? 1.148   16.118  10.208  1.000 28.640 0 4   GLU AAA C   1 
ATOM   4    O  O   . GLU A 1 4   ? 0.227   15.230  10.300  1.000 26.737 0 4   GLU AAA O   1 
ATOM   5    C  CB  . GLU A 1 4   ? 1.337   16.385  12.772  1.000 40.422 0 4   GLU AAA CB  1 
ATOM   6    C  CG  . GLU A 1 4   ? -0.045  17.007  12.719  1.000 42.885 0 4   GLU AAA CG  1 
ATOM   7    C  CD  . GLU A 1 4   ? -0.187  18.401  12.140  1.000 46.361 0 4   GLU AAA CD  1 
ATOM   8    O  OE1 . GLU A 1 4   ? 0.743   18.880  11.450  1.000 39.689 0 4   GLU AAA OE1 1 
ATOM   9    O  OE2 . GLU A 1 4   ? -1.255  19.009  12.376  1.000 58.056 0 4   GLU AAA OE2 1 
ATOM   10   N  N   . LYS A 1 5   ? 1.337   16.878  9.118   1.000 23.886 0 5   LYS AAA N   1 
ATOM   11   C  CA  . LYS A 1 5   ? 0.661   16.601  7.809   1.000 18.462 0 5   LYS AAA CA  1 
ATOM   12   C  C   . LYS A 1 5   ? 1.681   16.209  6.743   1.000 16.887 0 5   LYS AAA C   1 
ATOM   13   O  O   . LYS A 1 5   ? 2.884   16.570  6.795   1.000 16.566 0 5   LYS AAA O   1 
ATOM   14   C  CB  . LYS A 1 5   ? -0.183  17.782  7.305   1.000 16.943 0 5   LYS AAA CB  1 
ATOM   15   C  CG  . LYS A 1 5   ? -1.345  18.162  8.199   1.000 18.254 0 5   LYS AAA CG  1 
ATOM   16   C  CD  . LYS A 1 5   ? -2.230  19.225  7.672   1.000 20.648 0 5   LYS AAA CD  1 
ATOM   17   C  CE  . LYS A 1 5   ? -3.331  19.529  8.661   1.000 24.071 0 5   LYS AAA CE  1 
ATOM   18   N  NZ  . LYS A 1 5   ? -4.137  20.685  8.204   1.000 28.289 0 5   LYS AAA NZ  1 
ATOM   19   N  N   . ALA A 1 6   ? 1.221   15.481  5.719   1.000 12.173 0 6   ALA AAA N   1 
ATOM   20   C  CA  . ALA A 1 6   ? 2.055   14.970  4.622   1.000 10.572 0 6   ALA AAA CA  1 
ATOM   21   C  C   . ALA A 1 6   ? 1.179   14.708  3.400   1.000 9.058  0 6   ALA AAA C   1 
ATOM   22   O  O   . ALA A 1 6   ? -0.042  14.780  3.524   1.000 9.512  0 6   ALA AAA O   1 
ATOM   23   C  CB  . ALA A 1 6   ? 2.697   13.653  5.024   1.000 11.304 0 6   ALA AAA CB  1 
ATOM   24   N  N   A ARG A 1 7   ? 1.775   14.488  2.218   0.400 8.828  0 7   ARG AAA N   1 
ATOM   25   N  N   B ARG A 1 7   ? 1.846   14.453  2.269   0.300 9.129  0 7   ARG AAA N   1 
ATOM   26   N  N   C ARG A 1 7   ? 1.831   14.433  2.270   0.300 9.559  0 7   ARG AAA N   1 
ATOM   27   C  CA  A ARG A 1 7   ? 0.956   14.160  1.023   0.400 8.754  0 7   ARG AAA CA  1 
ATOM   28   C  CA  B ARG A 1 7   ? 1.218   14.264  0.942   0.300 9.058  0 7   ARG AAA CA  1 
ATOM   29   C  CA  C ARG A 1 7   ? 1.168   14.243  0.964   0.300 9.753  0 7   ARG AAA CA  1 
ATOM   30   C  C   A ARG A 1 7   ? 1.020   12.668  0.690   0.400 8.062  0 7   ARG AAA C   1 
ATOM   31   C  C   B ARG A 1 7   ? 1.180   12.783  0.546   0.300 8.352  0 7   ARG AAA C   1 
ATOM   32   C  C   C ARG A 1 7   ? 1.150   12.762  0.568   0.300 8.721  0 7   ARG AAA C   1 
ATOM   33   O  O   A ARG A 1 7   ? 0.041   12.183  0.058   0.400 7.832  0 7   ARG AAA O   1 
ATOM   34   O  O   B ARG A 1 7   ? 0.347   12.434  -0.278  0.300 7.839  0 7   ARG AAA O   1 
ATOM   35   O  O   C ARG A 1 7   ? 0.267   12.380  -0.200  0.300 8.269  0 7   ARG AAA O   1 
ATOM   36   C  CB  A ARG A 1 7   ? 1.330   14.938  -0.239  0.400 9.317  0 7   ARG AAA CB  1 
ATOM   37   C  CB  B ARG A 1 7   ? 1.962   15.059  -0.131  0.300 10.381 0 7   ARG AAA CB  1 
ATOM   38   C  CB  C ARG A 1 7   ? 1.865   15.113  -0.078  0.300 11.721 0 7   ARG AAA CB  1 
ATOM   39   C  CG  A ARG A 1 7   ? 0.927   16.408  -0.205  0.400 10.404 0 7   ARG AAA CG  1 
ATOM   40   C  CG  B ARG A 1 7   ? 1.763   16.562  -0.003  0.300 11.090 0 7   ARG AAA CG  1 
ATOM   41   C  CG  C ARG A 1 7   ? 1.862   16.583  0.320   0.300 13.078 0 7   ARG AAA CG  1 
ATOM   42   C  CD  A ARG A 1 7   ? 1.290   16.926  -1.574  0.400 10.678 0 7   ARG AAA CD  1 
ATOM   43   C  CD  B ARG A 1 7   ? 2.595   17.338  -1.000  0.300 11.562 0 7   ARG AAA CD  1 
ATOM   44   C  CD  C ARG A 1 7   ? 2.756   17.439  -0.553  0.300 14.199 0 7   ARG AAA CD  1 
ATOM   45   N  NE  A ARG A 1 7   ? 0.371   16.559  -2.640  0.400 10.446 0 7   ARG AAA NE  1 
ATOM   46   N  NE  B ARG A 1 7   ? 2.576   18.778  -0.771  0.300 12.560 0 7   ARG AAA NE  1 
ATOM   47   N  NE  C ARG A 1 7   ? 4.066   17.886  -0.058  0.300 15.669 0 7   ARG AAA NE  1 
ATOM   48   C  CZ  A ARG A 1 7   ? 0.709   16.183  -3.866  0.400 11.857 0 7   ARG AAA CZ  1 
ATOM   49   C  CZ  B ARG A 1 7   ? 1.662   19.583  -1.293  0.300 12.768 0 7   ARG AAA CZ  1 
ATOM   50   C  CZ  C ARG A 1 7   ? 4.437   18.249  1.183   0.300 15.238 0 7   ARG AAA CZ  1 
ATOM   51   N  NH1 A ARG A 1 7   ? 1.965   16.029  -4.217  0.400 16.233 0 7   ARG AAA NH1 1 
ATOM   52   N  NH1 B ARG A 1 7   ? 0.691   19.066  -2.016  0.300 13.141 0 7   ARG AAA NH1 1 
ATOM   53   N  NH1 C ARG A 1 7   ? 5.686   18.633  1.365   0.300 18.099 0 7   ARG AAA NH1 1 
ATOM   54   N  NH2 A ARG A 1 7   ? -0.202  15.973  -4.789  0.400 13.710 0 7   ARG AAA NH2 1 
ATOM   55   N  NH2 B ARG A 1 7   ? 1.692   20.883  -1.066  0.300 13.268 0 7   ARG AAA NH2 1 
ATOM   56   N  NH2 C ARG A 1 7   ? 3.638   18.218  2.232   0.300 16.209 0 7   ARG AAA NH2 1 
ATOM   57   N  N   . TYR A 1 8   ? 2.111   11.965  1.028   1.000 7.567  0 8   TYR AAA N   1 
ATOM   58   C  CA  . TYR A 1 8   ? 2.289   10.588  0.507   1.000 7.123  0 8   TYR AAA CA  1 
ATOM   59   C  C   . TYR A 1 8   ? 2.107   9.601   1.643   1.000 6.677  0 8   TYR AAA C   1 
ATOM   60   O  O   . TYR A 1 8   ? 2.634   9.813   2.744   1.000 6.908  0 8   TYR AAA O   1 
ATOM   61   C  CB  . TYR A 1 8   ? 3.636   10.369  -0.172  1.000 7.878  0 8   TYR AAA CB  1 
ATOM   62   C  CG  . TYR A 1 8   ? 4.072   11.420  -1.180  1.000 9.979  0 8   TYR AAA CG  1 
ATOM   63   C  CD1 . TYR A 1 8   ? 3.165   12.010  -2.018  1.000 11.579 0 8   TYR AAA CD1 1 
ATOM   64   C  CD2 . TYR A 1 8   ? 5.395   11.766  -1.286  1.000 12.340 0 8   TYR AAA CD2 1 
ATOM   65   C  CE1 . TYR A 1 8   ? 3.553   12.975  -2.934  1.000 12.612 0 8   TYR AAA CE1 1 
ATOM   66   C  CE2 . TYR A 1 8   ? 5.813   12.661  -2.262  1.000 13.972 0 8   TYR AAA CE2 1 
ATOM   67   C  CZ  . TYR A 1 8   ? 4.877   13.259  -3.074  1.000 16.056 0 8   TYR AAA CZ  1 
ATOM   68   O  OH  . TYR A 1 8   ? 5.268   14.181  -4.022  1.000 18.033 0 8   TYR AAA OH  1 
ATOM   69   N  N   . PHE A 1 9   ? 1.331   8.550   1.389   1.000 5.586  0 9   PHE AAA N   1 
ATOM   70   C  CA  . PHE A 1 9   ? 0.918   7.590   2.430   1.000 5.766  0 9   PHE AAA CA  1 
ATOM   71   C  C   . PHE A 1 9   ? 0.901   6.179   1.872   1.000 5.667  0 9   PHE AAA C   1 
ATOM   72   O  O   . PHE A 1 9   ? 0.822   5.948   0.685   1.000 5.340  0 9   PHE AAA O   1 
ATOM   73   C  CB  . PHE A 1 9   ? -0.480  7.894   2.961   1.000 5.586  0 9   PHE AAA CB  1 
ATOM   74   C  CG  . PHE A 1 9   ? -0.580  9.298   3.521   1.000 5.641  0 9   PHE AAA CG  1 
ATOM   75   C  CD1 . PHE A 1 9   ? -0.927  10.370  2.728   1.000 6.644  0 9   PHE AAA CD1 1 
ATOM   76   C  CD2 . PHE A 1 9   ? -0.337  9.503   4.877   1.000 6.175  0 9   PHE AAA CD2 1 
ATOM   77   C  CE1 . PHE A 1 9   ? -1.020  11.632  3.288   1.000 6.725  0 9   PHE AAA CE1 1 
ATOM   78   C  CE2 . PHE A 1 9   ? -0.409  10.764  5.420   1.000 6.967  0 9   PHE AAA CE2 1 
ATOM   79   C  CZ  . PHE A 1 9   ? -0.749  11.829  4.627   1.000 6.827  0 9   PHE AAA CZ  1 
ATOM   80   N  N   . THR A 1 10  ? 0.990   5.227   2.782   1.000 5.510  0 10  THR AAA N   1 
ATOM   81   C  CA  . THR A 1 10  ? 0.817   3.812   2.405   1.000 5.808  0 10  THR AAA CA  1 
ATOM   82   C  C   . THR A 1 10  ? 0.026   3.076   3.449   1.000 5.800  0 10  THR AAA C   1 
ATOM   83   O  O   . THR A 1 10  ? 0.028   3.415   4.641   1.000 6.106  0 10  THR AAA O   1 
ATOM   84   C  CB  . THR A 1 10  ? 2.174   3.167   2.071   1.000 6.395  0 10  THR AAA CB  1 
ATOM   85   O  OG1 . THR A 1 10  ? 1.941   1.889   1.442   1.000 7.942  0 10  THR AAA OG1 1 
ATOM   86   C  CG2 . THR A 1 10  ? 3.082   3.009   3.279   1.000 7.219  0 10  THR AAA CG2 1 
ATOM   87   N  N   . PHE A 1 11  ? -0.658  2.036   3.001   1.000 6.156  0 11  PHE AAA N   1 
ATOM   88   C  CA  . PHE A 1 11  ? -1.415  1.194   3.929   1.000 6.523  0 11  PHE AAA CA  1 
ATOM   89   C  C   . PHE A 1 11  ? -1.575  -0.182  3.310   1.000 6.546  0 11  PHE AAA C   1 
ATOM   90   O  O   . PHE A 1 11  ? -1.364  -0.364  2.086   1.000 7.248  0 11  PHE AAA O   1 
ATOM   91   C  CB  . PHE A 1 11  ? -2.753  1.795   4.315   1.000 6.650  0 11  PHE AAA CB  1 
ATOM   92   C  CG  . PHE A 1 11  ? -3.646  2.206   3.176   1.000 6.623  0 11  PHE AAA CG  1 
ATOM   93   C  CD1 . PHE A 1 11  ? -4.534  1.297   2.597   1.000 6.994  0 11  PHE AAA CD1 1 
ATOM   94   C  CD2 . PHE A 1 11  ? -3.615  3.499   2.686   1.000 7.357  0 11  PHE AAA CD2 1 
ATOM   95   C  CE1 . PHE A 1 11  ? -5.398  1.701   1.601   1.000 7.283  0 11  PHE AAA CE1 1 
ATOM   96   C  CE2 . PHE A 1 11  ? -4.463  3.874   1.663   1.000 7.288  0 11  PHE AAA CE2 1 
ATOM   97   C  CZ  . PHE A 1 11  ? -5.315  2.980   1.086   1.000 7.873  0 11  PHE AAA CZ  1 
ATOM   98   N  N   . LEU A 1 12  ? -1.940  -1.130  4.160   1.000 7.034  0 12  LEU AAA N   1 
ATOM   99   C  CA  . LEU A 1 12  ? -2.108  -2.549  3.780   1.000 7.668  0 12  LEU AAA CA  1 
ATOM   100  C  C   . LEU A 1 12  ? -3.597  -2.894  3.778   1.000 7.358  0 12  LEU AAA C   1 
ATOM   101  O  O   . LEU A 1 12  ? -4.340  -2.452  4.706   1.000 8.731  0 12  LEU AAA O   1 
ATOM   102  C  CB  . LEU A 1 12  ? -1.343  -3.479  4.715   1.000 9.510  0 12  LEU AAA CB  1 
ATOM   103  C  CG  . LEU A 1 12  ? 0.152   -3.620  4.408   1.000 11.481 0 12  LEU AAA CG  1 
ATOM   104  C  CD1 . LEU A 1 12  ? 0.907   -2.351  4.694   1.000 14.204 0 12  LEU AAA CD1 1 
ATOM   105  C  CD2 . LEU A 1 12  ? 0.703   -4.840  5.153   1.000 14.111 0 12  LEU AAA CD2 1 
ATOM   106  N  N   . LEU A 1 13  ? -4.032  -3.682  2.806   1.000 6.372  0 13  LEU AAA N   1 
ATOM   107  C  CA  . LEU A 1 13  ? -5.412  -4.234  2.759   1.000 6.814  0 13  LEU AAA CA  1 
ATOM   108  C  C   . LEU A 1 13  ? -5.318  -5.752  2.702   1.000 7.037  0 13  LEU AAA C   1 
ATOM   109  O  O   . LEU A 1 13  ? -4.503  -6.306  1.948   1.000 7.609  0 13  LEU AAA O   1 
ATOM   110  C  CB  . LEU A 1 13  ? -6.150  -3.685  1.544   1.000 7.317  0 13  LEU AAA CB  1 
ATOM   111  C  CG  . LEU A 1 13  ? -6.372  -2.172  1.497   1.000 7.856  0 13  LEU AAA CG  1 
ATOM   112  C  CD1 . LEU A 1 13  ? -7.033  -1.817  0.170   1.000 8.743  0 13  LEU AAA CD1 1 
ATOM   113  C  CD2 . LEU A 1 13  ? -7.171  -1.686  2.696   1.000 8.713  0 13  LEU AAA CD2 1 
ATOM   114  N  N   . TYR A 1 14  ? -6.198  -6.412  3.459   1.000 7.714  0 14  TYR AAA N   1 
ATOM   115  C  CA  . TYR A 1 14  ? -6.198  -7.889  3.519   1.000 8.539  0 14  TYR AAA CA  1 
ATOM   116  C  C   . TYR A 1 14  ? -7.536  -8.382  2.978   1.000 8.919  0 14  TYR AAA C   1 
ATOM   117  O  O   . TYR A 1 14  ? -8.589  -7.875  3.420   1.000 9.446  0 14  TYR AAA O   1 
ATOM   118  C  CB  . TYR A 1 14  ? -6.067  -8.299  4.960   1.000 9.008  0 14  TYR AAA CB  1 
ATOM   119  C  CG  . TYR A 1 14  ? -4.762  -7.970  5.593   1.000 8.944  0 14  TYR AAA CG  1 
ATOM   120  C  CD1 . TYR A 1 14  ? -4.497  -6.685  6.081   1.000 10.460 0 14  TYR AAA CD1 1 
ATOM   121  C  CD2 . TYR A 1 14  ? -3.733  -8.902  5.615   1.000 8.905  0 14  TYR AAA CD2 1 
ATOM   122  C  CE1 . TYR A 1 14  ? -3.268  -6.391  6.659   1.000 11.831 0 14  TYR AAA CE1 1 
ATOM   123  C  CE2 . TYR A 1 14  ? -2.509  -8.631  6.203   1.000 10.028 0 14  TYR AAA CE2 1 
ATOM   124  C  CZ  . TYR A 1 14  ? -2.272  -7.344  6.666   1.000 12.316 0 14  TYR AAA CZ  1 
ATOM   125  O  OH  . TYR A 1 14  ? -1.079  -7.031  7.272   1.000 16.731 0 14  TYR AAA OH  1 
ATOM   126  N  N   . PRO A 1 15  ? -7.514  -9.368  2.068   1.000 10.071 0 15  PRO AAA N   1 
ATOM   127  C  CA  . PRO A 1 15  ? -8.762  -9.921  1.510   1.000 12.204 0 15  PRO AAA CA  1 
ATOM   128  C  C   . PRO A 1 15  ? -9.893  -10.224 2.498   1.000 12.322 0 15  PRO AAA C   1 
ATOM   129  O  O   . PRO A 1 15  ? -11.047 -9.874  2.170   1.000 14.513 0 15  PRO AAA O   1 
ATOM   130  C  CB  . PRO A 1 15  ? -8.259  -11.190 0.828   1.000 13.133 0 15  PRO AAA CB  1 
ATOM   131  C  CG  . PRO A 1 15  ? -6.889  -10.775 0.327   1.000 11.697 0 15  PRO AAA CG  1 
ATOM   132  C  CD  . PRO A 1 15  ? -6.309  -9.924  1.448   1.000 11.176 0 15  PRO AAA CD  1 
ATOM   133  N  N   . GLU A 1 16  ? -9.598  -10.820 3.648   1.000 14.576 0 16  GLU AAA N   1 
ATOM   134  C  CA  . GLU A 1 16  ? -10.685 -11.215 4.600   1.000 15.362 0 16  GLU AAA CA  1 
ATOM   135  C  C   . GLU A 1 16  ? -11.450 -10.012 5.129   1.000 17.368 0 16  GLU AAA C   1 
ATOM   136  O  O   . GLU A 1 16  ? -12.584 -10.211 5.650   1.000 17.954 0 16  GLU AAA O   1 
ATOM   137  C  CB  . GLU A 1 16  ? -10.145 -11.964 5.810   1.000 17.218 0 16  GLU AAA CB  1 
ATOM   138  C  CG  . GLU A 1 16  ? -9.337  -11.116 6.766   1.000 19.169 0 16  GLU AAA CG  1 
ATOM   139  C  CD  . GLU A 1 16  ? -8.468  -11.971 7.678   1.000 26.822 0 16  GLU AAA CD  1 
ATOM   140  O  OE1 . GLU A 1 16  ? -8.629  -11.889 8.931   1.000 29.806 0 16  GLU AAA OE1 1 
ATOM   141  O  OE2 . GLU A 1 16  ? -7.660  -12.736 7.137   1.000 19.986 0 16  GLU AAA OE2 1 
ATOM   142  N  N   . SER A 1 17  ? -10.876 -8.802  5.127   1.000 13.704 0 17  SER AAA N   1 
ATOM   143  C  CA  . SER A 1 17  ? -11.479 -7.643  5.821   1.000 13.627 0 17  SER AAA CA  1 
ATOM   144  C  C   . SER A 1 17  ? -11.815 -6.503  4.865   1.000 12.749 0 17  SER AAA C   1 
ATOM   145  O  O   . SER A 1 17  ? -12.147 -5.447  5.386   1.000 13.924 0 17  SER AAA O   1 
ATOM   146  C  CB  . SER A 1 17  ? -10.661 -7.243  6.933   1.000 17.169 0 17  SER AAA CB  1 
ATOM   147  O  OG  . SER A 1 17  ? -9.330  -7.085  6.539   1.000 18.808 0 17  SER AAA OG  1 
ATOM   148  N  N   . ILE A 1 18  ? -11.806 -6.771  3.575   1.000 11.244 0 18  ILE AAA N   1 
ATOM   149  C  CA  . ILE A 1 18  ? -12.236 -5.794  2.535   1.000 11.529 0 18  ILE AAA CA  1 
ATOM   150  C  C   . ILE A 1 18  ? -13.405 -6.386  1.774   1.000 11.514 0 18  ILE AAA C   1 
ATOM   151  O  O   . ILE A 1 18  ? -13.446 -7.611  1.524   1.000 12.109 0 18  ILE AAA O   1 
ATOM   152  C  CB  . ILE A 1 18  ? -11.032 -5.359  1.651   1.000 12.775 0 18  ILE AAA CB  1 
ATOM   153  C  CG1 . ILE A 1 18  ? -10.430 -6.522  0.869   1.000 12.378 0 18  ILE AAA CG1 1 
ATOM   154  C  CG2 . ILE A 1 18  ? -10.022 -4.641  2.531   1.000 13.270 0 18  ILE AAA CG2 1 
ATOM   155  C  CD1 . ILE A 1 18  ? -9.117  -6.209  0.190   1.000 13.972 0 18  ILE AAA CD1 1 
ATOM   156  N  N   . PRO A 1 19  ? -14.308 -5.529  1.242   1.000 12.475 0 19  PRO AAA N   1 
ATOM   157  C  CA  . PRO A 1 19  ? -15.409 -6.016  0.432   1.000 13.599 0 19  PRO AAA CA  1 
ATOM   158  C  C   . PRO A 1 19  ? -14.894 -6.547  -0.910  1.000 14.876 0 19  PRO AAA C   1 
ATOM   159  O  O   . PRO A 1 19  ? -13.810 -6.177  -1.324  1.000 14.356 0 19  PRO AAA O   1 
ATOM   160  C  CB  . PRO A 1 19  ? -16.352 -4.814  0.306   1.000 14.363 0 19  PRO AAA CB  1 
ATOM   161  C  CG  . PRO A 1 19  ? -15.459 -3.593  0.476   1.000 13.443 0 19  PRO AAA CG  1 
ATOM   162  C  CD  . PRO A 1 19  ? -14.338 -4.061  1.381   1.000 12.094 0 19  PRO AAA CD  1 
ATOM   163  N  N   . SER A 1 20  ? -15.604 -7.478  -1.551  1.000 16.895 0 20  SER AAA N   1 
ATOM   164  C  CA  . SER A 1 20  ? -15.147 -8.052  -2.830  1.000 19.563 0 20  SER AAA CA  1 
ATOM   165  C  C   . SER A 1 20  ? -14.936 -6.958  -3.890  1.000 16.618 0 20  SER AAA C   1 
ATOM   166  O  O   . SER A 1 20  ? -14.058 -7.168  -4.731  1.000 18.877 0 20  SER AAA O   1 
ATOM   167  C  CB  . SER A 1 20  ? -16.061 -9.126  -3.351  1.000 24.048 0 20  SER AAA CB  1 
ATOM   168  O  OG  . SER A 1 20  ? -17.339 -8.599  -3.570  1.000 30.565 0 20  SER AAA OG  1 
ATOM   169  N  N   . ASP A 1 21  ? -15.654 -5.831  -3.795  1.000 16.002 0 21  ASP AAA N   1 
ATOM   170  C  CA  . ASP A 1 21  ? -15.551 -4.734  -4.793  1.000 15.484 0 21  ASP AAA CA  1 
ATOM   171  C  C   . ASP A 1 21  ? -14.646 -3.615  -4.280  1.000 13.464 0 21  ASP AAA C   1 
ATOM   172  O  O   . ASP A 1 21  ? -14.811 -2.467  -4.696  1.000 12.519 0 21  ASP AAA O   1 
ATOM   173  C  CB  . ASP A 1 21  ? -16.932 -4.184  -5.105  1.000 17.378 0 21  ASP AAA CB  1 
ATOM   174  C  CG  . ASP A 1 21  ? -17.716 -3.683  -3.930  1.000 19.036 0 21  ASP AAA CG  1 
ATOM   175  O  OD1 . ASP A 1 21  ? -17.234 -3.769  -2.770  1.000 18.177 0 21  ASP AAA OD1 1 
ATOM   176  O  OD2 . ASP A 1 21  ? -18.790 -3.099  -4.193  1.000 23.236 0 21  ASP AAA OD2 1 
ATOM   177  N  N   . TRP A 1 22  ? -13.685 -3.960  -3.437  1.000 11.600 0 22  TRP AAA N   1 
ATOM   178  C  CA  . TRP A 1 22  ? -12.753 -2.953  -2.885  1.000 10.531 0 22  TRP AAA CA  1 
ATOM   179  C  C   . TRP A 1 22  ? -12.033 -2.165  -3.963  1.000 8.883  0 22  TRP AAA C   1 
ATOM   180  O  O   . TRP A 1 22  ? -11.851 -0.951  -3.741  1.000 8.493  0 22  TRP AAA O   1 
ATOM   181  C  CB  . TRP A 1 22  ? -11.764 -3.593  -1.936  1.000 10.842 0 22  TRP AAA CB  1 
ATOM   182  C  CG  . TRP A 1 22  ? -10.801 -4.557  -2.535  1.000 10.677 0 22  TRP AAA CG  1 
ATOM   183  C  CD1 . TRP A 1 22  ? -10.952 -5.910  -2.700  1.000 12.544 0 22  TRP AAA CD1 1 
ATOM   184  C  CD2 . TRP A 1 22  ? -9.492  -4.231  -3.021  1.000 10.504 0 22  TRP AAA CD2 1 
ATOM   185  N  NE1 . TRP A 1 22  ? -9.824  -6.442  -3.269  1.000 12.811 0 22  TRP AAA NE1 1 
ATOM   186  C  CE2 . TRP A 1 22  ? -8.889  -5.450  -3.405  1.000 12.526 0 22  TRP AAA CE2 1 
ATOM   187  C  CE3 . TRP A 1 22  ? -8.757  -3.049  -3.077  1.000 11.338 0 22  TRP AAA CE3 1 
ATOM   188  C  CZ2 . TRP A 1 22  ? -7.618  -5.490  -3.968  1.000 13.651 0 22  TRP AAA CZ2 1 
ATOM   189  C  CZ3 . TRP A 1 22  ? -7.482  -3.088  -3.592  1.000 11.691 0 22  TRP AAA CZ3 1 
ATOM   190  C  CH2 . TRP A 1 22  ? -6.925  -4.307  -4.010  1.000 13.442 0 22  TRP AAA CH2 1 
ATOM   191  N  N   . GLU A 1 23  ? -11.635 -2.767  -5.046  1.000 9.925  0 23  GLU AAA N   1 
ATOM   192  C  CA  . GLU A 1 23  ? -10.797 -2.056  -6.010  1.000 10.235 0 23  GLU AAA CA  1 
ATOM   193  C  C   . GLU A 1 23  ? -11.679 -1.022  -6.702  1.000 9.606  0 23  GLU AAA C   1 
ATOM   194  O  O   . GLU A 1 23  ? -11.271 0.142   -6.865  1.000 9.761  0 23  GLU AAA O   1 
ATOM   195  C  CB  . GLU A 1 23  ? -10.080 -3.019  -6.955  1.000 11.907 0 23  GLU AAA CB  1 
ATOM   196  C  CG  . GLU A 1 23  ? -9.029  -2.340  -7.819  1.000 13.940 0 23  GLU AAA CG  1 
ATOM   197  C  CD  . GLU A 1 23  ? -9.497  -1.466  -8.960  1.000 14.839 0 23  GLU AAA CD  1 
ATOM   198  O  OE1 . GLU A 1 23  ? -10.647 -1.669  -9.453  1.000 19.223 0 23  GLU AAA OE1 1 
ATOM   199  O  OE2 . GLU A 1 23  ? -8.704  -0.542  -9.370  1.000 18.515 0 23  GLU AAA OE2 1 
ATOM   200  N  N   . LEU A 1 24  ? -12.896 -1.388  -7.105  1.000 11.236 0 24  LEU AAA N   1 
ATOM   201  C  CA  . LEU A 1 24  ? -13.810 -0.442  -7.761  1.000 11.873 0 24  LEU AAA CA  1 
ATOM   202  C  C   . LEU A 1 24  ? -14.145 0.666   -6.768  1.000 10.184 0 24  LEU AAA C   1 
ATOM   203  O  O   . LEU A 1 24  ? -14.269 1.815   -7.143  1.000 9.915  0 24  LEU AAA O   1 
ATOM   204  C  CB  . LEU A 1 24  ? -15.046 -1.253  -8.141  1.000 16.804 0 24  LEU AAA CB  1 
ATOM   205  C  CG  . LEU A 1 24  ? -15.958 -0.675  -9.200  1.000 22.139 0 24  LEU AAA CG  1 
ATOM   206  C  CD1 . LEU A 1 24  ? -15.212 -0.409  -10.494 1.000 21.651 0 24  LEU AAA CD1 1 
ATOM   207  C  CD2 . LEU A 1 24  ? -17.076 -1.679  -9.425  1.000 24.062 0 24  LEU AAA CD2 1 
ATOM   208  N  N   . LYS A 1 25  ? -14.253 0.388   -5.464  1.000 9.250  0 25  LYS AAA N   1 
ATOM   209  C  CA  . LYS A 1 25  ? -14.495 1.446   -4.483  1.000 8.619  0 25  LYS AAA CA  1 
ATOM   210  C  C   . LYS A 1 25  ? -13.298 2.384   -4.404  1.000 7.911  0 25  LYS AAA C   1 
ATOM   211  O  O   . LYS A 1 25  ? -13.446 3.616   -4.381  1.000 8.072  0 25  LYS AAA O   1 
ATOM   212  C  CB  . LYS A 1 25  ? -14.804 0.824   -3.106  1.000 9.383  0 25  LYS AAA CB  1 
ATOM   213  C  CG  . LYS A 1 25  ? -16.274 0.315   -3.052  1.000 11.258 0 25  LYS AAA CG  1 
ATOM   214  C  CD  . LYS A 1 25  ? -16.686 -0.467  -1.874  1.000 14.236 0 25  LYS AAA CD  1 
ATOM   215  C  CE  . LYS A 1 25  ? -18.205 -0.683  -1.907  1.000 16.399 0 25  LYS AAA CE  1 
ATOM   216  N  NZ  . LYS A 1 25  ? -18.586 -1.777  -0.983  1.000 18.982 0 25  LYS AAA NZ  1 
ATOM   217  N  N   . LEU A 1 26  ? -12.073 1.885   -4.402  1.000 7.549  0 26  LEU AAA N   1 
ATOM   218  C  CA  . LEU A 1 26  ? -10.921 2.829   -4.457  1.000 7.339  0 26  LEU AAA CA  1 
ATOM   219  C  C   . LEU A 1 26  ? -10.964 3.683   -5.723  1.000 7.101  0 26  LEU AAA C   1 
ATOM   220  O  O   . LEU A 1 26  ? -10.549 4.854   -5.667  1.000 7.636  0 26  LEU AAA O   1 
ATOM   221  C  CB  . LEU A 1 26  ? -9.582  2.063   -4.377  1.000 7.696  0 26  LEU AAA CB  1 
ATOM   222  C  CG  . LEU A 1 26  ? -9.262  1.402   -3.042  1.000 7.911  0 26  LEU AAA CG  1 
ATOM   223  C  CD1 . LEU A 1 26  ? -7.968  0.608   -3.211  1.000 9.363  0 26  LEU AAA CD1 1 
ATOM   224  C  CD2 . LEU A 1 26  ? -9.115  2.408   -1.960  1.000 7.501  0 26  LEU AAA CD2 1 
ATOM   225  N  N   . GLU A 1 27  ? -11.468 3.120   -6.815  1.000 8.325  0 27  GLU AAA N   1 
ATOM   226  C  CA  . GLU A 1 27  ? -11.592 3.828   -8.099  1.000 8.001  0 27  GLU AAA CA  1 
ATOM   227  C  C   . GLU A 1 27  ? -12.575 4.990   -7.996  1.000 7.793  0 27  GLU AAA C   1 
ATOM   228  O  O   . GLU A 1 27  ? -12.558 5.861   -8.914  1.000 7.546  0 27  GLU AAA O   1 
ATOM   229  C  CB  . GLU A 1 27  ? -11.949 2.904   -9.259  1.000 8.564  0 27  GLU AAA CB  1 
ATOM   230  C  CG  . GLU A 1 27  ? -10.826 1.932   -9.562  1.000 11.052 0 27  GLU AAA CG  1 
ATOM   231  C  CD  . GLU A 1 27  ? -10.312 1.895   -10.955 1.000 17.953 0 27  GLU AAA CD  1 
ATOM   232  O  OE1 . GLU A 1 27  ? -10.658 2.821   -11.778 1.000 17.267 0 27  GLU AAA OE1 1 
ATOM   233  O  OE2 . GLU A 1 27  ? -9.534  0.938   -11.214 1.000 24.775 0 27  GLU AAA OE2 1 
ATOM   234  N  N   . THR A 1 28  ? -13.389 5.090   -6.964  1.000 7.380  0 28  THR AAA N   1 
ATOM   235  C  CA  . THR A 1 28  ? -14.278 6.246   -6.752  1.000 6.941  0 28  THR AAA CA  1 
ATOM   236  C  C   . THR A 1 28  ? -13.575 7.413   -6.086  1.000 7.528  0 28  THR AAA C   1 
ATOM   237  O  O   . THR A 1 28  ? -14.081 8.546   -6.137  1.000 9.086  0 28  THR AAA O   1 
ATOM   238  C  CB  . THR A 1 28  ? -15.524 5.893   -5.929  1.000 7.426  0 28  THR AAA CB  1 
ATOM   239  O  OG1 . THR A 1 28  ? -15.172 5.690   -4.549  1.000 8.833  0 28  THR AAA OG1 1 
ATOM   240  C  CG2 . THR A 1 28  ? -16.225 4.686   -6.459  1.000 7.898  0 28  THR AAA CG2 1 
ATOM   241  N  N   . LEU A 1 29  ? -12.396 7.192   -5.518  1.000 7.054  0 29  LEU AAA N   1 
ATOM   242  C  CA  . LEU A 1 29  ? -11.686 8.297   -4.872  1.000 7.842  0 29  LEU AAA CA  1 
ATOM   243  C  C   . LEU A 1 29  ? -11.093 9.205   -5.931  1.000 8.240  0 29  LEU AAA C   1 
ATOM   244  O  O   . LEU A 1 29  ? -11.003 8.819   -7.126  1.000 10.103 0 29  LEU AAA O   1 
ATOM   245  C  CB  . LEU A 1 29  ? -10.574 7.763   -3.956  1.000 8.884  0 29  LEU AAA CB  1 
ATOM   246  C  CG  . LEU A 1 29  ? -11.068 6.892   -2.830  1.000 9.324  0 29  LEU AAA CG  1 
ATOM   247  C  CD1 . LEU A 1 29  ? -9.873  6.471   -1.967  1.000 10.325 0 29  LEU AAA CD1 1 
ATOM   248  C  CD2 . LEU A 1 29  ? -12.126 7.578   -1.977  1.000 10.434 0 29  LEU AAA CD2 1 
ATOM   249  N  N   . GLY A 1 30  ? -10.684 10.404  -5.520  1.000 8.794  0 30  GLY AAA N   1 
ATOM   250  C  CA  . GLY A 1 30  ? -10.176 11.401  -6.460  1.000 9.471  0 30  GLY AAA CA  1 
ATOM   251  C  C   . GLY A 1 30  ? -8.686  11.606  -6.337  1.000 9.897  0 30  GLY AAA C   1 
ATOM   252  O  O   . GLY A 1 30  ? -8.232  12.707  -6.684  1.000 12.460 0 30  GLY AAA O   1 
ATOM   253  N  N   . VAL A 1 31  ? -7.950  10.622  -5.831  1.000 8.987  0 31  VAL AAA N   1 
ATOM   254  C  CA  . VAL A 1 31  ? -6.474  10.715  -5.645  1.000 8.649  0 31  VAL AAA CA  1 
ATOM   255  C  C   . VAL A 1 31  ? -5.805  9.593   -6.434  1.000 7.738  0 31  VAL AAA C   1 
ATOM   256  O  O   . VAL A 1 31  ? -6.364  8.510   -6.575  1.000 8.758  0 31  VAL AAA O   1 
ATOM   257  C  CB  . VAL A 1 31  ? -6.042  10.669  -4.174  1.000 10.968 0 31  VAL AAA CB  1 
ATOM   258  C  CG1 . VAL A 1 31  ? -6.547  11.912  -3.454  1.000 13.012 0 31  VAL AAA CG1 1 
ATOM   259  C  CG2 . VAL A 1 31  ? -6.484  9.397   -3.514  1.000 11.682 0 31  VAL AAA CG2 1 
ATOM   260  N  N   . PRO A 1 32  ? -4.597  9.852   -6.937  1.000 7.253  0 32  PRO AAA N   1 
ATOM   261  C  CA  . PRO A 1 32  ? -3.790  8.796   -7.539  1.000 7.543  0 32  PRO AAA CA  1 
ATOM   262  C  C   . PRO A 1 32  ? -3.404  7.753   -6.497  1.000 6.708  0 32  PRO AAA C   1 
ATOM   263  O  O   . PRO A 1 32  ? -3.064  8.092   -5.383  1.000 6.768  0 32  PRO AAA O   1 
ATOM   264  C  CB  . PRO A 1 32  ? -2.577  9.508   -8.055  1.000 8.357  0 32  PRO AAA CB  1 
ATOM   265  C  CG  . PRO A 1 32  ? -2.933  10.984  -8.051  1.000 9.207  0 32  PRO AAA CG  1 
ATOM   266  C  CD  . PRO A 1 32  ? -3.891  11.145  -6.903  1.000 7.923  0 32  PRO AAA CD  1 
ATOM   267  N  N   . MET A 1 33  ? -3.465  6.490   -6.893  1.000 5.914  0 33  MET AAA N   1 
ATOM   268  C  CA  . MET A 1 33  ? -2.955  5.390   -6.049  1.000 6.404  0 33  MET AAA CA  1 
ATOM   269  C  C   . MET A 1 33  ? -2.249  4.381   -6.931  1.000 6.989  0 33  MET AAA C   1 
ATOM   270  O  O   . MET A 1 33  ? -2.589  4.210   -8.114  1.000 7.069  0 33  MET AAA O   1 
ATOM   271  C  CB  . MET A 1 33  ? -4.108  4.668   -5.351  1.000 7.001  0 33  MET AAA CB  1 
ATOM   272  C  CG  . MET A 1 33  ? -4.726  5.463   -4.232  1.000 7.276  0 33  MET AAA CG  1 
ATOM   273  S  SD  . MET A 1 33  ? -6.299  4.796   -3.656  1.000 9.424  0 33  MET AAA SD  1 
ATOM   274  C  CE  . MET A 1 33  ? -7.378  5.405   -4.953  1.000 10.946 0 33  MET AAA CE  1 
ATOM   275  N  N   . ALA A 1 34  ? -1.268  3.707   -6.360  1.000 6.750  0 34  ALA AAA N   1 
ATOM   276  C  CA  . ALA A 1 34  ? -0.671  2.511   -6.954  1.000 6.377  0 34  ALA AAA CA  1 
ATOM   277  C  C   . ALA A 1 34  ? -0.908  1.364   -5.979  1.000 6.586  0 34  ALA AAA C   1 
ATOM   278  O  O   . ALA A 1 34  ? -0.544  1.508   -4.787  1.000 6.945  0 34  ALA AAA O   1 
ATOM   279  C  CB  . ALA A 1 34  ? 0.797   2.733   -7.186  1.000 6.787  0 34  ALA AAA CB  1 
ATOM   280  N  N   . ILE A 1 35  ? -1.405  0.255   -6.489  1.000 6.435  0 35  ILE AAA N   1 
ATOM   281  C  CA  . ILE A 1 35  ? -1.682  -0.957  -5.691  1.000 6.837  0 35  ILE AAA CA  1 
ATOM   282  C  C   . ILE A 1 35  ? -0.654  -1.999  -6.063  1.000 6.716  0 35  ILE AAA C   1 
ATOM   283  O  O   . ILE A 1 35  ? -0.419  -2.238  -7.248  1.000 7.028  0 35  ILE AAA O   1 
ATOM   284  C  CB  . ILE A 1 35  ? -3.093  -1.480  -5.970  1.000 7.956  0 35  ILE AAA CB  1 
ATOM   285  C  CG1 . ILE A 1 35  ? -4.145  -0.391  -5.821  1.000 10.731 0 35  ILE AAA CG1 1 
ATOM   286  C  CG2 . ILE A 1 35  ? -3.337  -2.656  -5.052  1.000 8.770  0 35  ILE AAA CG2 1 
ATOM   287  C  CD1 . ILE A 1 35  ? -5.525  -0.868  -6.163  1.000 12.735 0 35  ILE AAA CD1 1 
ATOM   288  N  N   . SER A 1 36  ? 0.018   -2.549  -5.073  1.000 5.757  0 36  SER AAA N   1 
ATOM   289  C  CA  . SER A 1 36  ? 0.977   -3.636  -5.323  1.000 6.488  0 36  SER AAA CA  1 
ATOM   290  C  C   . SER A 1 36  ? 0.308   -4.827  -5.976  1.000 5.908  0 36  SER AAA C   1 
ATOM   291  O  O   . SER A 1 36  ? -0.913  -5.039  -5.871  1.000 6.527  0 36  SER AAA O   1 
ATOM   292  C  CB  . SER A 1 36  ? 1.618   -4.070  -4.028  1.000 6.116  0 36  SER AAA CB  1 
ATOM   293  O  OG  . SER A 1 36  ? 0.684   -4.788  -3.217  1.000 6.037  0 36  SER AAA OG  1 
ATOM   294  N  N   . PRO A 1 37  ? 1.104   -5.716  -6.593  1.000 6.523  0 37  PRO AAA N   1 
ATOM   295  C  CA  . PRO A 1 37  ? 0.627   -7.064  -6.832  1.000 6.266  0 37  PRO AAA CA  1 
ATOM   296  C  C   . PRO A 1 37  ? 0.150   -7.630  -5.480  1.000 6.380  0 37  PRO AAA C   1 
ATOM   297  O  O   . PRO A 1 37  ? 0.629   -7.242  -4.411  1.000 6.218  0 37  PRO AAA O   1 
ATOM   298  C  CB  . PRO A 1 37  ? 1.878   -7.810  -7.338  1.000 6.395  0 37  PRO AAA CB  1 
ATOM   299  C  CG  . PRO A 1 37  ? 2.753   -6.693  -7.869  1.000 7.116  0 37  PRO AAA CG  1 
ATOM   300  C  CD  . PRO A 1 37  ? 2.550   -5.555  -6.897  1.000 6.654  0 37  PRO AAA CD  1 
ATOM   301  N  N   . LEU A 1 38  ? -0.646  -8.682  -5.536  1.000 6.738  0 38  LEU AAA N   1 
ATOM   302  C  CA  . LEU A 1 38  ? -0.915  -9.476  -4.338  1.000 6.852  0 38  LEU AAA CA  1 
ATOM   303  C  C   . LEU A 1 38  ? 0.390   -9.949  -3.706  1.000 6.788  0 38  LEU AAA C   1 
ATOM   304  O  O   . LEU A 1 38  ? 1.172   -10.639 -4.388  1.000 8.102  0 38  LEU AAA O   1 
ATOM   305  C  CB  . LEU A 1 38  ? -1.802  -10.672 -4.687  1.000 7.695  0 38  LEU AAA CB  1 
ATOM   306  C  CG  . LEU A 1 38  ? -2.154  -11.537 -3.488  1.000 8.307  0 38  LEU AAA CG  1 
ATOM   307  C  CD1 . LEU A 1 38  ? -3.082  -10.869 -2.499  1.000 8.602  0 38  LEU AAA CD1 1 
ATOM   308  C  CD2 . LEU A 1 38  ? -2.759  -12.844 -4.031  1.000 9.653  0 38  LEU AAA CD2 1 
ATOM   309  N  N   . HIS A 1 39  ? 0.593   -9.650  -2.436  1.000 6.371  0 39  HIS AAA N   1 
ATOM   310  C  CA  . HIS A 1 39  ? 1.713   -10.203 -1.646  1.000 6.375  0 39  HIS AAA CA  1 
ATOM   311  C  C   . HIS A 1 39  ? 1.217   -11.473 -0.954  1.000 7.205  0 39  HIS AAA C   1 
ATOM   312  O  O   . HIS A 1 39  ? 0.755   -11.360 0.188   1.000 8.173  0 39  HIS AAA O   1 
ATOM   313  C  CB  . HIS A 1 39  ? 2.266   -9.192  -0.659  1.000 6.373  0 39  HIS AAA CB  1 
ATOM   314  C  CG  . HIS A 1 39  ? 3.125   -8.112  -1.227  1.000 6.230  0 39  HIS AAA CG  1 
ATOM   315  N  ND1 . HIS A 1 39  ? 4.192   -7.602  -0.512  1.000 8.647  0 39  HIS AAA ND1 1 
ATOM   316  C  CD2 . HIS A 1 39  ? 3.109   -7.451  -2.396  1.000 6.440  0 39  HIS AAA CD2 1 
ATOM   317  C  CE1 . HIS A 1 39  ? 4.800   -6.672  -1.264  1.000 7.442  0 39  HIS AAA CE1 1 
ATOM   318  N  NE2 . HIS A 1 39  ? 4.143   -6.528  -2.363  1.000 6.323  0 39  HIS AAA NE2 1 
ATOM   319  N  N   . ASP A 1 40  ? 1.335   -12.572 -1.671  1.000 8.301  0 40  ASP AAA N   1 
ATOM   320  C  CA  . ASP A 1 40  ? 0.934   -13.893 -1.107  1.000 9.611  0 40  ASP AAA CA  1 
ATOM   321  C  C   . ASP A 1 40  ? 2.131   -14.651 -0.566  1.000 10.014 0 40  ASP AAA C   1 
ATOM   322  O  O   . ASP A 1 40  ? 1.927   -15.679 0.135   1.000 9.256  0 40  ASP AAA O   1 
ATOM   323  C  CB  . ASP A 1 40  ? 0.219   -14.701 -2.183  1.000 11.614 0 40  ASP AAA CB  1 
ATOM   324  C  CG  . ASP A 1 40  ? 0.998   -14.879 -3.462  1.000 13.541 0 40  ASP AAA CG  1 
ATOM   325  O  OD1 . ASP A 1 40  ? 1.890   -14.147 -3.817  1.000 12.908 0 40  ASP AAA OD1 1 
ATOM   326  O  OD2 . ASP A 1 40  ? 0.697   -15.863 -4.194  1.000 22.597 0 40  ASP AAA OD2 1 
ATOM   327  N  N   . LYS A 1 41  ? 3.361   -14.229 -0.856  1.000 8.241  0 41  LYS AAA N   1 
ATOM   328  C  CA  . LYS A 1 41  ? 4.578   -15.012 -0.571  1.000 7.896  0 41  LYS AAA CA  1 
ATOM   329  C  C   . LYS A 1 41  ? 5.569   -14.193 0.238   1.000 8.395  0 41  LYS AAA C   1 
ATOM   330  O  O   . LYS A 1 41  ? 6.785   -14.555 0.246   1.000 8.992  0 41  LYS AAA O   1 
ATOM   331  C  CB  . LYS A 1 41  ? 5.147   -15.521 -1.886  1.000 9.221  0 41  LYS AAA CB  1 
ATOM   332  C  CG  . LYS A 1 41  ? 4.218   -16.537 -2.532  1.000 10.322 0 41  LYS AAA CG  1 
ATOM   333  C  CD  . LYS A 1 41  ? 4.683   -17.011 -3.872  1.000 11.379 0 41  LYS AAA CD  1 
ATOM   334  C  CE  . LYS A 1 41  ? 3.629   -17.848 -4.522  1.000 14.887 0 41  LYS AAA CE  1 
ATOM   335  N  NZ  . LYS A 1 41  ? 4.097   -18.480 -5.777  1.000 17.232 0 41  LYS AAA NZ  1 
ATOM   336  N  N   . ASP A 1 42  ? 5.111   -13.244 1.036   1.000 7.776  0 42  ASP AAA N   1 
ATOM   337  C  CA  . ASP A 1 42  ? 6.038   -12.530 1.928   1.000 8.054  0 42  ASP AAA CA  1 
ATOM   338  C  C   . ASP A 1 42  ? 6.418   -13.422 3.109   1.000 9.436  0 42  ASP AAA C   1 
ATOM   339  O  O   . ASP A 1 42  ? 5.581   -14.197 3.616   1.000 9.111  0 42  ASP AAA O   1 
ATOM   340  C  CB  . ASP A 1 42  ? 5.477   -11.219 2.469   1.000 8.140  0 42  ASP AAA CB  1 
ATOM   341  C  CG  . ASP A 1 42  ? 5.329   -10.101 1.399   1.000 8.058  0 42  ASP AAA CG  1 
ATOM   342  O  OD1 . ASP A 1 42  ? 5.630   -10.373 0.244   1.000 9.841  0 42  ASP AAA OD1 1 
ATOM   343  O  OD2 . ASP A 1 42  ? 4.810   -9.045  1.783   1.000 10.216 0 42  ASP AAA OD2 1 
ATOM   344  N  N   . LYS A 1 43  ? 7.638   -13.325 3.586   1.000 10.005 0 43  LYS AAA N   1 
ATOM   345  C  CA  . LYS A 1 43  ? 8.114   -14.122 4.735   1.000 11.830 0 43  LYS AAA CA  1 
ATOM   346  C  C   . LYS A 1 43  ? 7.442   -13.627 6.025   1.000 12.218 0 43  LYS AAA C   1 
ATOM   347  O  O   . LYS A 1 43  ? 7.337   -12.436 6.266   1.000 15.234 0 43  LYS AAA O   1 
ATOM   348  C  CB  . LYS A 1 43  ? 9.635   -13.967 4.805   1.000 15.647 0 43  LYS AAA CB  1 
ATOM   349  C  CG  . LYS A 1 43  ? 10.279  -14.738 5.945   1.000 19.130 0 43  LYS AAA CG  1 
ATOM   350  C  CD  . LYS A 1 43  ? 11.762  -14.524 6.094   0.500 19.485 0 43  LYS AAA CD  1 
ATOM   351  C  CE  . LYS A 1 43  ? 12.339  -15.594 6.984   0.500 21.886 0 43  LYS AAA CE  1 
ATOM   352  N  NZ  . LYS A 1 43  ? 13.811  -15.623 6.881   0.500 25.048 0 43  LYS AAA NZ  1 
ATOM   353  N  N   . SER A 1 44  ? 6.990   -14.547 6.848   1.000 12.029 0 44  SER AAA N   1 
ATOM   354  C  CA  . SER A 1 44  ? 6.329   -14.272 8.123   1.000 12.798 0 44  SER AAA CA  1 
ATOM   355  C  C   . SER A 1 44  ? 7.294   -13.852 9.209   1.000 15.279 0 44  SER AAA C   1 
ATOM   356  O  O   . SER A 1 44  ? 8.370   -14.373 9.272   1.000 17.576 0 44  SER AAA O   1 
ATOM   357  C  CB  . SER A 1 44  ? 5.604   -15.498 8.568   1.000 12.883 0 44  SER AAA CB  1 
ATOM   358  O  OG  . SER A 1 44  ? 4.929   -15.182 9.783   1.000 12.889 0 44  SER AAA OG  1 
ATOM   359  N  N   . SER A 1 45  ? 6.764   -13.035 10.110  1.000 17.674 0 45  SER AAA N   1 
ATOM   360  C  CA  . SER A 1 45  ? 7.441   -12.564 11.325  1.000 22.297 0 45  SER AAA CA  1 
ATOM   361  C  C   . SER A 1 45  ? 6.898   -13.352 12.509  1.000 21.414 0 45  SER AAA C   1 
ATOM   362  O  O   . SER A 1 45  ? 7.280   -12.997 13.644  1.000 24.760 0 45  SER AAA O   1 
ATOM   363  C  CB  . SER A 1 45  ? 7.210   -11.071 11.495  1.000 24.716 0 45  SER AAA CB  1 
ATOM   364  O  OG  . SER A 1 45  ? 7.796   -10.361 10.407  1.000 28.086 0 45  SER AAA OG  1 
ATOM   365  N  N   . ILE A 1 46  ? 6.005   -14.320 12.283  1.000 18.350 0 46  ILE AAA N   1 
ATOM   366  C  CA  . ILE A 1 46  ? 5.334   -15.034 13.394  1.000 16.144 0 46  ILE AAA CA  1 
ATOM   367  C  C   . ILE A 1 46  ? 6.127   -16.315 13.599  1.000 20.270 0 46  ILE AAA C   1 
ATOM   368  O  O   . ILE A 1 46  ? 6.359   -17.079 12.636  1.000 19.211 0 46  ILE AAA O   1 
ATOM   369  C  CB  . ILE A 1 46  ? 3.836   -15.209 13.117  1.000 17.082 0 46  ILE AAA CB  1 
ATOM   370  C  CG1 . ILE A 1 46  ? 3.150   -13.841 13.010  1.000 16.171 0 46  ILE AAA CG1 1 
ATOM   371  C  CG2 . ILE A 1 46  ? 3.150   -16.102 14.137  1.000 18.457 0 46  ILE AAA CG2 1 
ATOM   372  C  CD1 . ILE A 1 46  ? 1.705   -13.936 12.596  1.000 17.324 0 46  ILE AAA CD1 1 
ATOM   373  N  N   . LYS A 1 47  ? 6.495   -16.578 14.850  1.000 24.562 0 47  LYS AAA N   1 
ATOM   374  C  CA  . LYS A 1 47  ? 7.275   -17.791 15.154  1.000 29.247 0 47  LYS AAA CA  1 
ATOM   375  C  C   . LYS A 1 47  ? 6.458   -18.991 14.663  1.000 22.843 0 47  LYS AAA C   1 
ATOM   376  O  O   . LYS A 1 47  ? 5.258   -19.098 14.936  1.000 26.592 0 47  LYS AAA O   1 
ATOM   377  C  CB  . LYS A 1 47  ? 7.638   -17.857 16.644  1.000 34.313 0 47  LYS AAA CB  1 
ATOM   378  C  CG  . LYS A 1 47  ? 8.745   -18.861 16.963  1.000 40.862 0 47  LYS AAA CG  1 
ATOM   379  C  CD  . LYS A 1 47  ? 9.210   -18.824 18.418  1.000 48.438 0 47  LYS AAA CD  1 
ATOM   380  C  CE  . LYS A 1 47  ? 8.082   -18.991 19.419  1.000 53.751 0 47  LYS AAA CE  1 
ATOM   381  N  NZ  . LYS A 1 47  ? 7.291   -20.223 19.169  1.000 58.471 0 47  LYS AAA NZ  1 
ATOM   382  N  N   . GLY A 1 48  ? 7.080   -19.853 13.863  1.000 27.320 0 48  GLY AAA N   1 
ATOM   383  C  CA  . GLY A 1 48  ? 6.461   -21.103 13.424  1.000 23.183 0 48  GLY AAA CA  1 
ATOM   384  C  C   . GLY A 1 48  ? 5.579   -20.987 12.178  1.000 23.166 0 48  GLY AAA C   1 
ATOM   385  O  O   . GLY A 1 48  ? 4.997   -21.968 11.795  1.000 25.468 0 48  GLY AAA O   1 
ATOM   386  N  N   A GLN A 1 49  ? 5.387   -19.798 11.612  0.500 17.496 0 49  GLN AAA N   1 
ATOM   387  N  N   B GLN A 1 49  ? 5.600   -19.815 11.540  0.500 17.904 0 49  GLN AAA N   1 
ATOM   388  C  CA  A GLN A 1 49  ? 4.667   -19.675 10.310  0.500 13.205 0 49  GLN AAA CA  1 
ATOM   389  C  CA  B GLN A 1 49  ? 4.743   -19.462 10.369  0.500 14.691 0 49  GLN AAA CA  1 
ATOM   390  C  C   A GLN A 1 49  ? 5.721   -19.349 9.244   0.500 12.431 0 49  GLN AAA C   1 
ATOM   391  C  C   B GLN A 1 49  ? 5.679   -19.134 9.211   0.500 13.230 0 49  GLN AAA C   1 
ATOM   392  O  O   A GLN A 1 49  ? 6.859   -19.001 9.566   0.500 12.872 0 49  GLN AAA O   1 
ATOM   393  O  O   B GLN A 1 49  ? 6.640   -18.391 9.452   0.500 13.743 0 49  GLN AAA O   1 
ATOM   394  C  CB  A GLN A 1 49  ? 3.489   -18.688 10.371  0.500 11.577 0 49  GLN AAA CB  1 
ATOM   395  C  CB  B GLN A 1 49  ? 3.884   -18.223 10.653  0.500 13.667 0 49  GLN AAA CB  1 
ATOM   396  C  CG  A GLN A 1 49  ? 2.471   -19.081 11.444  0.500 10.642 0 49  GLN AAA CG  1 
ATOM   397  C  CG  B GLN A 1 49  ? 2.882   -17.880 9.553   0.500 12.618 0 49  GLN AAA CG  1 
ATOM   398  C  CD  A GLN A 1 49  ? 1.296   -18.155 11.608  0.500 9.208  0 49  GLN AAA CD  1 
ATOM   399  C  CD  B GLN A 1 49  ? 1.876   -16.765 9.820   0.500 12.399 0 49  GLN AAA CD  1 
ATOM   400  O  OE1 A GLN A 1 49  ? 1.180   -17.199 10.920  0.500 10.985 0 49  GLN AAA OE1 1 
ATOM   401  O  OE1 B GLN A 1 49  ? 0.871   -16.966 10.512  0.500 15.763 0 49  GLN AAA OE1 1 
ATOM   402  N  NE2 A GLN A 1 49  ? 0.455   -18.380 12.610  0.500 9.832  0 49  GLN AAA NE2 1 
ATOM   403  N  NE2 B GLN A 1 49  ? 2.129   -15.585 9.264   0.500 9.361  0 49  GLN AAA NE2 1 
ATOM   404  N  N   . LYS A 1 50  ? 5.377   -19.591 7.995   1.000 11.234 0 50  LYS AAA N   1 
ATOM   405  C  CA  . LYS A 1 50  ? 6.294   -19.362 6.862   1.000 11.146 0 50  LYS AAA CA  1 
ATOM   406  C  C   . LYS A 1 50  ? 5.939   -18.079 6.123   1.000 10.145 0 50  LYS AAA C   1 
ATOM   407  O  O   . LYS A 1 50  ? 6.862   -17.359 5.715   1.000 10.940 0 50  LYS AAA O   1 
ATOM   408  C  CB  . LYS A 1 50  ? 6.244   -20.536 5.897   1.000 13.692 0 50  LYS AAA CB  1 
ATOM   409  C  CG  . LYS A 1 50  ? 6.636   -21.870 6.532   1.000 17.854 0 50  LYS AAA CG  1 
ATOM   410  C  CD  . LYS A 1 50  ? 8.016   -21.875 7.069   1.000 22.890 0 50  LYS AAA CD  1 
ATOM   411  C  CE  . LYS A 1 50  ? 9.055   -22.195 6.039   1.000 24.647 0 50  LYS AAA CE  1 
ATOM   412  N  NZ  . LYS A 1 50  ? 10.315  -22.649 6.703   1.000 28.266 0 50  LYS AAA NZ  1 
ATOM   413  N  N   . TYR A 1 51  ? 4.654   -17.856 5.853   1.000 8.678  0 51  TYR AAA N   1 
ATOM   414  C  CA  . TYR A 1 51  ? 4.181   -16.742 5.012   1.000 8.410  0 51  TYR AAA CA  1 
ATOM   415  C  C   . TYR A 1 51  ? 3.356   -15.754 5.794   1.000 8.660  0 51  TYR AAA C   1 
ATOM   416  O  O   . TYR A 1 51  ? 2.555   -16.137 6.646   1.000 8.891  0 51  TYR AAA O   1 
ATOM   417  C  CB  . TYR A 1 51  ? 3.356   -17.244 3.825   1.000 8.194  0 51  TYR AAA CB  1 
ATOM   418  C  CG  . TYR A 1 51  ? 4.158   -18.075 2.864   1.000 8.832  0 51  TYR AAA CG  1 
ATOM   419  C  CD1 . TYR A 1 51  ? 5.095   -17.515 2.036   1.000 10.385 0 51  TYR AAA CD1 1 
ATOM   420  C  CD2 . TYR A 1 51  ? 3.980   -19.438 2.761   1.000 9.360  0 51  TYR AAA CD2 1 
ATOM   421  C  CE1 . TYR A 1 51  ? 5.863   -18.249 1.167   1.000 11.873 0 51  TYR AAA CE1 1 
ATOM   422  C  CE2 . TYR A 1 51  ? 4.744   -20.199 1.912   1.000 10.616 0 51  TYR AAA CE2 1 
ATOM   423  C  CZ  . TYR A 1 51  ? 5.670   -19.615 1.098   1.000 11.786 0 51  TYR AAA CZ  1 
ATOM   424  O  OH  . TYR A 1 51  ? 6.412   -20.392 0.267   1.000 12.731 0 51  TYR AAA OH  1 
ATOM   425  N  N   A LYS A 1 52  ? 3.559   -14.470 5.499   0.500 7.892  0 52  LYS AAA N   1 
ATOM   426  N  N   B LYS A 1 52  ? 3.518   -14.467 5.473   0.500 9.139  0 52  LYS AAA N   1 
ATOM   427  C  CA  A LYS A 1 52  ? 2.644   -13.427 6.008   0.500 7.991  0 52  LYS AAA CA  1 
ATOM   428  C  CA  B LYS A 1 52  ? 2.586   -13.428 5.972   0.500 10.192 0 52  LYS AAA CA  1 
ATOM   429  C  C   A LYS A 1 52  ? 1.289   -13.608 5.328   0.500 7.298  0 52  LYS AAA C   1 
ATOM   430  C  C   B LYS A 1 52  ? 1.214   -13.624 5.337   0.500 9.119  0 52  LYS AAA C   1 
ATOM   431  O  O   A LYS A 1 52  ? 1.273   -14.008 4.173   0.500 6.970  0 52  LYS AAA O   1 
ATOM   432  O  O   B LYS A 1 52  ? 1.179   -14.009 4.176   0.500 8.517  0 52  LYS AAA O   1 
ATOM   433  C  CB  A LYS A 1 52  ? 3.241   -12.041 5.727   0.500 7.957  0 52  LYS AAA CB  1 
ATOM   434  C  CB  B LYS A 1 52  ? 3.073   -12.028 5.582   0.500 11.321 0 52  LYS AAA CB  1 
ATOM   435  C  CG  A LYS A 1 52  ? 2.392   -10.840 6.125   0.500 8.720  0 52  LYS AAA CG  1 
ATOM   436  C  CG  B LYS A 1 52  ? 4.368   -11.585 6.232   0.500 14.403 0 52  LYS AAA CG  1 
ATOM   437  C  CD  A LYS A 1 52  ? 3.139   -9.536  6.003   0.500 9.923  0 52  LYS AAA CD  1 
ATOM   438  C  CD  B LYS A 1 52  ? 4.654   -10.095 6.143   0.500 15.487 0 52  LYS AAA CD  1 
ATOM   439  C  CE  A LYS A 1 52  ? 2.265   -8.338  6.296   0.500 12.331 0 52  LYS AAA CE  1 
ATOM   440  C  CE  B LYS A 1 52  ? 5.982   -9.721  6.765   0.500 19.621 0 52  LYS AAA CE  1 
ATOM   441  N  NZ  A LYS A 1 52  ? 1.316   -8.576  7.390   0.500 15.211 0 52  LYS AAA NZ  1 
ATOM   442  N  NZ  B LYS A 1 52  ? 6.069   -8.272  7.073   0.500 22.206 0 52  LYS AAA NZ  1 
ATOM   443  N  N   A LYS A 1 53  ? 0.211   -13.292 6.043   0.500 7.921  0 53  LYS AAA N   1 
ATOM   444  N  N   B LYS A 1 53  ? 0.136   -13.291 6.051   0.500 9.834  0 53  LYS AAA N   1 
ATOM   445  C  CA  A LYS A 1 53  ? -1.171  -13.244 5.545   0.500 8.154  0 53  LYS AAA CA  1 
ATOM   446  C  CA  B LYS A 1 53  ? -1.212  -13.280 5.466   0.500 10.407 0 53  LYS AAA CA  1 
ATOM   447  C  C   A LYS A 1 53  ? -1.179  -12.508 4.208   0.500 7.925  0 53  LYS AAA C   1 
ATOM   448  C  C   B LYS A 1 53  ? -1.104  -12.550 4.145   0.500 9.074  0 53  LYS AAA C   1 
ATOM   449  O  O   A LYS A 1 53  ? -0.640  -11.385 4.205   0.500 8.838  0 53  LYS AAA O   1 
ATOM   450  O  O   B LYS A 1 53  ? -0.390  -11.531 4.057   0.500 10.246 0 53  LYS AAA O   1 
ATOM   451  C  CB  A LYS A 1 53  ? -2.048  -12.563 6.603   0.500 9.065  0 53  LYS AAA CB  1 
ATOM   452  C  CB  B LYS A 1 53  ? -2.267  -12.632 6.362   0.500 12.575 0 53  LYS AAA CB  1 
ATOM   453  C  CG  A LYS A 1 53  ? -3.530  -12.609 6.294   0.500 9.818  0 53  LYS AAA CG  1 
ATOM   454  C  CG  B LYS A 1 53  ? -2.574  -13.429 7.610   0.500 15.379 0 53  LYS AAA CG  1 
ATOM   455  C  CD  A LYS A 1 53  ? -4.370  -11.989 7.412   0.500 10.876 0 53  LYS AAA CD  1 
ATOM   456  C  CD  B LYS A 1 53  ? -3.520  -12.700 8.534   0.500 17.741 0 53  LYS AAA CD  1 
ATOM   457  C  CE  A LYS A 1 53  ? -4.499  -12.924 8.601   0.500 11.655 0 53  LYS AAA CE  1 
ATOM   458  C  CE  B LYS A 1 53  ? -4.962  -12.933 8.153   0.500 22.608 0 53  LYS AAA CE  1 
ATOM   459  N  NZ  A LYS A 1 53  ? -5.622  -13.868 8.352   0.500 14.496 0 53  LYS AAA NZ  1 
ATOM   460  N  NZ  B LYS A 1 53  ? -5.374  -14.356 8.299   0.500 26.401 0 53  LYS AAA NZ  1 
ATOM   461  N  N   . ALA A 1 54  ? -1.777  -13.056 3.148   1.000 7.918  0 54  ALA AAA N   1 
ATOM   462  C  CA  . ALA A 1 54  ? -1.805  -12.428 1.821   1.000 7.666  0 54  ALA AAA CA  1 
ATOM   463  C  C   . ALA A 1 54  ? -2.447  -11.052 1.956   1.000 7.453  0 54  ALA AAA C   1 
ATOM   464  O  O   . ALA A 1 54  ? -3.446  -10.866 2.664   1.000 7.314  0 54  ALA AAA O   1 
ATOM   465  C  CB  . ALA A 1 54  ? -2.561  -13.271 0.859   1.000 8.760  0 54  ALA AAA CB  1 
ATOM   466  N  N   . HIS A 1 55  ? -1.869  -10.045 1.274   1.000 6.691  0 55  HIS AAA N   1 
ATOM   467  C  CA  . HIS A 1 55  ? -2.335  -8.660  1.414   1.000 6.626  0 55  HIS AAA CA  1 
ATOM   468  C  C   . HIS A 1 55  ? -1.866  -7.874  0.201   1.000 6.706  0 55  HIS AAA C   1 
ATOM   469  O  O   . HIS A 1 55  ? -1.023  -8.320  -0.602  1.000 6.924  0 55  HIS AAA O   1 
ATOM   470  C  CB  . HIS A 1 55  ? -1.773  -8.032  2.694   1.000 7.379  0 55  HIS AAA CB  1 
ATOM   471  C  CG  . HIS A 1 55  ? -0.290  -8.024  2.665   1.000 7.384  0 55  HIS AAA CG  1 
ATOM   472  N  ND1 . HIS A 1 55  ? 0.509   -9.135  2.988   1.000 9.021  0 55  HIS AAA ND1 1 
ATOM   473  C  CD2 . HIS A 1 55  ? 0.581   -7.036  2.362   1.000 8.307  0 55  HIS AAA CD2 1 
ATOM   474  C  CE1 . HIS A 1 55  ? 1.773   -8.816  2.834   1.000 8.807  0 55  HIS AAA CE1 1 
ATOM   475  N  NE2 . HIS A 1 55  ? 1.875   -7.533  2.454   1.000 9.489  0 55  HIS AAA NE2 1 
ATOM   476  N  N   . TYR A 1 56  ? -2.416  -6.674  0.084   1.000 6.087  0 56  TYR AAA N   1 
ATOM   477  C  CA  . TYR A 1 56  ? -1.970  -5.661  -0.867  1.000 6.269  0 56  TYR AAA CA  1 
ATOM   478  C  C   . TYR A 1 56  ? -1.369  -4.496  -0.100  1.000 6.438  0 56  TYR AAA C   1 
ATOM   479  O  O   . TYR A 1 56  ? -1.810  -4.150  1.020   1.000 7.219  0 56  TYR AAA O   1 
ATOM   480  C  CB  . TYR A 1 56  ? -3.150  -5.163  -1.693  1.000 6.779  0 56  TYR AAA CB  1 
ATOM   481  C  CG  . TYR A 1 56  ? -3.865  -6.243  -2.437  1.000 7.979  0 56  TYR AAA CG  1 
ATOM   482  C  CD1 . TYR A 1 56  ? -3.487  -6.642  -3.697  1.000 8.064  0 56  TYR AAA CD1 1 
ATOM   483  C  CD2 . TYR A 1 56  ? -4.902  -6.902  -1.799  1.000 9.561  0 56  TYR AAA CD2 1 
ATOM   484  C  CE1 . TYR A 1 56  ? -4.197  -7.620  -4.377  1.000 9.839  0 56  TYR AAA CE1 1 
ATOM   485  C  CE2 . TYR A 1 56  ? -5.603  -7.898  -2.444  1.000 10.265 0 56  TYR AAA CE2 1 
ATOM   486  C  CZ  . TYR A 1 56  ? -5.222  -8.275  -3.712  1.000 10.642 0 56  TYR AAA CZ  1 
ATOM   487  O  OH  . TYR A 1 56  ? -5.926  -9.284  -4.364  1.000 14.378 0 56  TYR AAA OH  1 
ATOM   488  N  N   . HIS A 1 57  ? -0.440  -3.790  -0.738  1.000 6.070  0 57  HIS AAA N   1 
ATOM   489  C  CA  . HIS A 1 57  ? 0.050   -2.463  -0.296  1.000 6.175  0 57  HIS AAA CA  1 
ATOM   490  C  C   . HIS A 1 57  ? -0.502  -1.410  -1.238  1.000 6.687  0 57  HIS AAA C   1 
ATOM   491  O  O   . HIS A 1 57  ? -0.466  -1.625  -2.497  1.000 7.281  0 57  HIS AAA O   1 
ATOM   492  C  CB  . HIS A 1 57  ? 1.565   -2.408  -0.368  1.000 7.632  0 57  HIS AAA CB  1 
ATOM   493  C  CG  . HIS A 1 57  ? 2.245   -3.379  0.533   1.000 8.147  0 57  HIS AAA CG  1 
ATOM   494  N  ND1 . HIS A 1 57  ? 2.838   -2.964  1.697   1.000 10.441 0 57  HIS AAA ND1 1 
ATOM   495  C  CD2 . HIS A 1 57  ? 2.403   -4.737  0.448   1.000 10.655 0 57  HIS AAA CD2 1 
ATOM   496  C  CE1 . HIS A 1 57  ? 3.333   -4.041  2.335   1.000 11.594 0 57  HIS AAA CE1 1 
ATOM   497  N  NE2 . HIS A 1 57  ? 3.089   -5.153  1.573   1.000 11.180 0 57  HIS AAA NE2 1 
ATOM   498  N  N   . VAL A 1 58  ? -0.935  -0.290  -0.687  1.000 6.060  0 58  VAL AAA N   1 
ATOM   499  C  CA  . VAL A 1 58  ? -1.460  0.844   -1.483  1.000 6.163  0 58  VAL AAA CA  1 
ATOM   500  C  C   . VAL A 1 58  ? -0.580  2.050   -1.226  1.000 5.654  0 58  VAL AAA C   1 
ATOM   501  O  O   . VAL A 1 58  ? -0.283  2.332   -0.068  1.000 6.294  0 58  VAL AAA O   1 
ATOM   502  C  CB  . VAL A 1 58  ? -2.918  1.151   -1.155  1.000 6.382  0 58  VAL AAA CB  1 
ATOM   503  C  CG1 . VAL A 1 58  ? -3.458  2.301   -1.988  1.000 7.282  0 58  VAL AAA CG1 1 
ATOM   504  C  CG2 . VAL A 1 58  ? -3.773  -0.074  -1.311  1.000 8.128  0 58  VAL AAA CG2 1 
ATOM   505  N  N   . LEU A 1 59  ? -0.105  2.672   -2.285  1.000 5.674  0 59  LEU AAA N   1 
ATOM   506  C  CA  . LEU A 1 59  ? 0.606   3.965   -2.249  1.000 5.607  0 59  LEU AAA CA  1 
ATOM   507  C  C   . LEU A 1 59  ? -0.395  5.019   -2.682  1.000 5.566  0 59  LEU AAA C   1 
ATOM   508  O  O   . LEU A 1 59  ? -0.940  4.905   -3.756  1.000 6.366  0 59  LEU AAA O   1 
ATOM   509  C  CB  . LEU A 1 59  ? 1.857   3.877   -3.126  1.000 6.332  0 59  LEU AAA CB  1 
ATOM   510  C  CG  . LEU A 1 59  ? 2.704   5.157   -3.240  1.000 7.220  0 59  LEU AAA CG  1 
ATOM   511  C  CD1 . LEU A 1 59  ? 3.157   5.611   -1.867  1.000 8.768  0 59  LEU AAA CD1 1 
ATOM   512  C  CD2 . LEU A 1 59  ? 3.916   4.858   -4.105  1.000 7.408  0 59  LEU AAA CD2 1 
ATOM   513  N  N   . TYR A 1 60  ? -0.589  5.998   -1.821  1.000 5.823  0 60  TYR AAA N   1 
ATOM   514  C  CA  . TYR A 1 60  ? -1.735  6.941   -1.868  1.000 6.263  0 60  TYR AAA CA  1 
ATOM   515  C  C   . TYR A 1 60  ? -1.175  8.372   -1.902  1.000 5.974  0 60  TYR AAA C   1 
ATOM   516  O  O   . TYR A 1 60  ? -0.382  8.741   -0.990  1.000 6.861  0 60  TYR AAA O   1 
ATOM   517  C  CB  . TYR A 1 60  ? -2.591  6.747   -0.627  1.000 6.831  0 60  TYR AAA CB  1 
ATOM   518  C  CG  . TYR A 1 60  ? -3.809  7.606   -0.418  1.000 7.309  0 60  TYR AAA CG  1 
ATOM   519  C  CD1 . TYR A 1 60  ? -3.669  8.892   0.021   1.000 7.703  0 60  TYR AAA CD1 1 
ATOM   520  C  CD2 . TYR A 1 60  ? -5.094  7.107   -0.595  1.000 7.413  0 60  TYR AAA CD2 1 
ATOM   521  C  CE1 . TYR A 1 60  ? -4.785  9.664   0.314   1.000 7.983  0 60  TYR AAA CE1 1 
ATOM   522  C  CE2 . TYR A 1 60  ? -6.202  7.880   -0.354  1.000 8.288  0 60  TYR AAA CE2 1 
ATOM   523  C  CZ  . TYR A 1 60  ? -6.046  9.153   0.120   1.000 8.610  0 60  TYR AAA CZ  1 
ATOM   524  O  OH  . TYR A 1 60  ? -7.111  9.981   0.375   1.000 10.836 0 60  TYR AAA OH  1 
ATOM   525  N  N   . ILE A 1 61  ? -1.591  9.179   -2.883  1.000 5.956  0 61  ILE AAA N   1 
ATOM   526  C  CA  . ILE A 1 61  ? -1.065  10.549  -3.063  1.000 7.070  0 61  ILE AAA CA  1 
ATOM   527  C  C   . ILE A 1 61  ? -2.158  11.571  -2.758  1.000 7.424  0 61  ILE AAA C   1 
ATOM   528  O  O   . ILE A 1 61  ? -3.032  11.790  -3.603  1.000 9.202  0 61  ILE AAA O   1 
ATOM   529  C  CB  . ILE A 1 61  ? -0.507  10.751  -4.480  1.000 7.561  0 61  ILE AAA CB  1 
ATOM   530  C  CG1 . ILE A 1 61  ? 0.419   9.645   -4.937  1.000 8.523  0 61  ILE AAA CG1 1 
ATOM   531  C  CG2 . ILE A 1 61  ? 0.129   12.136  -4.485  1.000 8.967  0 61  ILE AAA CG2 1 
ATOM   532  C  CD1 . ILE A 1 61  ? 1.625   9.445   -4.025  1.000 8.355  0 61  ILE AAA CD1 1 
ATOM   533  N  N   . ALA A 1 62  ? -2.196  12.160  -1.580  1.000 7.994  0 62  ALA AAA N   1 
ATOM   534  C  CA  . ALA A 1 62  ? -3.164  13.225  -1.248  1.000 9.027  0 62  ALA AAA CA  1 
ATOM   535  C  C   . ALA A 1 62  ? -2.880  14.464  -2.115  1.000 10.244 0 62  ALA AAA C   1 
ATOM   536  O  O   . ALA A 1 62  ? -1.728  14.696  -2.499  1.000 10.220 0 62  ALA AAA O   1 
ATOM   537  C  CB  . ALA A 1 62  ? -3.094  13.553  0.189   1.000 9.299  0 62  ALA AAA CB  1 
ATOM   538  N  N   . LYS A 1 63  ? -3.949  15.216  -2.378  1.000 13.084 0 63  LYS AAA N   1 
ATOM   539  C  CA  . LYS A 1 63  ? -3.881  16.424  -3.228  1.000 15.248 0 63  LYS AAA CA  1 
ATOM   540  C  C   . LYS A 1 63  ? -3.150  17.554  -2.491  1.000 16.291 0 63  LYS AAA C   1 
ATOM   541  O  O   . LYS A 1 63  ? -2.364  18.311  -3.104  1.000 18.411 0 63  LYS AAA O   1 
ATOM   542  C  CB  . LYS A 1 63  ? -5.317  16.820  -3.577  1.000 18.269 0 63  LYS AAA CB  1 
ATOM   543  C  CG  . LYS A 1 63  ? -6.124  15.853  -4.414  0.500 21.047 0 63  LYS AAA CG  1 
ATOM   544  C  CD  . LYS A 1 63  ? -7.566  16.292  -4.631  0.500 24.960 0 63  LYS AAA CD  1 
ATOM   545  C  CE  . LYS A 1 63  ? -8.316  15.301  -5.495  0.500 27.824 0 63  LYS AAA CE  1 
ATOM   546  N  NZ  . LYS A 1 63  ? -9.727  15.701  -5.724  0.500 33.815 0 63  LYS AAA NZ  1 
ATOM   547  N  N   . ASN A 1 64  ? -3.328  17.591  -1.186  1.000 14.747 0 64  ASN AAA N   1 
ATOM   548  C  CA  . ASN A 1 64  ? -2.776  18.653  -0.310  1.000 15.991 0 64  ASN AAA CA  1 
ATOM   549  C  C   . ASN A 1 64  ? -2.287  17.965  0.946   1.000 13.782 0 64  ASN AAA C   1 
ATOM   550  O  O   . ASN A 1 64  ? -2.665  16.816  1.187   1.000 12.624 0 64  ASN AAA O   1 
ATOM   551  C  CB  . ASN A 1 64  ? -3.843  19.706  0.073   1.000 18.781 0 64  ASN AAA CB  1 
ATOM   552  C  CG  . ASN A 1 64  ? -4.523  20.308  -1.140  1.000 21.473 0 64  ASN AAA CG  1 
ATOM   553  O  OD1 . ASN A 1 64  ? -5.636  19.925  -1.476  1.000 31.221 0 64  ASN AAA OD1 1 
ATOM   554  N  ND2 . ASN A 1 64  ? -3.774  21.107  -1.859  1.000 22.715 0 64  ASN AAA ND2 1 
ATOM   555  N  N   . PRO A 1 65  ? -1.443  18.614  1.771   1.000 12.670 0 65  PRO AAA N   1 
ATOM   556  C  CA  . PRO A 1 65  ? -1.010  17.990  3.008   1.000 12.330 0 65  PRO AAA CA  1 
ATOM   557  C  C   . PRO A 1 65  ? -2.209  17.672  3.896   1.000 12.564 0 65  PRO AAA C   1 
ATOM   558  O  O   . PRO A 1 65  ? -3.063  18.510  4.158   1.000 12.477 0 65  PRO AAA O   1 
ATOM   559  C  CB  . PRO A 1 65  ? -0.028  19.009  3.621   1.000 14.807 0 65  PRO AAA CB  1 
ATOM   560  C  CG  . PRO A 1 65  ? 0.432   19.815  2.436   1.000 14.868 0 65  PRO AAA CG  1 
ATOM   561  C  CD  . PRO A 1 65  ? -0.762  19.888  1.517   1.000 13.496 0 65  PRO AAA CD  1 
ATOM   562  N  N   . VAL A 1 66  ? -2.265  16.436  4.394   1.000 10.951 0 66  VAL AAA N   1 
ATOM   563  C  CA  . VAL A 1 66  ? -3.299  15.937  5.302   1.000 10.485 0 66  VAL AAA CA  1 
ATOM   564  C  C   . VAL A 1 66  ? -2.656  15.046  6.369   1.000 9.831  0 66  VAL AAA C   1 
ATOM   565  O  O   . VAL A 1 66  ? -1.481  14.739  6.272   1.000 9.986  0 66  VAL AAA O   1 
ATOM   566  C  CB  . VAL A 1 66  ? -4.372  15.127  4.554   1.000 11.015 0 66  VAL AAA CB  1 
ATOM   567  C  CG1 . VAL A 1 66  ? -5.123  15.979  3.540   1.000 12.390 0 66  VAL AAA CG1 1 
ATOM   568  C  CG2 . VAL A 1 66  ? -3.781  13.895  3.882   1.000 10.226 0 66  VAL AAA CG2 1 
ATOM   569  N  N   . THR A 1 67  ? -3.415  14.717  7.383   1.000 10.823 0 67  THR AAA N   1 
ATOM   570  C  CA  . THR A 1 67  ? -2.952  13.798  8.457   1.000 10.323 0 67  THR AAA CA  1 
ATOM   571  C  C   . THR A 1 67  ? -3.120  12.371  7.968   1.000 9.396  0 67  THR AAA C   1 
ATOM   572  O  O   . THR A 1 67  ? -4.101  11.997  7.248   1.000 9.613  0 67  THR AAA O   1 
ATOM   573  C  CB  . THR A 1 67  ? -3.697  13.995  9.768   1.000 12.124 0 67  THR AAA CB  1 
ATOM   574  O  OG1 . THR A 1 67  ? -5.069  13.645  9.613   1.000 12.611 0 67  THR AAA OG1 1 
ATOM   575  C  CG2 . THR A 1 67  ? -3.558  15.434  10.224  1.000 13.124 0 67  THR AAA CG2 1 
ATOM   576  N  N   . ALA A 1 68  ? -2.242  11.476  8.444   1.000 8.615  0 68  ALA AAA N   1 
ATOM   577  C  CA  . ALA A 1 68  ? -2.479  10.038  8.240   1.000 8.703  0 68  ALA AAA CA  1 
ATOM   578  C  C   . ALA A 1 68  ? -3.824  9.618   8.827   1.000 8.604  0 68  ALA AAA C   1 
ATOM   579  O  O   . ALA A 1 68  ? -4.519  8.781   8.255   1.000 8.971  0 68  ALA AAA O   1 
ATOM   580  C  CB  . ALA A 1 68  ? -1.335  9.265   8.858   1.000 8.301  0 68  ALA AAA CB  1 
ATOM   581  N  N   . ASP A 1 69  ? -4.218  10.159  9.998   1.000 9.348  0 69  ASP AAA N   1 
ATOM   582  C  CA  . ASP A 1 69  ? -5.510  9.786   10.599  1.000 10.509 0 69  ASP AAA CA  1 
ATOM   583  C  C   . ASP A 1 69  ? -6.673  10.092  9.629   1.000 9.376  0 69  ASP AAA C   1 
ATOM   584  O  O   . ASP A 1 69  ? -7.615  9.291   9.566   1.000 10.170 0 69  ASP AAA O   1 
ATOM   585  C  CB  . ASP A 1 69  ? -5.766  10.542  11.919  1.000 13.051 0 69  ASP AAA CB  1 
ATOM   586  C  CG  . ASP A 1 69  ? -4.771  10.221  13.048  1.000 17.992 0 69  ASP AAA CG  1 
ATOM   587  O  OD1 . ASP A 1 69  ? -4.328  9.066   13.168  1.000 19.232 0 69  ASP AAA OD1 1 
ATOM   588  O  OD2 . ASP A 1 69  ? -4.573  11.104  13.916  1.000 23.808 0 69  ASP AAA OD2 1 
ATOM   589  N  N   . SER A 1 70  ? -6.594  11.205  8.934   1.000 9.576  0 70  SER AAA N   1 
ATOM   590  C  CA  . SER A 1 70  ? -7.664  11.599  7.991   1.000 9.430  0 70  SER AAA CA  1 
ATOM   591  C  C   . SER A 1 70  ? -7.800  10.553  6.875   1.000 9.297  0 70  SER AAA C   1 
ATOM   592  O  O   . SER A 1 70  ? -8.886  10.190  6.425   1.000 10.086 0 70  SER AAA O   1 
ATOM   593  C  CB  . SER A 1 70  ? -7.442  12.985  7.454   1.000 10.645 0 70  SER AAA CB  1 
ATOM   594  O  OG  . SER A 1 70  ? -6.439  13.084  6.515   1.000 10.528 0 70  SER AAA OG  1 
ATOM   595  N  N   . VAL A 1 71  ? -6.640  10.081  6.396   1.000 8.428  0 71  VAL AAA N   1 
ATOM   596  C  CA  . VAL A 1 71  ? -6.637  9.045   5.340   1.000 7.964  0 71  VAL AAA CA  1 
ATOM   597  C  C   . VAL A 1 71  ? -7.235  7.749   5.881   1.000 8.070  0 71  VAL AAA C   1 
ATOM   598  O  O   . VAL A 1 71  ? -8.003  7.096   5.214   1.000 7.546  0 71  VAL AAA O   1 
ATOM   599  C  CB  . VAL A 1 71  ? -5.236  8.839   4.750   1.000 7.936  0 71  VAL AAA CB  1 
ATOM   600  C  CG1 . VAL A 1 71  ? -5.244  7.743   3.707   1.000 8.304  0 71  VAL AAA CG1 1 
ATOM   601  C  CG2 . VAL A 1 71  ? -4.664  10.136  4.168   1.000 8.866  0 71  VAL AAA CG2 1 
ATOM   602  N  N   . ARG A 1 72  ? -6.823  7.347   7.075   1.000 8.106  0 72  ARG AAA N   1 
ATOM   603  C  CA  . ARG A 1 72  ? -7.369  6.133   7.703   1.000 8.308  0 72  ARG AAA CA  1 
ATOM   604  C  C   . ARG A 1 72  ? -8.901  6.221   7.774   1.000 8.223  0 72  ARG AAA C   1 
ATOM   605  O  O   . ARG A 1 72  ? -9.601  5.270   7.423   1.000 9.040  0 72  ARG AAA O   1 
ATOM   606  C  CB  . ARG A 1 72  ? -6.776  5.926   9.105   1.000 9.361  0 72  ARG AAA CB  1 
ATOM   607  C  CG  . ARG A 1 72  ? -7.168  4.605   9.710   1.000 10.615 0 72  ARG AAA CG  1 
ATOM   608  C  CD  . ARG A 1 72  ? -6.850  4.524   11.181  1.000 13.172 0 72  ARG AAA CD  1 
ATOM   609  N  NE  . ARG A 1 72  ? -7.679  5.428   11.941  1.000 14.316 0 72  ARG AAA NE  1 
ATOM   610  C  CZ  . ARG A 1 72  ? -7.264  6.470   12.647  1.000 13.667 0 72  ARG AAA CZ  1 
ATOM   611  N  NH1 . ARG A 1 72  ? -5.997  6.822   12.742  1.000 15.667 0 72  ARG AAA NH1 1 
ATOM   612  N  NH2 . ARG A 1 72  ? -8.149  7.196   13.312  1.000 15.593 0 72  ARG AAA NH2 1 
ATOM   613  N  N   . LYS A 1 73  ? -9.400  7.351   8.278   1.000 9.554  0 73  LYS AAA N   1 
ATOM   614  C  CA  . LYS A 1 73  ? -10.865 7.504   8.453   1.000 10.785 0 73  LYS AAA CA  1 
ATOM   615  C  C   . LYS A 1 73  ? -11.538 7.455   7.082   1.000 10.268 0 73  LYS AAA C   1 
ATOM   616  O  O   . LYS A 1 73  ? -12.625 6.823   6.967   1.000 10.941 0 73  LYS AAA O   1 
ATOM   617  C  CB  . LYS A 1 73  ? -11.156 8.806   9.198   1.000 13.770 0 73  LYS AAA CB  1 
ATOM   618  C  CG  . LYS A 1 73  ? -10.740 8.741   10.659  1.000 16.852 0 73  LYS AAA CG  1 
ATOM   619  C  CD  . LYS A 1 73  ? -10.937 10.062  11.340  1.000 21.550 0 73  LYS AAA CD  1 
ATOM   620  C  CE  . LYS A 1 73  ? -10.247 10.127  12.690  1.000 28.603 0 73  LYS AAA CE  1 
ATOM   621  N  NZ  . LYS A 1 73  ? -10.251 11.529  13.202  1.000 33.908 0 73  LYS AAA NZ  1 
ATOM   622  N  N   . LYS A 1 74  ? -10.955 8.068   6.053   1.000 9.440  0 74  LYS AAA N   1 
ATOM   623  C  CA  . LYS A 1 74  ? -11.550 8.057   4.696   1.000 10.626 0 74  LYS AAA CA  1 
ATOM   624  C  C   . LYS A 1 74  ? -11.666 6.620   4.161   1.000 10.593 0 74  LYS AAA C   1 
ATOM   625  O  O   . LYS A 1 74  ? -12.691 6.201   3.628   1.000 10.781 0 74  LYS AAA O   1 
ATOM   626  C  CB  . LYS A 1 74  ? -10.678 8.939   3.820   1.000 12.832 0 74  LYS AAA CB  1 
ATOM   627  C  CG  . LYS A 1 74  ? -11.097 9.053   2.382   1.000 15.613 0 74  LYS AAA CG  1 
ATOM   628  C  CD  . LYS A 1 74  ? -10.185 10.134  1.761   1.000 20.520 0 74  LYS AAA CD  1 
ATOM   629  C  CE  . LYS A 1 74  ? -10.505 10.548  0.367   1.000 27.116 0 74  LYS AAA CE  1 
ATOM   630  N  NZ  . LYS A 1 74  ? -9.656  11.733  0.066   1.000 32.645 0 74  LYS AAA NZ  1 
ATOM   631  N  N   . ILE A 1 75  ? -10.590 5.835   4.279   1.000 8.890  0 75  ILE AAA N   1 
ATOM   632  C  CA  . ILE A 1 75  ? -10.615 4.460   3.771   1.000 9.056  0 75  ILE AAA CA  1 
ATOM   633  C  C   . ILE A 1 75  ? -11.571 3.599   4.592   1.000 9.598  0 75  ILE AAA C   1 
ATOM   634  O  O   . ILE A 1 75  ? -12.273 2.762   4.047   1.000 10.592 0 75  ILE AAA O   1 
ATOM   635  C  CB  . ILE A 1 75  ? -9.197  3.849   3.698   1.000 8.720  0 75  ILE AAA CB  1 
ATOM   636  C  CG1 . ILE A 1 75  ? -8.258  4.695   2.849   1.000 8.875  0 75  ILE AAA CG1 1 
ATOM   637  C  CG2 . ILE A 1 75  ? -9.233  2.411   3.279   1.000 9.941  0 75  ILE AAA CG2 1 
ATOM   638  C  CD1 . ILE A 1 75  ? -8.654  4.779   1.403   1.000 9.954  0 75  ILE AAA CD1 1 
ATOM   639  N  N   A LYS A 1 76  ? -11.632 3.812   5.905   0.500 9.539  0 76  LYS AAA N   1 
ATOM   640  N  N   B LYS A 1 76  ? -11.647 3.804   5.907   0.500 10.061 0 76  LYS AAA N   1 
ATOM   641  C  CA  A LYS A 1 76  ? -12.598 3.062   6.753   0.500 10.452 0 76  LYS AAA CA  1 
ATOM   642  C  CA  B LYS A 1 76  ? -12.594 3.015   6.743   0.500 11.449 0 76  LYS AAA CA  1 
ATOM   643  C  C   A LYS A 1 76  ? -14.031 3.386   6.314   0.500 11.363 0 76  LYS AAA C   1 
ATOM   644  C  C   B LYS A 1 76  ? -14.038 3.350   6.359   0.500 12.134 0 76  LYS AAA C   1 
ATOM   645  O  O   A LYS A 1 76  ? -14.847 2.451   6.276   0.500 11.413 0 76  LYS AAA O   1 
ATOM   646  O  O   B LYS A 1 76  ? -14.863 2.421   6.351   0.500 11.965 0 76  LYS AAA O   1 
ATOM   647  C  CB  A LYS A 1 76  ? -12.374 3.351   8.239   0.500 11.263 0 76  LYS AAA CB  1 
ATOM   648  C  CB  B LYS A 1 76  ? -12.315 3.228   8.230   0.500 13.080 0 76  LYS AAA CB  1 
ATOM   649  C  CG  A LYS A 1 76  ? -11.212 2.606   8.876   0.500 11.491 0 76  LYS AAA CG  1 
ATOM   650  C  CG  B LYS A 1 76  ? -11.022 2.582   8.689   0.500 14.136 0 76  LYS AAA CG  1 
ATOM   651  C  CD  A LYS A 1 76  ? -11.023 3.038   10.334  0.500 11.827 0 76  LYS AAA CD  1 
ATOM   652  C  CD  B LYS A 1 76  ? -10.640 2.948   10.110  0.500 15.796 0 76  LYS AAA CD  1 
ATOM   653  C  CE  A LYS A 1 76  ? -9.941  2.288   11.076  0.500 12.686 0 76  LYS AAA CE  1 
ATOM   654  C  CE  B LYS A 1 76  ? -11.674 2.471   11.093  0.500 18.112 0 76  LYS AAA CE  1 
ATOM   655  N  NZ  A LYS A 1 76  ? -10.445 1.051   11.713  0.500 13.984 0 76  LYS AAA NZ  1 
ATOM   656  N  NZ  B LYS A 1 76  ? -11.141 2.440   12.469  0.500 17.859 0 76  LYS AAA NZ  1 
ATOM   657  N  N   A LEU A 1 77  ? -14.334 4.644   5.989   0.500 10.815 0 77  LEU AAA N   1 
ATOM   658  N  N   B LEU A 1 77  ? -14.339 4.610   6.051   0.500 11.279 0 77  LEU AAA N   1 
ATOM   659  C  CA  A LEU A 1 77  ? -15.712 5.003   5.568   0.500 12.235 0 77  LEU AAA CA  1 
ATOM   660  C  CA  B LEU A 1 77  ? -15.701 4.944   5.579   0.500 12.556 0 77  LEU AAA CA  1 
ATOM   661  C  C   A LEU A 1 77  ? -16.010 4.400   4.191   0.500 11.609 0 77  LEU AAA C   1 
ATOM   662  C  C   B LEU A 1 77  ? -15.956 4.175   4.278   0.500 11.493 0 77  LEU AAA C   1 
ATOM   663  O  O   A LEU A 1 77  ? -17.165 4.168   3.856   0.500 11.618 0 77  LEU AAA O   1 
ATOM   664  O  O   B LEU A 1 77  ? -16.998 3.497   4.131   0.500 11.565 0 77  LEU AAA O   1 
ATOM   665  C  CB  A LEU A 1 77  ? -15.861 6.517   5.543   0.500 13.110 0 77  LEU AAA CB  1 
ATOM   666  C  CB  B LEU A 1 77  ? -15.803 6.450   5.374   0.500 13.568 0 77  LEU AAA CB  1 
ATOM   667  C  CG  A LEU A 1 77  ? -16.022 7.182   6.902   0.500 15.232 0 77  LEU AAA CG  1 
ATOM   668  C  CG  B LEU A 1 77  ? -17.219 6.978   5.173   0.500 15.703 0 77  LEU AAA CG  1 
ATOM   669  C  CD1 A LEU A 1 77  ? -16.053 8.690   6.713   0.500 15.682 0 77  LEU AAA CD1 1 
ATOM   670  C  CD1 B LEU A 1 77  ? -18.090 6.580   6.353   0.500 16.683 0 77  LEU AAA CD1 1 
ATOM   671  C  CD2 A LEU A 1 77  ? -17.275 6.666   7.597   0.500 16.535 0 77  LEU AAA CD2 1 
ATOM   672  C  CD2 B LEU A 1 77  ? -17.190 8.478   4.951   0.500 17.249 0 77  LEU AAA CD2 1 
ATOM   673  N  N   . LEU A 1 78  ? -14.986 4.238   3.366   1.000 10.028 0 78  LEU AAA N   1 
ATOM   674  C  CA  . LEU A 1 78  ? -15.163 3.646   2.028   1.000 9.968  0 78  LEU AAA CA  1 
ATOM   675  C  C   . LEU A 1 78  ? -15.313 2.127   2.090   1.000 10.002 0 78  LEU AAA C   1 
ATOM   676  O  O   . LEU A 1 78  ? -16.173 1.558   1.391   1.000 10.927 0 78  LEU AAA O   1 
ATOM   677  C  CB  . LEU A 1 78  ? -13.953 4.046   1.182   1.000 9.373  0 78  LEU AAA CB  1 
ATOM   678  C  CG  . LEU A 1 78  ? -14.005 3.556   -0.251  1.000 9.520  0 78  LEU AAA CG  1 
ATOM   679  C  CD1 . LEU A 1 78  ? -15.109 4.259   -1.070  1.000 10.432 0 78  LEU AAA CD1 1 
ATOM   680  C  CD2 . LEU A 1 78  ? -12.670 3.688   -0.931  1.000 10.442 0 78  LEU AAA CD2 1 
ATOM   681  N  N   . LEU A 1 79  ? -14.416 1.443   2.820   1.000 9.930  0 79  LEU AAA N   1 
ATOM   682  C  CA  . LEU A 1 79  ? -14.243 -0.019  2.751   1.000 10.100 0 79  LEU AAA CA  1 
ATOM   683  C  C   . LEU A 1 79  ? -14.750 -0.704  4.018   1.000 11.961 0 79  LEU AAA C   1 
ATOM   684  O  O   . LEU A 1 79  ? -14.788 -1.942  3.990   1.000 12.804 0 79  LEU AAA O   1 
ATOM   685  C  CB  . LEU A 1 79  ? -12.776 -0.374  2.500   1.000 9.903  0 79  LEU AAA CB  1 
ATOM   686  C  CG  . LEU A 1 79  ? -12.138 0.111   1.205   1.000 10.411 0 79  LEU AAA CG  1 
ATOM   687  C  CD1 . LEU A 1 79  ? -10.686 -0.380  1.103   1.000 11.686 0 79  LEU AAA CD1 1 
ATOM   688  C  CD2 . LEU A 1 79  ? -12.950 -0.388  0.003   1.000 10.842 0 79  LEU AAA CD2 1 
ATOM   689  N  N   . GLY A 1 80  ? -15.080 0.044   5.052   1.000 12.239 0 80  GLY AAA N   1 
ATOM   690  C  CA  . GLY A 1 80  ? -15.603 -0.544  6.287   1.000 13.240 0 80  GLY AAA CA  1 
ATOM   691  C  C   . GLY A 1 80  ? -14.624 -0.374  7.415   1.000 14.894 0 80  GLY AAA C   1 
ATOM   692  O  O   . GLY A 1 80  ? -13.407 -0.397  7.196   1.000 13.063 0 80  GLY AAA O   1 
ATOM   693  N  N   . GLU A 1 81  ? -15.143 -0.325  8.643   1.000 16.832 0 81  GLU AAA N   1 
ATOM   694  C  CA  . GLU A 1 81  ? -14.301 -0.105  9.838   1.000 19.473 0 81  GLU AAA CA  1 
ATOM   695  C  C   . GLU A 1 81  ? -13.218 -1.181  9.950   1.000 19.278 0 81  GLU AAA C   1 
ATOM   696  O  O   . GLU A 1 81  ? -12.071 -0.833  10.330  1.000 20.744 0 81  GLU AAA O   1 
ATOM   697  C  CB  . GLU A 1 81  ? -15.174 0.017   11.086  1.000 24.454 0 81  GLU AAA CB  1 
ATOM   698  C  CG  . GLU A 1 81  ? -16.018 1.286   11.051  1.000 33.897 0 81  GLU AAA CG  1 
ATOM   699  C  CD  . GLU A 1 81  ? -15.251 2.613   11.145  1.000 41.579 0 81  GLU AAA CD  1 
ATOM   700  O  OE1 . GLU A 1 81  ? -14.374 2.701   12.048  1.000 43.662 0 81  GLU AAA OE1 1 
ATOM   701  O  OE2 . GLU A 1 81  ? -15.523 3.571   10.321  1.000 41.795 0 81  GLU AAA OE2 1 
ATOM   702  N  N   . LYS A 1 82  ? -13.472 -2.431  9.562   1.000 17.594 0 82  LYS AAA N   1 
ATOM   703  C  CA  . LYS A 1 82  ? -12.476 -3.502  9.792   1.000 18.086 0 82  LYS AAA CA  1 
ATOM   704  C  C   . LYS A 1 82  ? -11.436 -3.495  8.687   1.000 16.128 0 82  LYS AAA C   1 
ATOM   705  O  O   . LYS A 1 82  ? -10.481 -4.298  8.767   1.000 15.588 0 82  LYS AAA O   1 
ATOM   706  C  CB  . LYS A 1 82  ? -13.087 -4.910  9.825   1.000 21.063 0 82  LYS AAA CB  1 
ATOM   707  C  CG  . LYS A 1 82  ? -13.546 -5.458  8.478   0.050 19.578 0 82  LYS AAA CG  1 
ATOM   708  C  CD  . LYS A 1 82  ? -14.335 -6.751  8.556   0.050 19.463 0 82  LYS AAA CD  1 
ATOM   709  C  CE  . LYS A 1 82  ? -15.026 -7.096  7.254   0.050 19.360 0 82  LYS AAA CE  1 
ATOM   710  N  NZ  . LYS A 1 82  ? -15.636 -8.444  7.290   0.050 19.449 0 82  LYS AAA NZ  1 
ATOM   711  N  N   . SER A 1 83  ? -11.563 -2.630  7.665   1.000 13.110 0 83  SER AAA N   1 
ATOM   712  C  CA  . SER A 1 83  ? -10.732 -2.742  6.447   1.000 12.822 0 83  SER AAA CA  1 
ATOM   713  C  C   . SER A 1 83  ? -9.299  -2.307  6.695   1.000 13.480 0 83  SER AAA C   1 
ATOM   714  O  O   . SER A 1 83  ? -8.413  -2.705  5.932   1.000 14.428 0 83  SER AAA O   1 
ATOM   715  C  CB  . SER A 1 83  ? -11.283 -1.931  5.274   1.000 12.857 0 83  SER AAA CB  1 
ATOM   716  O  OG  . SER A 1 83  ? -11.239 -0.534  5.561   1.000 14.682 0 83  SER AAA OG  1 
ATOM   717  N  N   . LEU A 1 84  ? -9.023  -1.500  7.728   1.000 12.306 0 84  LEU AAA N   1 
ATOM   718  C  CA  . LEU A 1 84  ? -7.721  -0.854  7.850   1.000 14.035 0 84  LEU AAA CA  1 
ATOM   719  C  C   . LEU A 1 84  ? -7.412  -0.589  9.321   1.000 12.892 0 84  LEU AAA C   1 
ATOM   720  O  O   . LEU A 1 84  ? -8.281  -0.063  9.989   1.000 14.887 0 84  LEU AAA O   1 
ATOM   721  C  CB  . LEU A 1 84  ? -7.857  0.442   7.002   1.000 17.864 0 84  LEU AAA CB  1 
ATOM   722  C  CG  . LEU A 1 84  ? -6.602  1.238   6.879   1.000 16.320 0 84  LEU AAA CG  1 
ATOM   723  C  CD1 . LEU A 1 84  ? -5.490  0.360   6.328   1.000 19.258 0 84  LEU AAA CD1 1 
ATOM   724  C  CD2 . LEU A 1 84  ? -6.683  2.461   6.003   1.000 15.235 0 84  LEU AAA CD2 1 
ATOM   725  N  N   . ALA A 1 85  ? -6.191  -0.879  9.775   1.000 14.027 0 85  ALA AAA N   1 
ATOM   726  C  CA  . ALA A 1 85  ? -5.807  -0.601  11.165  1.000 14.693 0 85  ALA AAA CA  1 
ATOM   727  C  C   . ALA A 1 85  ? -5.089  0.752   11.257  1.000 14.018 0 85  ALA AAA C   1 
ATOM   728  O  O   . ALA A 1 85  ? -5.215  1.421   12.270  1.000 15.474 0 85  ALA AAA O   1 
ATOM   729  C  CB  . ALA A 1 85  ? -4.898  -1.684  11.684  1.000 18.236 0 85  ALA AAA CB  1 
ATOM   730  N  N   . MET A 1 86  ? -4.314  1.122   10.232  1.000 10.585 0 86  MET AAA N   1 
ATOM   731  C  CA  . MET A 1 86  ? -3.459  2.309   10.343  1.000 9.192  0 86  MET AAA CA  1 
ATOM   732  C  C   . MET A 1 86  ? -3.028  2.734   8.933   1.000 8.879  0 86  MET AAA C   1 
ATOM   733  O  O   . MET A 1 86  ? -3.135  1.928   7.991   1.000 8.572  0 86  MET AAA O   1 
ATOM   734  C  CB  . MET A 1 86  ? -2.223  2.001   11.197  1.000 10.486 0 86  MET AAA CB  1 
ATOM   735  C  CG  . MET A 1 86  ? -1.382  0.945   10.554  1.000 11.765 0 86  MET AAA CG  1 
ATOM   736  S  SD  . MET A 1 86  ? 0.187   0.550   11.411  1.000 16.457 0 86  MET AAA SD  1 
ATOM   737  C  CE  . MET A 1 86  ? -0.616  -0.213  12.770  1.000 15.913 0 86  MET AAA CE  1 
ATOM   738  N  N   . VAL A 1 87  ? -2.504  3.922   8.824   1.000 7.991  0 87  VAL AAA N   1 
ATOM   739  C  CA  . VAL A 1 87  ? -1.926  4.505   7.603   1.000 7.657  0 87  VAL AAA CA  1 
ATOM   740  C  C   . VAL A 1 87  ? -0.560  5.061   7.983   1.000 8.241  0 87  VAL AAA C   1 
ATOM   741  O  O   . VAL A 1 87  ? -0.476  5.752   8.988   1.000 8.917  0 87  VAL AAA O   1 
ATOM   742  C  CB  . VAL A 1 87  ? -2.810  5.606   7.000   1.000 7.945  0 87  VAL AAA CB  1 
ATOM   743  C  CG1 . VAL A 1 87  ? -2.113  6.355   5.875   1.000 8.402  0 87  VAL AAA CG1 1 
ATOM   744  C  CG2 . VAL A 1 87  ? -4.127  5.014   6.566   1.000 7.845  0 87  VAL AAA CG2 1 
ATOM   745  N  N   . GLN A 1 88  ? 0.435   4.768   7.184   1.000 7.188  0 88  GLN AAA N   1 
ATOM   746  C  CA  . GLN A 1 88  ? 1.822   5.242   7.364   1.000 7.536  0 88  GLN AAA CA  1 
ATOM   747  C  C   . GLN A 1 88  ? 2.111   6.417   6.453   1.000 7.221  0 88  GLN AAA C   1 
ATOM   748  O  O   . GLN A 1 88  ? 1.610   6.447   5.326   1.000 7.275  0 88  GLN AAA O   1 
ATOM   749  C  CB  . GLN A 1 88  ? 2.777   4.116   6.990   1.000 8.186  0 88  GLN AAA CB  1 
ATOM   750  C  CG  . GLN A 1 88  ? 2.678   2.925   7.920   1.000 10.742 0 88  GLN AAA CG  1 
ATOM   751  C  CD  . GLN A 1 88  ? 3.548   1.820   7.400   1.000 12.050 0 88  GLN AAA CD  1 
ATOM   752  O  OE1 . GLN A 1 88  ? 3.046   0.859   6.832   1.000 15.807 0 88  GLN AAA OE1 1 
ATOM   753  N  NE2 . GLN A 1 88  ? 4.846   1.911   7.561   1.000 13.298 0 88  GLN AAA NE2 1 
ATOM   754  N  N   . VAL A 1 89  ? 2.885   7.374   6.902   1.000 6.467  0 89  VAL AAA N   1 
ATOM   755  C  CA  . VAL A 1 89  ? 3.459   8.435   6.035   1.000 6.408  0 89  VAL AAA CA  1 
ATOM   756  C  C   . VAL A 1 89  ? 4.560   7.821   5.207   1.000 6.518  0 89  VAL AAA C   1 
ATOM   757  O  O   . VAL A 1 89  ? 5.335   6.947   5.677   1.000 7.275  0 89  VAL AAA O   1 
ATOM   758  C  CB  . VAL A 1 89  ? 3.991   9.573   6.942   1.000 6.856  0 89  VAL AAA CB  1 
ATOM   759  C  CG1 . VAL A 1 89  ? 4.813   10.593  6.161   1.000 8.061  0 89  VAL AAA CG1 1 
ATOM   760  C  CG2 . VAL A 1 89  ? 2.842   10.274  7.607   1.000 7.649  0 89  VAL AAA CG2 1 
ATOM   761  N  N   . VAL A 1 90  ? 4.703   8.299   3.990   1.000 5.943  0 90  VAL AAA N   1 
ATOM   762  C  CA  . VAL A 1 90  ? 5.797   7.980   3.057   1.000 6.049  0 90  VAL AAA CA  1 
ATOM   763  C  C   . VAL A 1 90  ? 6.633   9.232   2.856   1.000 6.907  0 90  VAL AAA C   1 
ATOM   764  O  O   . VAL A 1 90  ? 6.075   10.230  2.426   1.000 7.659  0 90  VAL AAA O   1 
ATOM   765  C  CB  . VAL A 1 90  ? 5.225   7.426   1.747   1.000 5.906  0 90  VAL AAA CB  1 
ATOM   766  C  CG1 . VAL A 1 90  ? 6.294   7.320   0.657   1.000 6.520  0 90  VAL AAA CG1 1 
ATOM   767  C  CG2 . VAL A 1 90  ? 4.523   6.117   1.974   1.000 5.755  0 90  VAL AAA CG2 1 
ATOM   768  N  N   . LEU A 1 91  ? 7.938   9.149   3.108   1.000 8.638  0 91  LEU AAA N   1 
ATOM   769  C  CA  . LEU A 1 91  ? 8.846   10.275  2.849   1.000 9.573  0 91  LEU AAA CA  1 
ATOM   770  C  C   . LEU A 1 91  ? 9.612   10.059  1.546   1.000 11.743 0 91  LEU AAA C   1 
ATOM   771  O  O   . LEU A 1 91  ? 10.031  11.064  0.950   1.000 14.207 0 91  LEU AAA O   1 
ATOM   772  C  CB  . LEU A 1 91  ? 9.729   10.527  4.079   1.000 12.617 0 91  LEU AAA CB  1 
ATOM   773  C  CG  . LEU A 1 91  ? 8.979   11.014  5.312   1.000 12.901 0 91  LEU AAA CG  1 
ATOM   774  C  CD1 . LEU A 1 91  ? 9.907   11.219  6.509   1.000 15.969 0 91  LEU AAA CD1 1 
ATOM   775  C  CD2 . LEU A 1 91  ? 8.158   12.262  5.064   1.000 14.606 0 91  LEU AAA CD2 1 
ATOM   776  N  N   . ASN A 1 92  ? 9.831   8.839   1.094   1.000 11.449 0 92  ASN AAA N   1 
ATOM   777  C  CA  . ASN A 1 92  ? 10.590  8.586   -0.153  1.000 12.505 0 92  ASN AAA CA  1 
ATOM   778  C  C   . ASN A 1 92  ? 9.679   7.838   -1.110  1.000 10.942 0 92  ASN AAA C   1 
ATOM   779  O  O   . ASN A 1 92  ? 9.562   6.567   -1.033  1.000 10.971 0 92  ASN AAA O   1 
ATOM   780  C  CB  . ASN A 1 92  ? 11.891  7.820   0.022   1.000 15.789 0 92  ASN AAA CB  1 
ATOM   781  C  CG  . ASN A 1 92  ? 12.745  7.866   -1.259  1.000 21.110 0 92  ASN AAA CG  1 
ATOM   782  O  OD1 . ASN A 1 92  ? 12.356  7.654   -2.444  1.000 16.753 0 92  ASN AAA OD1 1 
ATOM   783  N  ND2 . ASN A 1 92  ? 14.002  8.226   -1.041  1.000 27.528 0 92  ASN AAA ND2 1 
ATOM   784  N  N   . VAL A 1 93  ? 8.955   8.575   -1.907  1.000 9.544  0 93  VAL AAA N   1 
ATOM   785  C  CA  . VAL A 1 93  ? 7.881   7.987   -2.710  1.000 9.497  0 93  VAL AAA CA  1 
ATOM   786  C  C   . VAL A 1 93  ? 8.442   7.033   -3.777  1.000 8.902  0 93  VAL AAA C   1 
ATOM   787  O  O   . VAL A 1 93  ? 7.788   6.000   -4.075  1.000 7.788  0 93  VAL AAA O   1 
ATOM   788  C  CB  . VAL A 1 93  ? 6.987   9.077   -3.291  1.000 11.544 0 93  VAL AAA CB  1 
ATOM   789  C  CG1 . VAL A 1 93  ? 7.710   9.866   -4.364  1.000 12.773 0 93  VAL AAA CG1 1 
ATOM   790  C  CG2 . VAL A 1 93  ? 5.682   8.507   -3.786  1.000 13.590 0 93  VAL AAA CG2 1 
ATOM   791  N  N   . GLU A 1 94  ? 9.561   7.347   -4.387  1.000 9.139  0 94  GLU AAA N   1 
ATOM   792  C  CA  . GLU A 1 94  ? 10.142  6.436   -5.408  1.000 9.057  0 94  GLU AAA CA  1 
ATOM   793  C  C   . GLU A 1 94  ? 10.506  5.100   -4.769  1.000 8.045  0 94  GLU AAA C   1 
ATOM   794  O  O   . GLU A 1 94  ? 10.215  4.022   -5.371  1.000 7.932  0 94  GLU AAA O   1 
ATOM   795  C  CB  . GLU A 1 94  ? 11.398  7.078   -6.038  1.000 10.485 0 94  GLU AAA CB  1 
ATOM   796  C  CG  . GLU A 1 94  ? 11.870  6.345   -7.258  1.000 12.473 0 94  GLU AAA CG  1 
ATOM   797  C  CD  . GLU A 1 94  ? 13.055  7.011   -7.961  1.000 13.223 0 94  GLU AAA CD  1 
ATOM   798  O  OE1 . GLU A 1 94  ? 13.843  7.724   -7.257  1.000 15.097 0 94  GLU AAA OE1 1 
ATOM   799  O  OE2 . GLU A 1 94  ? 13.190  6.804   -9.176  1.000 13.738 0 94  GLU AAA OE2 1 
ATOM   800  N  N   . ASN A 1 95  ? 11.146  5.109   -3.633  1.000 8.431  0 95  ASN AAA N   1 
ATOM   801  C  CA  . ASN A 1 95  ? 11.552  3.865   -2.965  1.000 8.176  0 95  ASN AAA CA  1 
ATOM   802  C  C   . ASN A 1 95  ? 10.303  3.083   -2.541  1.000 7.489  0 95  ASN AAA C   1 
ATOM   803  O  O   . ASN A 1 95  ? 10.298  1.851   -2.631  1.000 7.607  0 95  ASN AAA O   1 
ATOM   804  C  CB  . ASN A 1 95  ? 12.488  4.142   -1.803  1.000 9.757  0 95  ASN AAA CB  1 
ATOM   805  C  CG  . ASN A 1 95  ? 13.848  4.610   -2.253  1.000 12.339 0 95  ASN AAA CG  1 
ATOM   806  O  OD1 . ASN A 1 95  ? 14.242  4.425   -3.398  1.000 12.300 0 95  ASN AAA OD1 1 
ATOM   807  N  ND2 . ASN A 1 95  ? 14.585  5.218   -1.329  1.000 15.480 0 95  ASN AAA ND2 1 
ATOM   808  N  N   A MET A 1 96  ? 9.257   3.776   -2.116  0.500 7.098  0 96  MET AAA N   1 
ATOM   809  N  N   B MET A 1 96  ? 9.249   3.763   -2.099  0.500 7.356  0 96  MET AAA N   1 
ATOM   810  C  CA  A MET A 1 96  ? 8.027   3.090   -1.696  0.500 7.021  0 96  MET AAA CA  1 
ATOM   811  C  CA  B MET A 1 96  ? 8.020   3.058   -1.695  0.500 7.469  0 96  MET AAA CA  1 
ATOM   812  C  C   A MET A 1 96  ? 7.308   2.469   -2.901  0.500 6.552  0 96  MET AAA C   1 
ATOM   813  C  C   B MET A 1 96  ? 7.298   2.455   -2.909  0.500 6.799  0 96  MET AAA C   1 
ATOM   814  O  O   A MET A 1 96  ? 6.807   1.351   -2.816  0.500 6.085  0 96  MET AAA O   1 
ATOM   815  O  O   B MET A 1 96  ? 6.764   1.343   -2.834  0.500 6.331  0 96  MET AAA O   1 
ATOM   816  C  CB  A MET A 1 96  ? 7.068   4.027   -0.958  0.500 7.675  0 96  MET AAA CB  1 
ATOM   817  C  CB  B MET A 1 96  ? 7.028   3.949   -0.943  0.500 8.466  0 96  MET AAA CB  1 
ATOM   818  C  CG  A MET A 1 96  ? 5.978   3.279   -0.230  0.500 9.006  0 96  MET AAA CG  1 
ATOM   819  C  CG  B MET A 1 96  ? 5.750   3.205   -0.623  0.500 10.272 0 96  MET AAA CG  1 
ATOM   820  S  SD  A MET A 1 96  ? 6.592   2.148   1.013   0.500 10.362 0 96  MET AAA SD  1 
ATOM   821  S  SD  B MET A 1 96  ? 5.966   1.949   0.647   0.500 12.671 0 96  MET AAA SD  1 
ATOM   822  C  CE  A MET A 1 96  ? 7.167   3.276   2.276   0.500 10.926 0 96  MET AAA CE  1 
ATOM   823  C  CE  B MET A 1 96  ? 4.811   0.687   0.131   0.500 13.620 0 96  MET AAA CE  1 
ATOM   824  N  N   . TYR A 1 97  ? 7.359   3.109   -4.058  1.000 6.217  0 97  TYR AAA N   1 
ATOM   825  C  CA  . TYR A 1 97  ? 6.833   2.560   -5.303  1.000 6.119  0 97  TYR AAA CA  1 
ATOM   826  C  C   . TYR A 1 97  ? 7.559   1.273   -5.667  1.000 6.190  0 97  TYR AAA C   1 
ATOM   827  O  O   . TYR A 1 97  ? 6.972   0.237   -5.983  1.000 5.589  0 97  TYR AAA O   1 
ATOM   828  C  CB  . TYR A 1 97  ? 6.932   3.578   -6.426  1.000 6.476  0 97  TYR AAA CB  1 
ATOM   829  C  CG  . TYR A 1 97  ? 6.353   3.130   -7.724  1.000 6.606  0 97  TYR AAA CG  1 
ATOM   830  C  CD1 . TYR A 1 97  ? 4.999   3.227   -7.976  1.000 6.960  0 97  TYR AAA CD1 1 
ATOM   831  C  CD2 . TYR A 1 97  ? 7.144   2.634   -8.738  1.000 7.784  0 97  TYR AAA CD2 1 
ATOM   832  C  CE1 . TYR A 1 97  ? 4.467   2.787   -9.172  1.000 7.540  0 97  TYR AAA CE1 1 
ATOM   833  C  CE2 . TYR A 1 97  ? 6.631   2.193   -9.939  1.000 8.214  0 97  TYR AAA CE2 1 
ATOM   834  C  CZ  . TYR A 1 97  ? 5.284   2.328   -10.181 1.000 8.303  0 97  TYR AAA CZ  1 
ATOM   835  O  OH  . TYR A 1 97  ? 4.778   1.917   -11.391 1.000 11.308 0 97  TYR AAA OH  1 
ATOM   836  N  N   . LEU A 1 98  ? 8.884   1.309   -5.557  1.000 6.150  0 98  LEU AAA N   1 
ATOM   837  C  CA  . LEU A 1 98  ? 9.699   0.098   -5.812  1.000 6.296  0 98  LEU AAA CA  1 
ATOM   838  C  C   . LEU A 1 98  ? 9.446   -0.975  -4.763  1.000 6.322  0 98  LEU AAA C   1 
ATOM   839  O  O   . LEU A 1 98  ? 9.411   -2.184  -5.111  1.000 6.648  0 98  LEU AAA O   1 
ATOM   840  C  CB  . LEU A 1 98  ? 11.197  0.451   -5.834  1.000 6.924  0 98  LEU AAA CB  1 
ATOM   841  C  CG  . LEU A 1 98  ? 11.636  1.312   -7.005  1.000 7.441  0 98  LEU AAA CG  1 
ATOM   842  C  CD1 . LEU A 1 98  ? 13.027  1.861   -6.773  1.000 8.689  0 98  LEU AAA CD1 1 
ATOM   843  C  CD2 . LEU A 1 98  ? 11.539  0.508   -8.317  1.000 8.074  0 98  LEU AAA CD2 1 
ATOM   844  N  N   . TYR A 1 99  ? 9.170   -0.588  -3.530  1.000 6.051  0 99  TYR AAA N   1 
ATOM   845  C  CA  . TYR A 1 99  ? 8.839   -1.537  -2.461  1.000 7.221  0 99  TYR AAA CA  1 
ATOM   846  C  C   . TYR A 1 99  ? 7.575   -2.317  -2.793  1.000 6.142  0 99  TYR AAA C   1 
ATOM   847  O  O   . TYR A 1 99  ? 7.424   -3.464  -2.304  1.000 6.472  0 99  TYR AAA O   1 
ATOM   848  C  CB  . TYR A 1 99  ? 8.721   -0.797  -1.129  1.000 8.065  0 99  TYR AAA CB  1 
ATOM   849  C  CG  . TYR A 1 99  ? 8.433   -1.698  0.032   1.000 10.877 0 99  TYR AAA CG  1 
ATOM   850  C  CD1 . TYR A 1 99  ? 9.400   -2.420  0.661   1.000 13.380 0 99  TYR AAA CD1 1 
ATOM   851  C  CD2 . TYR A 1 99  ? 7.154   -1.690  0.551   1.000 16.694 0 99  TYR AAA CD2 1 
ATOM   852  C  CE1 . TYR A 1 99  ? 9.102   -3.191  1.782   1.000 17.133 0 99  TYR AAA CE1 1 
ATOM   853  C  CE2 . TYR A 1 99  ? 6.830   -2.456  1.647   1.000 22.090 0 99  TYR AAA CE2 1 
ATOM   854  C  CZ  . TYR A 1 99  ? 7.812   -3.196  2.258   1.000 20.436 0 99  TYR AAA CZ  1 
ATOM   855  O  OH  . TYR A 1 99  ? 7.445   -3.870  3.400   1.000 32.611 0 99  TYR AAA OH  1 
ATOM   856  N  N   . LEU A 1 100 ? 6.664   -1.769  -3.590  1.000 5.949  0 100 LEU AAA N   1 
ATOM   857  C  CA  . LEU A 1 100 ? 5.441   -2.514  -3.986  1.000 6.390  0 100 LEU AAA CA  1 
ATOM   858  C  C   . LEU A 1 100 ? 5.771   -3.878  -4.546  1.000 5.783  0 100 LEU AAA C   1 
ATOM   859  O  O   . LEU A 1 100 ? 4.947   -4.818  -4.379  1.000 6.581  0 100 LEU AAA O   1 
ATOM   860  C  CB  . LEU A 1 100 ? 4.615   -1.711  -4.988  1.000 6.226  0 100 LEU AAA CB  1 
ATOM   861  C  CG  . LEU A 1 100 ? 4.093   -0.360  -4.488  1.000 6.758  0 100 LEU AAA CG  1 
ATOM   862  C  CD1 . LEU A 1 100 ? 3.385   0.369   -5.611  1.000 7.481  0 100 LEU AAA CD1 1 
ATOM   863  C  CD2 . LEU A 1 100 ? 3.158   -0.458  -3.269  1.000 7.457  0 100 LEU AAA CD2 1 
ATOM   864  N  N   . THR A 1 101 ? 6.889   -4.010  -5.268  1.000 5.572  0 101 THR AAA N   1 
ATOM   865  C  CA  . THR A 1 101 ? 7.331   -5.312  -5.793  1.000 6.467  0 101 THR AAA CA  1 
ATOM   866  C  C   . THR A 1 101 ? 8.605   -5.809  -5.074  1.000 6.324  0 101 THR AAA C   1 
ATOM   867  O  O   . THR A 1 101 ? 9.190   -6.800  -5.554  1.000 6.857  0 101 THR AAA O   1 
ATOM   868  C  CB  . THR A 1 101 ? 7.596   -5.250  -7.303  1.000 6.255  0 101 THR AAA CB  1 
ATOM   869  O  OG1 . THR A 1 101 ? 8.553   -4.187  -7.505  1.000 7.223  0 101 THR AAA OG1 1 
ATOM   870  C  CG2 . THR A 1 101 ? 6.368   -4.936  -8.115  1.000 6.411  0 101 THR AAA CG2 1 
ATOM   871  N  N   . HIS A 1 102 ? 8.940   -5.254  -3.907  1.000 5.741  0 102 HIS AAA N   1 
ATOM   872  C  CA  . HIS A 1 102 ? 10.158  -5.589  -3.155  1.000 6.262  0 102 HIS AAA CA  1 
ATOM   873  C  C   . HIS A 1 102 ? 11.408  -5.399  -4.000  1.000 5.898  0 102 HIS AAA C   1 
ATOM   874  O  O   . HIS A 1 102 ? 12.356  -6.193  -3.923  1.000 6.870  0 102 HIS AAA O   1 
ATOM   875  C  CB  . HIS A 1 102 ? 10.028  -7.003  -2.586  1.000 6.753  0 102 HIS AAA CB  1 
ATOM   876  C  CG  . HIS A 1 102 ? 9.086   -7.087  -1.422  1.000 7.499  0 102 HIS AAA CG  1 
ATOM   877  N  ND1 . HIS A 1 102 ? 8.575   -8.329  -1.077  1.000 7.787  0 102 HIS AAA ND1 1 
ATOM   878  C  CD2 . HIS A 1 102 ? 8.653   -6.194  -0.523  1.000 8.326  0 102 HIS AAA CD2 1 
ATOM   879  C  CE1 . HIS A 1 102 ? 7.815   -8.134  -0.002  1.000 8.877  0 102 HIS AAA CE1 1 
ATOM   880  N  NE2 . HIS A 1 102 ? 7.830   -6.857  0.383   1.000 8.894  0 102 HIS AAA NE2 1 
ATOM   881  N  N   . GLU A 1 103 ? 11.439  -4.312  -4.748  1.000 6.853  0 103 GLU AAA N   1 
ATOM   882  C  CA  . GLU A 1 103 ? 12.637  -3.966  -5.586  1.000 6.742  0 103 GLU AAA CA  1 
ATOM   883  C  C   . GLU A 1 103 ? 13.269  -2.648  -5.154  1.000 7.217  0 103 GLU AAA C   1 
ATOM   884  O  O   . GLU A 1 103 ? 14.134  -2.131  -5.885  1.000 7.908  0 103 GLU AAA O   1 
ATOM   885  C  CB  . GLU A 1 103 ? 12.246  -3.960  -7.032  1.000 7.225  0 103 GLU AAA CB  1 
ATOM   886  C  CG  . GLU A 1 103 ? 11.979  -5.382  -7.500  1.000 7.957  0 103 GLU AAA CG  1 
ATOM   887  C  CD  . GLU A 1 103 ? 11.526  -5.439  -8.910  1.000 9.344  0 103 GLU AAA CD  1 
ATOM   888  O  OE1 . GLU A 1 103 ? 12.314  -5.840  -9.808  1.000 10.370 0 103 GLU AAA OE1 1 
ATOM   889  O  OE2 . GLU A 1 103 ? 10.361  -5.070  -9.162  1.000 9.702  0 103 GLU AAA OE2 1 
ATOM   890  N  N   . SER A 1 104 ? 12.937  -2.153  -3.975  1.000 7.905  0 104 SER AAA N   1 
ATOM   891  C  CA  . SER A 1 104 ? 13.735  -1.070  -3.347  1.000 8.901  0 104 SER AAA CA  1 
ATOM   892  C  C   . SER A 1 104 ? 15.058  -1.666  -2.887  1.000 9.752  0 104 SER AAA C   1 
ATOM   893  O  O   . SER A 1 104 ? 15.187  -2.874  -2.683  1.000 8.876  0 104 SER AAA O   1 
ATOM   894  C  CB  . SER A 1 104 ? 13.013  -0.406  -2.222  1.000 8.941  0 104 SER AAA CB  1 
ATOM   895  O  OG  . SER A 1 104 ? 12.784  -1.368  -1.190  1.000 10.433 0 104 SER AAA OG  1 
ATOM   896  N  N   A LYS A 1 105 ? 16.064  -0.806  -2.758  0.500 9.832  0 105 LYS AAA N   1 
ATOM   897  N  N   B LYS A 1 105 ? 16.061  -0.810  -2.700  0.500 10.651 0 105 LYS AAA N   1 
ATOM   898  C  CA  A LYS A 1 105 ? 17.381  -1.280  -2.279  0.500 10.409 0 105 LYS AAA CA  1 
ATOM   899  C  CA  B LYS A 1 105 ? 17.377  -1.259  -2.177  0.500 11.700 0 105 LYS AAA CA  1 
ATOM   900  C  C   A LYS A 1 105 ? 17.242  -1.936  -0.898  0.500 10.134 0 105 LYS AAA C   1 
ATOM   901  C  C   B LYS A 1 105 ? 17.207  -1.965  -0.825  0.500 10.925 0 105 LYS AAA C   1 
ATOM   902  O  O   A LYS A 1 105 ? 17.843  -2.966  -0.672  0.500 10.073 0 105 LYS AAA O   1 
ATOM   903  O  O   B LYS A 1 105 ? 17.781  -3.017  -0.618  0.500 10.387 0 105 LYS AAA O   1 
ATOM   904  C  CB  A LYS A 1 105 ? 18.393  -0.142  -2.280  0.500 11.716 0 105 LYS AAA CB  1 
ATOM   905  C  CB  B LYS A 1 105 ? 18.313  -0.054  -2.097  0.500 14.357 0 105 LYS AAA CB  1 
ATOM   906  C  CG  A LYS A 1 105 ? 19.722  -0.552  -1.679  0.500 13.255 0 105 LYS AAA CG  1 
ATOM   907  C  CG  B LYS A 1 105 ? 18.557  0.646   -3.422  0.500 17.742 0 105 LYS AAA CG  1 
ATOM   908  C  CD  A LYS A 1 105 ? 20.791  0.536   -1.764  0.500 16.687 0 105 LYS AAA CD  1 
ATOM   909  C  CD  B LYS A 1 105 ? 19.766  1.571   -3.371  0.500 20.902 0 105 LYS AAA CD  1 
ATOM   910  C  CE  A LYS A 1 105 ? 22.106  0.086   -1.152  0.500 20.529 0 105 LYS AAA CE  1 
ATOM   911  C  CE  B LYS A 1 105 ? 21.023  0.807   -3.033  0.500 22.826 0 105 LYS AAA CE  1 
ATOM   912  N  NZ  A LYS A 1 105 ? 23.236  0.996   -1.477  0.500 24.778 0 105 LYS AAA NZ  1 
ATOM   913  N  NZ  B LYS A 1 105 ? 22.276  1.523   -3.403  0.500 23.598 0 105 LYS AAA NZ  1 
ATOM   914  N  N   A ASP A 1 106 ? 16.396  -1.424  -0.021  0.500 10.623 0 106 ASP AAA N   1 
ATOM   915  N  N   B ASP A 1 106 ? 16.373  -1.451  0.060   0.500 11.047 0 106 ASP AAA N   1 
ATOM   916  C  CA  A ASP A 1 106 ? 16.243  -2.015  1.330   0.500 11.783 0 106 ASP AAA CA  1 
ATOM   917  C  CA  B ASP A 1 106 ? 16.220  -2.045  1.406   0.500 11.989 0 106 ASP AAA CA  1 
ATOM   918  C  C   A ASP A 1 106 ? 15.558  -3.386  1.237   0.500 10.405 0 106 ASP AAA C   1 
ATOM   919  C  C   B ASP A 1 106 ? 15.513  -3.398  1.284   0.500 10.476 0 106 ASP AAA C   1 
ATOM   920  O  O   A ASP A 1 106 ? 15.943  -4.303  1.963   0.500 10.810 0 106 ASP AAA O   1 
ATOM   921  O  O   B ASP A 1 106 ? 15.853  -4.324  2.020   0.500 10.669 0 106 ASP AAA O   1 
ATOM   922  C  CB  A ASP A 1 106 ? 15.473  -1.080  2.248   0.500 14.703 0 106 ASP AAA CB  1 
ATOM   923  C  CB  B ASP A 1 106 ? 15.507  -1.060  2.321   0.500 14.851 0 106 ASP AAA CB  1 
ATOM   924  C  CG  A ASP A 1 106 ? 15.546  -1.554  3.686   0.500 19.010 0 106 ASP AAA CG  1 
ATOM   925  C  CG  B ASP A 1 106 ? 16.406  0.086   2.758   0.500 17.808 0 106 ASP AAA CG  1 
ATOM   926  O  OD1 A ASP A 1 106 ? 16.685  -1.713  4.204   0.500 20.268 0 106 ASP AAA OD1 1 
ATOM   927  O  OD1 B ASP A 1 106 ? 17.625  0.028   2.482   0.500 23.060 0 106 ASP AAA OD1 1 
ATOM   928  O  OD2 A ASP A 1 106 ? 14.473  -1.794  4.273   0.500 26.030 0 106 ASP AAA OD2 1 
ATOM   929  O  OD2 B ASP A 1 106 ? 15.871  1.035   3.303   0.500 24.577 0 106 ASP AAA OD2 1 
ATOM   930  N  N   . ALA A 1 107 ? 14.563  -3.535  0.360   1.000 9.293  0 107 ALA AAA N   1 
ATOM   931  C  CA  . ALA A 1 107 ? 13.884  -4.817  0.212   1.000 8.352  0 107 ALA AAA CA  1 
ATOM   932  C  C   . ALA A 1 107 ? 14.873  -5.848  -0.290  1.000 8.182  0 107 ALA AAA C   1 
ATOM   933  O  O   . ALA A 1 107 ? 14.870  -7.008  0.182   1.000 8.616  0 107 ALA AAA O   1 
ATOM   934  C  CB  . ALA A 1 107 ? 12.716  -4.719  -0.727  1.000 8.498  0 107 ALA AAA CB  1 
ATOM   935  N  N   A ILE A 1 108 ? 15.698  -5.479  -1.269  0.500 8.145  0 108 ILE AAA N   1 
ATOM   936  N  N   B ILE A 1 108 ? 15.675  -5.478  -1.297  0.500 8.284  0 108 ILE AAA N   1 
ATOM   937  C  CA  A ILE A 1 108 ? 16.648  -6.448  -1.852  0.500 8.632  0 108 ILE AAA CA  1 
ATOM   938  C  CA  B ILE A 1 108 ? 16.660  -6.403  -1.903  0.500 8.871  0 108 ILE AAA CA  1 
ATOM   939  C  C   A ILE A 1 108 ? 17.744  -6.771  -0.850  0.500 9.457  0 108 ILE AAA C   1 
ATOM   940  C  C   B ILE A 1 108 ? 17.728  -6.759  -0.868  0.500 9.634  0 108 ILE AAA C   1 
ATOM   941  O  O   A ILE A 1 108 ? 18.118  -7.946  -0.793  0.500 11.019 0 108 ILE AAA O   1 
ATOM   942  O  O   B ILE A 1 108 ? 18.081  -7.945  -0.813  0.500 11.171 0 108 ILE AAA O   1 
ATOM   943  C  CB  A ILE A 1 108 ? 17.127  -5.895  -3.189  0.500 8.632  0 108 ILE AAA CB  1 
ATOM   944  C  CB  B ILE A 1 108 ? 17.200  -5.782  -3.200  0.500 9.027  0 108 ILE AAA CB  1 
ATOM   945  C  CG1 A ILE A 1 108 ? 16.001  -6.036  -4.209  0.500 8.370  0 108 ILE AAA CG1 1 
ATOM   946  C  CG1 B ILE A 1 108 ? 16.130  -5.637  -4.291  0.500 8.573  0 108 ILE AAA CG1 1 
ATOM   947  C  CG2 A ILE A 1 108 ? 18.411  -6.588  -3.626  0.500 9.146  0 108 ILE AAA CG2 1 
ATOM   948  C  CG2 B ILE A 1 108 ? 18.399  -6.583  -3.692  0.500 9.617  0 108 ILE AAA CG2 1 
ATOM   949  C  CD1 A ILE A 1 108 ? 16.162  -5.205  -5.400  0.500 8.568  0 108 ILE AAA CD1 1 
ATOM   950  C  CD1 B ILE A 1 108 ? 15.602  -6.949  -4.821  0.500 8.669  0 108 ILE AAA CD1 1 
ATOM   951  N  N   . ALA A 1 109 ? 18.126  -5.810  -0.029  1.000 9.708  0 109 ALA AAA N   1 
ATOM   952  C  CA  . ALA A 1 109 ? 19.133  -6.070  1.035   1.000 10.998 0 109 ALA AAA CA  1 
ATOM   953  C  C   . ALA A 1 109 ? 18.593  -7.133  1.975   1.000 12.398 0 109 ALA AAA C   1 
ATOM   954  O  O   . ALA A 1 109 ? 19.385  -7.895  2.538   1.000 14.312 0 109 ALA AAA O   1 
ATOM   955  C  CB  . ALA A 1 109 ? 19.496  -4.790  1.770   1.000 12.121 0 109 ALA AAA CB  1 
ATOM   956  N  N   . LYS A 1 110 ? 17.298  -7.081  2.265   1.000 12.144 0 110 LYS AAA N   1 
ATOM   957  C  CA  . LYS A 1 110 ? 16.634  -8.027  3.173   1.000 13.499 0 110 LYS AAA CA  1 
ATOM   958  C  C   . LYS A 1 110 ? 16.165  -9.279  2.452   1.000 13.479 0 110 LYS AAA C   1 
ATOM   959  O  O   . LYS A 1 110 ? 15.509  -10.117 3.119   1.000 15.414 0 110 LYS AAA O   1 
ATOM   960  C  CB  . LYS A 1 110 ? 15.507  -7.281  3.861   1.000 15.745 0 110 LYS AAA CB  1 
ATOM   961  C  CG  . LYS A 1 110 ? 15.981  -6.172  4.768   1.000 19.261 0 110 LYS AAA CG  1 
ATOM   962  C  CD  . LYS A 1 110 ? 14.851  -5.392  5.353   1.000 22.567 0 110 LYS AAA CD  1 
ATOM   963  C  CE  . LYS A 1 110 ? 15.365  -4.250  6.203   1.000 27.846 0 110 LYS AAA CE  1 
ATOM   964  N  NZ  . LYS A 1 110 ? 14.246  -3.391  6.662   1.000 33.404 0 110 LYS AAA NZ  1 
ATOM   965  N  N   . LYS A 1 111 ? 16.499  -9.465  1.176   1.000 12.686 0 111 LYS AAA N   1 
ATOM   966  C  CA  . LYS A 1 111 ? 16.188  -10.684 0.407   1.000 13.013 0 111 LYS AAA CA  1 
ATOM   967  C  C   . LYS A 1 111 ? 14.678  -10.942 0.394   1.000 12.625 0 111 LYS AAA C   1 
ATOM   968  O  O   . LYS A 1 111 ? 14.247  -12.106 0.387   1.000 13.963 0 111 LYS AAA O   1 
ATOM   969  C  CB  . LYS A 1 111 ? 16.947  -11.893 0.976   1.000 16.769 0 111 LYS AAA CB  1 
ATOM   970  C  CG  . LYS A 1 111 ? 18.385  -11.517 1.319   1.000 22.179 0 111 LYS AAA CG  1 
ATOM   971  C  CD  . LYS A 1 111 ? 19.408  -12.507 0.951   1.000 30.152 0 111 LYS AAA CD  1 
ATOM   972  C  CE  . LYS A 1 111 ? 20.822  -11.950 1.094   1.000 31.598 0 111 LYS AAA CE  1 
ATOM   973  N  NZ  . LYS A 1 111 ? 21.411  -11.530 -0.205  1.000 30.843 0 111 LYS AAA NZ  1 
ATOM   974  N  N   . LYS A 1 112 ? 13.874  -9.892  0.291   1.000 10.865 0 112 LYS AAA N   1 
ATOM   975  C  CA  . LYS A 1 112 ? 12.404  -10.060 0.240   1.000 9.851  0 112 LYS AAA CA  1 
ATOM   976  C  C   . LYS A 1 112 ? 11.951  -10.618 -1.097  1.000 10.373 0 112 LYS AAA C   1 
ATOM   977  O  O   . LYS A 1 112 ? 12.634  -10.506 -2.132  1.000 11.510 0 112 LYS AAA O   1 
ATOM   978  C  CB  . LYS A 1 112 ? 11.722  -8.738  0.563   1.000 10.412 0 112 LYS AAA CB  1 
ATOM   979  C  CG  . LYS A 1 112 ? 12.003  -8.304  1.972   1.000 12.448 0 112 LYS AAA CG  1 
ATOM   980  C  CD  . LYS A 1 112 ? 11.261  -7.124  2.427   1.000 15.369 0 112 LYS AAA CD  1 
ATOM   981  C  CE  . LYS A 1 112 ? 11.413  -6.978  3.926   1.000 19.674 0 112 LYS AAA CE  1 
ATOM   982  N  NZ  . LYS A 1 112 ? 10.637  -5.843  4.434   1.000 25.985 0 112 LYS AAA NZ  1 
ATOM   983  N  N   . HIS A 1 113 ? 10.777  -11.217 -1.106  1.000 9.128  0 113 HIS AAA N   1 
ATOM   984  C  CA  . HIS A 1 113 ? 10.223  -11.908 -2.285  1.000 8.317  0 113 HIS AAA CA  1 
ATOM   985  C  C   . HIS A 1 113 ? 9.910   -10.872 -3.369  1.000 8.431  0 113 HIS AAA C   1 
ATOM   986  O  O   . HIS A 1 113 ? 9.130   -9.937  -3.110  1.000 8.267  0 113 HIS AAA O   1 
ATOM   987  C  CB  . HIS A 1 113 ? 8.952   -12.667 -1.873  1.000 9.316  0 113 HIS AAA CB  1 
ATOM   988  C  CG  . HIS A 1 113 ? 8.367   -13.403 -3.007  1.000 9.268  0 113 HIS AAA CG  1 
ATOM   989  N  ND1 . HIS A 1 113 ? 8.655   -14.734 -3.212  1.000 12.010 0 113 HIS AAA ND1 1 
ATOM   990  C  CD2 . HIS A 1 113 ? 7.568   -13.010 -4.006  1.000 8.972  0 113 HIS AAA CD2 1 
ATOM   991  C  CE1 . HIS A 1 113 ? 8.013   -15.105 -4.296  1.000 10.981 0 113 HIS AAA CE1 1 
ATOM   992  N  NE2 . HIS A 1 113 ? 7.308   -14.103 -4.779  1.000 11.456 0 113 HIS AAA NE2 1 
ATOM   993  N  N   . VAL A 1 114 ? 10.421  -11.036 -4.566  1.000 7.786  0 114 VAL AAA N   1 
ATOM   994  C  CA  . VAL A 1 114 ? 10.215  -10.107 -5.692  1.000 8.264  0 114 VAL AAA CA  1 
ATOM   995  C  C   . VAL A 1 114 ? 8.946   -10.447 -6.428  1.000 7.785  0 114 VAL AAA C   1 
ATOM   996  O  O   . VAL A 1 114 ? 8.672   -11.627 -6.746  1.000 10.291 0 114 VAL AAA O   1 
ATOM   997  C  CB  . VAL A 1 114 ? 11.451  -10.107 -6.619  1.000 8.587  0 114 VAL AAA CB  1 
ATOM   998  C  CG1 . VAL A 1 114 ? 11.199  -9.292  -7.851  1.000 9.211  0 114 VAL AAA CG1 1 
ATOM   999  C  CG2 . VAL A 1 114 ? 12.674  -9.611  -5.873  1.000 10.255 0 114 VAL AAA CG2 1 
ATOM   1000 N  N   . TYR A 1 115 ? 8.126   -9.429  -6.692  1.000 8.021  0 115 TYR AAA N   1 
ATOM   1001 C  CA  . TYR A 1 115 ? 6.871   -9.566  -7.446  1.000 7.837  0 115 TYR AAA CA  1 
ATOM   1002 C  C   . TYR A 1 115 ? 6.985   -8.942  -8.830  1.000 8.478  0 115 TYR AAA C   1 
ATOM   1003 O  O   . TYR A 1 115 ? 7.982   -8.237  -9.115  1.000 10.039 0 115 TYR AAA O   1 
ATOM   1004 C  CB  . TYR A 1 115 ? 5.719   -8.977  -6.629  1.000 6.890  0 115 TYR AAA CB  1 
ATOM   1005 C  CG  . TYR A 1 115 ? 5.451   -9.691  -5.334  1.000 6.954  0 115 TYR AAA CG  1 
ATOM   1006 C  CD1 . TYR A 1 115 ? 4.702   -10.878 -5.326  1.000 6.949  0 115 TYR AAA CD1 1 
ATOM   1007 C  CD2 . TYR A 1 115 ? 5.971   -9.266  -4.138  1.000 7.756  0 115 TYR AAA CD2 1 
ATOM   1008 C  CE1 . TYR A 1 115 ? 4.449   -11.517 -4.128  1.000 7.223  0 115 TYR AAA CE1 1 
ATOM   1009 C  CE2 . TYR A 1 115 ? 5.781   -9.947  -2.888  1.000 7.840  0 115 TYR AAA CE2 1 
ATOM   1010 C  CZ  . TYR A 1 115 ? 5.000   -11.108 -2.942  1.000 6.504  0 115 TYR AAA CZ  1 
ATOM   1011 O  OH  . TYR A 1 115 ? 4.692   -11.779 -1.814  1.000 7.428  0 115 TYR AAA OH  1 
ATOM   1012 N  N   . ASP A 1 116 ? 5.976   -9.147  -9.654  1.000 8.812  0 116 ASP AAA N   1 
ATOM   1013 C  CA  . ASP A 1 116 ? 5.963   -8.743  -11.074 1.000 10.021 0 116 ASP AAA CA  1 
ATOM   1014 C  C   . ASP A 1 116 ? 5.395   -7.334  -11.203 1.000 8.679  0 116 ASP AAA C   1 
ATOM   1015 O  O   . ASP A 1 116 ? 4.252   -7.056  -10.790 1.000 8.696  0 116 ASP AAA O   1 
ATOM   1016 C  CB  . ASP A 1 116 ? 5.140   -9.754  -11.867 1.000 11.268 0 116 ASP AAA CB  1 
ATOM   1017 C  CG  . ASP A 1 116 ? 5.155   -9.597  -13.376 1.000 14.023 0 116 ASP AAA CG  1 
ATOM   1018 O  OD1 . ASP A 1 116 ? 5.565   -8.568  -13.872 1.000 15.242 0 116 ASP AAA OD1 1 
ATOM   1019 O  OD2 . ASP A 1 116 ? 4.644   -10.556 -14.044 1.000 18.449 0 116 ASP AAA OD2 1 
ATOM   1020 N  N   . LYS A 1 117 ? 6.135   -6.415  -11.814 1.000 8.570  0 117 LYS AAA N   1 
ATOM   1021 C  CA  . LYS A 1 117 ? 5.664   -5.050  -11.991 1.000 8.156  0 117 LYS AAA CA  1 
ATOM   1022 C  C   . LYS A 1 117 ? 4.406   -5.042  -12.855 1.000 7.845  0 117 LYS AAA C   1 
ATOM   1023 O  O   . LYS A 1 117 ? 3.618   -4.066  -12.733 1.000 9.310  0 117 LYS AAA O   1 
ATOM   1024 C  CB  . LYS A 1 117 ? 6.755   -4.241  -12.672 1.000 8.980  0 117 LYS AAA CB  1 
ATOM   1025 C  CG  . LYS A 1 117 ? 7.977   -4.068  -11.803 1.000 9.048  0 117 LYS AAA CG  1 
ATOM   1026 C  CD  . LYS A 1 117 ? 9.031   -3.299  -12.602 1.000 10.121 0 117 LYS AAA CD  1 
ATOM   1027 C  CE  . LYS A 1 117 ? 10.391  -3.212  -11.973 1.000 8.972  0 117 LYS AAA CE  1 
ATOM   1028 N  NZ  . LYS A 1 117 ? 10.385  -2.619  -10.623 1.000 8.767  0 117 LYS AAA NZ  1 
ATOM   1029 N  N   . ALA A 1 118 ? 4.228   -6.020  -13.746 1.000 9.126  0 118 ALA AAA N   1 
ATOM   1030 C  CA  . ALA A 1 118 ? 2.998   -6.061  -14.551 1.000 9.823  0 118 ALA AAA CA  1 
ATOM   1031 C  C   . ALA A 1 118 ? 1.714   -6.186  -13.731 1.000 9.843  0 118 ALA AAA C   1 
ATOM   1032 O  O   . ALA A 1 118 ? 0.673   -5.832  -14.224 1.000 12.950 0 118 ALA AAA O   1 
ATOM   1033 C  CB  . ALA A 1 118 ? 3.041   -7.207  -15.538 1.000 11.636 0 118 ALA AAA CB  1 
ATOM   1034 N  N   . ASP A 1 119 ? 1.827   -6.603  -12.494 1.000 9.087  0 119 ASP AAA N   1 
ATOM   1035 C  CA  . ASP A 1 119 ? 0.678   -6.807  -11.591 1.000 9.895  0 119 ASP AAA CA  1 
ATOM   1036 C  C   . ASP A 1 119 ? 0.416   -5.570  -10.727 1.000 9.546  0 119 ASP AAA C   1 
ATOM   1037 O  O   . ASP A 1 119 ? -0.573  -5.577  -9.981  1.000 10.570 0 119 ASP AAA O   1 
ATOM   1038 C  CB  . ASP A 1 119 ? 0.900   -8.038  -10.716 1.000 10.229 0 119 ASP AAA CB  1 
ATOM   1039 C  CG  . ASP A 1 119 ? 0.902   -9.359  -11.485 1.000 12.089 0 119 ASP AAA CG  1 
ATOM   1040 O  OD1 . ASP A 1 119 ? 0.183   -9.410  -12.509 1.000 16.242 0 119 ASP AAA OD1 1 
ATOM   1041 O  OD2 . ASP A 1 119 ? 1.615   -10.294 -11.066 1.000 14.075 0 119 ASP AAA OD2 1 
ATOM   1042 N  N   . ILE A 1 120 ? 1.170   -4.511  -10.851 1.000 7.724  0 120 ILE AAA N   1 
ATOM   1043 C  CA  . ILE A 1 120 ? 0.828   -3.211  -10.215 1.000 8.035  0 120 ILE AAA CA  1 
ATOM   1044 C  C   . ILE A 1 120 ? -0.427  -2.695  -10.884 1.000 9.105  0 120 ILE AAA C   1 
ATOM   1045 O  O   . ILE A 1 120 ? -0.479  -2.702  -12.107 1.000 10.250 0 120 ILE AAA O   1 
ATOM   1046 C  CB  . ILE A 1 120 ? 1.981   -2.215  -10.339 1.000 8.098  0 120 ILE AAA CB  1 
ATOM   1047 C  CG1 . ILE A 1 120 ? 3.202   -2.664  -9.561  1.000 9.128  0 120 ILE AAA CG1 1 
ATOM   1048 C  CG2 . ILE A 1 120 ? 1.572   -0.816  -9.926  1.000 8.279  0 120 ILE AAA CG2 1 
ATOM   1049 C  CD1 . ILE A 1 120 ? 4.484   -1.912  -9.921  1.000 9.557  0 120 ILE AAA CD1 1 
ATOM   1050 N  N   . LYS A 1 121 ? -1.366  -2.212  -10.083 1.000 8.008  0 121 LYS AAA N   1 
ATOM   1051 C  CA  . LYS A 1 121 ? -2.563  -1.512  -10.595 1.000 9.030  0 121 LYS AAA CA  1 
ATOM   1052 C  C   . LYS A 1 121 ? -2.449  -0.036  -10.308 1.000 8.494  0 121 LYS AAA C   1 
ATOM   1053 O  O   . LYS A 1 121 ? -2.295  0.338   -9.137  1.000 9.407  0 121 LYS AAA O   1 
ATOM   1054 C  CB  . LYS A 1 121 ? -3.849  -2.071  -9.992  1.000 11.149 0 121 LYS AAA CB  1 
ATOM   1055 C  CG  . LYS A 1 121 ? -5.172  -1.428  -10.396 1.000 15.913 0 121 LYS AAA CG  1 
ATOM   1056 C  CD  . LYS A 1 121 ? -5.432  -1.331  -11.879 1.000 19.483 0 121 LYS AAA CD  1 
ATOM   1057 C  CE  . LYS A 1 121 ? -6.805  -0.733  -12.139 1.000 22.056 0 121 LYS AAA CE  1 
ATOM   1058 N  NZ  . LYS A 1 121 ? -7.183  -0.831  -13.562 1.000 24.457 0 121 LYS AAA NZ  1 
ATOM   1059 N  N   . LEU A 1 122 ? -2.617  0.812   -11.318 1.000 8.260  0 122 LEU AAA N   1 
ATOM   1060 C  CA  . LEU A 1 122 ? -2.583  2.268   -11.149 1.000 8.029  0 122 LEU AAA CA  1 
ATOM   1061 C  C   . LEU A 1 122 ? -4.004  2.807   -11.199 1.000 8.149  0 122 LEU AAA C   1 
ATOM   1062 O  O   . LEU A 1 122 ? -4.776  2.430   -12.138 1.000 10.472 0 122 LEU AAA O   1 
ATOM   1063 C  CB  . LEU A 1 122 ? -1.706  2.885   -12.217 1.000 9.218  0 122 LEU AAA CB  1 
ATOM   1064 C  CG  . LEU A 1 122 ? -0.276  2.360   -12.236 1.000 9.888  0 122 LEU AAA CG  1 
ATOM   1065 C  CD1 . LEU A 1 122 ? 0.485   3.097   -13.330 1.000 12.104 0 122 LEU AAA CD1 1 
ATOM   1066 C  CD2 . LEU A 1 122 ? 0.439   2.518   -10.911 1.000 11.280 0 122 LEU AAA CD2 1 
ATOM   1067 N  N   . ILE A 1 123 ? -4.368  3.646   -10.264 1.000 7.378  0 123 ILE AAA N   1 
ATOM   1068 C  CA  . ILE A 1 123 ? -5.687  4.309   -10.226 1.000 8.046  0 123 ILE AAA CA  1 
ATOM   1069 C  C   . ILE A 1 123 ? -5.487  5.794   -10.397 1.000 7.717  0 123 ILE AAA C   1 
ATOM   1070 O  O   . ILE A 1 123 ? -4.566  6.370   -9.837  1.000 7.541  0 123 ILE AAA O   1 
ATOM   1071 C  CB  . ILE A 1 123 ? -6.401  3.948   -8.908  1.000 8.600  0 123 ILE AAA CB  1 
ATOM   1072 C  CG1 . ILE A 1 123 ? -6.654  2.464   -8.763  1.000 11.006 0 123 ILE AAA CG1 1 
ATOM   1073 C  CG2 . ILE A 1 123 ? -7.732  4.715   -8.782  1.000 9.580  0 123 ILE AAA CG2 1 
ATOM   1074 C  CD1 . ILE A 1 123 ? -7.308  2.118   -7.458  1.000 10.913 0 123 ILE AAA CD1 1 
ATOM   1075 N  N   . ASN A 1 124 ? -6.408  6.442   -11.137 1.000 7.323  0 124 ASN AAA N   1 
ATOM   1076 C  CA  . ASN A 1 124 ? -6.386  7.885   -11.354 1.000 8.038  0 124 ASN AAA CA  1 
ATOM   1077 C  C   . ASN A 1 124 ? -5.072  8.361   -11.932 1.000 7.613  0 124 ASN AAA C   1 
ATOM   1078 O  O   . ASN A 1 124 ? -4.621  9.471   -11.602 1.000 9.429  0 124 ASN AAA O   1 
ATOM   1079 C  CB  . ASN A 1 124 ? -6.787  8.622   -10.073 1.000 8.096  0 124 ASN AAA CB  1 
ATOM   1080 C  CG  . ASN A 1 124 ? -8.230  8.376   -9.723  1.000 9.253  0 124 ASN AAA CG  1 
ATOM   1081 O  OD1 . ASN A 1 124 ? -9.079  8.177   -10.616 1.000 9.513  0 124 ASN AAA OD1 1 
ATOM   1082 N  ND2 . ASN A 1 124 ? -8.583  8.350   -8.455  1.000 9.686  0 124 ASN AAA ND2 1 
ATOM   1083 N  N   . ASN A 1 125 ? -4.577  7.587   -12.882 1.000 9.403  0 125 ASN AAA N   1 
ATOM   1084 C  CA  . ASN A 1 125 ? -3.457  8.020   -13.740 1.000 9.500  0 125 ASN AAA CA  1 
ATOM   1085 C  C   . ASN A 1 125 ? -2.201  8.265   -12.873 1.000 9.326  0 125 ASN AAA C   1 
ATOM   1086 O  O   . ASN A 1 125 ? -1.376  9.073   -13.244 1.000 10.837 0 125 ASN AAA O   1 
ATOM   1087 C  CB  . ASN A 1 125 ? -3.870  9.225   -14.589 1.000 10.682 0 125 ASN AAA CB  1 
ATOM   1088 C  CG  . ASN A 1 125 ? -2.994  9.357   -15.811 1.000 12.274 0 125 ASN AAA CG  1 
ATOM   1089 O  OD1 . ASN A 1 125 ? -2.300  8.428   -16.210 1.000 14.816 0 125 ASN AAA OD1 1 
ATOM   1090 N  ND2 . ASN A 1 125 ? -3.041  10.527  -16.402 1.000 14.072 0 125 ASN AAA ND2 1 
ATOM   1091 N  N   . PHE A 1 126 ? -2.033  7.504   -11.792 1.000 9.031  0 126 PHE AAA N   1 
ATOM   1092 C  CA  . PHE A 1 126 ? -0.783  7.538   -11.009 1.000 8.544  0 126 PHE AAA CA  1 
ATOM   1093 C  C   . PHE A 1 126 ? 0.392   7.475   -11.969 1.000 8.989  0 126 PHE AAA C   1 
ATOM   1094 O  O   . PHE A 1 126 ? 0.479   6.585   -12.809 1.000 10.559 0 126 PHE AAA O   1 
ATOM   1095 C  CB  . PHE A 1 126 ? -0.810  6.365   -10.033 1.000 8.223  0 126 PHE AAA CB  1 
ATOM   1096 C  CG  . PHE A 1 126 ? 0.358   6.377   -9.058  1.000 7.649  0 126 PHE AAA CG  1 
ATOM   1097 C  CD1 . PHE A 1 126 ? 1.617   6.015   -9.477  1.000 8.977  0 126 PHE AAA CD1 1 
ATOM   1098 C  CD2 . PHE A 1 126 ? 0.172   6.695   -7.736  1.000 8.053  0 126 PHE AAA CD2 1 
ATOM   1099 C  CE1 . PHE A 1 126 ? 2.674   5.996   -8.593  1.000 8.718  0 126 PHE AAA CE1 1 
ATOM   1100 C  CE2 . PHE A 1 126 ? 1.227   6.688   -6.833  1.000 9.060  0 126 PHE AAA CE2 1 
ATOM   1101 C  CZ  . PHE A 1 126 ? 2.474   6.312   -7.271  1.000 10.003 0 126 PHE AAA CZ  1 
ATOM   1102 N  N   . ASP A 1 127 ? 1.310   8.373   -11.751 1.000 10.273 0 127 ASP AAA N   1 
ATOM   1103 C  CA  . ASP A 1 127 ? 2.566   8.378   -12.532 1.000 11.424 0 127 ASP AAA CA  1 
ATOM   1104 C  C   . ASP A 1 127 ? 3.692   8.770   -11.579 1.000 9.978  0 127 ASP AAA C   1 
ATOM   1105 O  O   . ASP A 1 127 ? 3.784   9.920   -11.174 1.000 9.874  0 127 ASP AAA O   1 
ATOM   1106 C  CB  . ASP A 1 127 ? 2.438   9.380   -13.662 1.000 13.612 0 127 ASP AAA CB  1 
ATOM   1107 C  CG  . ASP A 1 127 ? 3.716   9.531   -14.464 1.000 18.095 0 127 ASP AAA CG  1 
ATOM   1108 O  OD1 . ASP A 1 127 ? 4.716   8.818   -14.192 1.000 16.579 0 127 ASP AAA OD1 1 
ATOM   1109 O  OD2 . ASP A 1 127 ? 3.669   10.367  -15.422 1.000 21.792 0 127 ASP AAA OD2 1 
ATOM   1110 N  N   . ILE A 1 128 ? 4.510   7.803   -11.214 1.000 11.330 0 128 ILE AAA N   1 
ATOM   1111 C  CA  . ILE A 1 128 ? 5.582   8.008   -10.206 1.000 11.143 0 128 ILE AAA CA  1 
ATOM   1112 C  C   . ILE A 1 128 ? 6.501   9.179   -10.600 1.000 11.485 0 128 ILE AAA C   1 
ATOM   1113 O  O   . ILE A 1 128 ? 6.963   9.844   -9.688  1.000 12.633 0 128 ILE AAA O   1 
ATOM   1114 C  CB  . ILE A 1 128 ? 6.366   6.695   -9.958  1.000 11.237 0 128 ILE AAA CB  1 
ATOM   1115 C  CG1 . ILE A 1 128 ? 7.293   6.788   -8.750  1.000 11.653 0 128 ILE AAA CG1 1 
ATOM   1116 C  CG2 . ILE A 1 128 ? 7.143   6.203   -11.163 1.000 13.209 0 128 ILE AAA CG2 1 
ATOM   1117 C  CD1 . ILE A 1 128 ? 6.638   7.188   -7.509  1.000 11.212 0 128 ILE AAA CD1 1 
ATOM   1118 N  N   . ASP A 1 129 ? 6.707   9.426   -11.881 1.000 12.774 0 129 ASP AAA N   1 
ATOM   1119 C  CA  . ASP A 1 129 ? 7.616   10.519  -12.320 1.000 15.959 0 129 ASP AAA CA  1 
ATOM   1120 C  C   . ASP A 1 129 ? 7.115   11.862  -11.818 1.000 18.167 0 129 ASP AAA C   1 
ATOM   1121 O  O   . ASP A 1 129 ? 7.941   12.758  -11.642 1.000 18.612 0 129 ASP AAA O   1 
ATOM   1122 C  CB  . ASP A 1 129 ? 7.714   10.602  -13.835 1.000 16.896 0 129 ASP AAA CB  1 
ATOM   1123 C  CG  . ASP A 1 129 ? 8.329   9.399   -14.494 1.000 22.165 0 129 ASP AAA CG  1 
ATOM   1124 O  OD1 . ASP A 1 129 ? 9.041   8.665   -13.784 1.000 27.637 0 129 ASP AAA OD1 1 
ATOM   1125 O  OD2 . ASP A 1 129 ? 8.021   9.157   -15.671 1.000 24.891 0 129 ASP AAA OD2 1 
ATOM   1126 N  N   . ARG A 1 130 ? 5.816   12.027  -11.542 1.000 14.220 0 130 ARG AAA N   1 
ATOM   1127 C  CA  . ARG A 1 130 ? 5.310   13.328  -11.086 1.000 17.368 0 130 ARG AAA CA  1 
ATOM   1128 C  C   . ARG A 1 130 ? 5.657   13.572  -9.616  1.000 20.398 0 130 ARG AAA C   1 
ATOM   1129 O  O   . ARG A 1 130 ? 5.487   14.685  -9.188  1.000 22.960 0 130 ARG AAA O   1 
ATOM   1130 C  CB  . ARG A 1 130 ? 3.789   13.376  -11.256 1.000 20.772 0 130 ARG AAA CB  1 
ATOM   1131 C  CG  . ARG A 1 130 ? 3.339   13.263  -12.700 1.000 24.689 0 130 ARG AAA CG  1 
ATOM   1132 C  CD  . ARG A 1 130 ? 1.830   13.423  -12.849 1.000 28.269 0 130 ARG AAA CD  1 
ATOM   1133 N  NE  . ARG A 1 130 ? 1.319   14.654  -12.256 0.500 35.034 0 130 ARG AAA NE  1 
ATOM   1134 C  CZ  . ARG A 1 130 ? 1.437   15.868  -12.793 0.500 35.215 0 130 ARG AAA CZ  1 
ATOM   1135 N  NH1 . ARG A 1 130 ? 2.054   16.046  -13.953 0.500 37.075 0 130 ARG AAA NH1 1 
ATOM   1136 N  NH2 . ARG A 1 130 ? 0.925   16.907  -12.168 0.500 35.581 0 130 ARG AAA NH2 1 
ATOM   1137 N  N   . TYR A 1 131 ? 5.997   12.562  -8.815  1.000 19.818 0 131 TYR AAA N   1 
ATOM   1138 C  CA  . TYR A 1 131 ? 5.891   12.722  -7.335  1.000 23.843 0 131 TYR AAA CA  1 
ATOM   1139 C  C   . TYR A 1 131 ? 7.278   12.786  -6.713  1.000 27.816 0 131 TYR AAA C   1 
ATOM   1140 O  O   . TYR A 1 131 ? 7.375   13.338  -5.561  1.000 27.814 0 131 TYR AAA O   1 
ATOM   1141 C  CB  . TYR A 1 131 ? 4.986   11.666  -6.670  1.000 19.797 0 131 TYR AAA CB  1 
ATOM   1142 C  CG  . TYR A 1 131 ? 3.708   11.389  -7.391  1.000 20.523 0 131 TYR AAA CG  1 
ATOM   1143 C  CD1 . TYR A 1 131 ? 2.706   12.355  -7.582  1.000 19.885 0 131 TYR AAA CD1 1 
ATOM   1144 C  CD2 . TYR A 1 131 ? 3.424   10.119  -7.786  1.000 20.444 0 131 TYR AAA CD2 1 
ATOM   1145 C  CE1 . TYR A 1 131 ? 1.536   12.053  -8.272  1.000 19.924 0 131 TYR AAA CE1 1 
ATOM   1146 C  CE2 . TYR A 1 131 ? 2.275   9.817   -8.496  1.000 20.582 0 131 TYR AAA CE2 1 
ATOM   1147 C  CZ  . TYR A 1 131 ? 1.333   10.788  -8.791  1.000 23.765 0 131 TYR AAA CZ  1 
ATOM   1148 O  OH  . TYR A 1 131 ? 0.261   10.474  -9.621  1.000 20.973 0 131 TYR AAA OH  1 
ATOM   1149 N  N   . VAL A 1 132 ? 8.289   12.308  -7.430  1.000 27.093 0 132 VAL AAA N   1 
ATOM   1150 C  CA  . VAL A 1 132 ? 9.678   12.203  -6.908  1.000 34.905 0 132 VAL AAA CA  1 
ATOM   1151 C  C   . VAL A 1 132 ? 10.202  13.612  -6.567  1.000 41.833 0 132 VAL AAA C   1 
ATOM   1152 O  O   . VAL A 1 132 ? 9.818   14.615  -7.195  1.000 43.388 0 132 VAL AAA O   1 
ATOM   1153 C  CB  . VAL A 1 132 ? 10.573  11.480  -7.933  1.000 33.830 0 132 VAL AAA CB  1 
ATOM   1154 C  CG1 . VAL A 1 132 ? 10.108  10.053  -8.176  1.000 36.050 0 132 VAL AAA CG1 1 
ATOM   1155 C  CG2 . VAL A 1 132 ? 10.649  12.230  -9.244  1.000 36.298 0 132 VAL AAA CG2 1 
HETATM 1156 C  C1  . GOL B 2 .   ? 10.553  2.825   1.553   1.000 27.826 0 201 GOL AAA C1  1 
HETATM 1157 O  O1  . GOL B 2 .   ? 10.816  4.146   1.098   1.000 29.910 0 201 GOL AAA O1  1 
HETATM 1158 C  C2  . GOL B 2 .   ? 11.524  1.799   1.002   1.000 25.552 0 201 GOL AAA C2  1 
HETATM 1159 O  O2  . GOL B 2 .   ? 12.866  2.138   1.367   1.000 27.873 0 201 GOL AAA O2  1 
HETATM 1160 C  C3  . GOL B 2 .   ? 11.158  0.447   1.526   1.000 26.553 0 201 GOL AAA C3  1 
HETATM 1161 O  O3  . GOL B 2 .   ? 12.133  -0.513  1.200   1.000 22.728 0 201 GOL AAA O3  1 
HETATM 1162 C  C1  . GOL C 2 .   ? 8.122   0.441   4.484   1.000 30.916 0 202 GOL AAA C1  1 
HETATM 1163 O  O1  . GOL C 2 .   ? 9.340   -0.144  4.916   1.000 38.077 0 202 GOL AAA O1  1 
HETATM 1164 C  C2  . GOL C 2 .   ? 6.888   -0.221  5.090   1.000 29.569 0 202 GOL AAA C2  1 
HETATM 1165 O  O2  . GOL C 2 .   ? 6.822   -0.071  6.522   1.000 27.571 0 202 GOL AAA O2  1 
HETATM 1166 C  C3  . GOL C 2 .   ? 5.647   0.359   4.438   1.000 25.657 0 202 GOL AAA C3  1 
HETATM 1167 O  O3  . GOL C 2 .   ? 4.448   -0.372  4.694   1.000 20.124 0 202 GOL AAA O3  1 
HETATM 1168 MN MN  . MN  D 3 .   ? 3.775   -7.115  1.737   0.200 7.439  0 203 MN  AAA MN  1 
HETATM 1169 CL CL  . CL  E 4 .   ? -10.935 11.528  -2.684  1.000 24.583 0 204 CL  AAA CL  1 
HETATM 1170 CL CL  . CL  F 4 .   ? 6.859   0.025   -12.935 1.000 13.037 0 205 CL  AAA CL  1 
HETATM 1171 CL CL  . CL  G 4 .   ? -6.562  14.743  -0.768  1.000 28.093 0 206 CL  AAA CL  1 
HETATM 1172 CL CL  . CL  H 4 .   ? 12.225  -13.590 -4.981  1.000 26.627 0 207 CL  AAA CL  1 
HETATM 1173 CL CL  . CL  I 4 .   ? 9.399   6.394   3.293   1.000 23.817 0 208 CL  AAA CL  1 
HETATM 1174 CL CL  . CL  J 4 .   ? -7.745  8.114   -14.839 1.000 12.098 0 209 CL  AAA CL  1 
HETATM 1175 CL CL  . CL  K 4 .   ? 9.426   -11.215 1.877   1.000 15.257 0 210 CL  AAA CL  1 
HETATM 1176 CL CL  . CL  L 4 .   ? -1.413  -9.804  -8.451  1.000 26.386 0 211 CL  AAA CL  1 
HETATM 1177 CL CL  . CL  M 4 .   ? 12.086  -3.216  3.025   1.000 31.414 0 212 CL  AAA CL  1 
HETATM 1178 CL CL  . CL  N 4 .   ? -6.764  12.567  1.298   1.000 23.672 0 213 CL  AAA CL  1 
HETATM 1179 CL CL  . CL  O 4 .   ? -6.000  16.713  7.509   1.000 25.879 0 214 CL  AAA CL  1 
HETATM 1180 O  O   . HOH P 5 .   ? 4.855   -2.844  4.888   1.000 26.516 0 301 HOH AAA O   1 
HETATM 1181 O  O   . HOH P 5 .   ? 8.473   -16.871 11.276  1.000 33.269 0 302 HOH AAA O   1 
HETATM 1182 O  O   . HOH P 5 .   ? -4.530  -16.264 6.847   1.000 12.342 0 303 HOH AAA O   1 
HETATM 1183 O  O   . HOH P 5 .   ? 4.873   17.099  5.298   1.000 36.866 0 304 HOH AAA O   1 
HETATM 1184 O  O   . HOH P 5 .   ? 3.069   -0.422  2.549   1.000 20.991 0 305 HOH AAA O   1 
HETATM 1185 O  O   . HOH P 5 .   ? -11.978 -3.759  -10.062 1.000 32.729 0 306 HOH AAA O   1 
HETATM 1186 O  O   . HOH P 5 .   ? 7.730   -6.411  3.231   1.000 30.352 0 307 HOH AAA O   1 
HETATM 1187 O  O   . HOH P 5 .   ? 5.847   10.413  -16.804 1.000 33.095 0 308 HOH AAA O   1 
HETATM 1188 O  O   . HOH P 5 .   ? 6.364   -7.905  -16.241 1.000 24.361 0 309 HOH AAA O   1 
HETATM 1189 O  O   . HOH P 5 .   ? -5.764  -15.433 10.630  1.000 24.813 0 310 HOH AAA O   1 
HETATM 1190 O  O   . HOH P 5 .   ? -3.047  7.848   15.076  1.000 13.399 0 311 HOH AAA O   1 
HETATM 1191 O  O   . HOH P 5 .   ? 14.829  8.043   -10.774 1.000 22.496 0 312 HOH AAA O   1 
HETATM 1192 O  O   . HOH P 5 .   ? -0.980  12.464  -10.750 1.000 31.076 0 313 HOH AAA O   1 
HETATM 1193 O  O   . HOH P 5 .   ? -5.602  1.095   -14.314 1.000 32.124 0 314 HOH AAA O   1 
HETATM 1194 O  O   . HOH P 5 .   ? -0.749  -5.036  8.913   1.000 29.868 0 315 HOH AAA O   1 
HETATM 1195 O  O   . HOH P 5 .   ? -0.209  -18.064 -5.264  1.000 17.852 0 316 HOH AAA O   1 
HETATM 1196 O  O   . HOH P 5 .   ? -7.761  -5.171  5.371   1.000 19.459 0 317 HOH AAA O   1 
HETATM 1197 O  O   . HOH P 5 .   ? 13.969  -8.343  -2.740  1.000 16.984 0 318 HOH AAA O   1 
HETATM 1198 O  O   . HOH P 5 .   ? 16.193  8.652   -7.980  1.000 25.624 0 319 HOH AAA O   1 
HETATM 1199 O  O   . HOH P 5 .   ? -18.459 2.040   5.763   1.000 44.384 0 320 HOH AAA O   1 
HETATM 1200 O  O   . HOH P 5 .   ? 2.728   -13.957 -6.311  1.000 19.008 0 321 HOH AAA O   1 
HETATM 1201 O  O   . HOH P 5 .   ? 17.855  -9.890  -2.609  1.000 25.847 0 322 HOH AAA O   1 
HETATM 1202 O  O   . HOH P 5 .   ? -18.334 2.563   0.185   1.000 23.135 0 323 HOH AAA O   1 
HETATM 1203 O  O   . HOH P 5 .   ? -14.507 -4.044  5.633   1.000 25.334 0 324 HOH AAA O   1 
HETATM 1204 O  O   . HOH P 5 .   ? -5.105  -3.197  7.168   1.000 26.035 0 325 HOH AAA O   1 
HETATM 1205 O  O   . HOH P 5 .   ? 8.934   -15.781 1.287   1.000 25.101 0 326 HOH AAA O   1 
HETATM 1206 O  O   . HOH P 5 .   ? -9.741  -0.053  -13.867 1.000 30.457 0 327 HOH AAA O   1 
HETATM 1207 O  O   . HOH P 5 .   ? 5.516   -16.889 -7.422  1.000 29.361 0 328 HOH AAA O   1 
HETATM 1208 O  O   . HOH P 5 .   ? -4.839  13.774  13.656  1.000 42.038 0 329 HOH AAA O   1 
HETATM 1209 O  O   . HOH P 5 .   ? -4.919  -10.258 -6.674  1.000 27.707 0 330 HOH AAA O   1 
HETATM 1210 O  O   . HOH P 5 .   ? -11.063 11.775  6.650   1.000 18.248 0 331 HOH AAA O   1 
HETATM 1211 O  O   . HOH P 5 .   ? -8.296  3.321   -12.994 1.000 19.813 0 332 HOH AAA O   1 
HETATM 1212 O  O   . HOH P 5 .   ? 1.577   -11.445 -6.940  1.000 11.481 0 333 HOH AAA O   1 
HETATM 1213 O  O   . HOH P 5 .   ? 20.788  -8.915  -0.567  1.000 36.436 0 334 HOH AAA O   1 
HETATM 1214 O  O   . HOH P 5 .   ? -16.177 7.514   -2.811  1.000 27.314 0 335 HOH AAA O   1 
HETATM 1215 O  O   . HOH P 5 .   ? 5.853   -6.332  2.167   1.000 23.332 0 336 HOH AAA O   1 
HETATM 1216 O  O   . HOH P 5 .   ? -8.166  -3.847  10.114  1.000 37.325 0 337 HOH AAA O   1 
HETATM 1217 O  O   . HOH P 5 .   ? -0.832  6.239   -15.164 1.000 17.704 0 338 HOH AAA O   1 
HETATM 1218 O  O   . HOH P 5 .   ? 8.867   -21.567 0.295   1.000 31.380 0 339 HOH AAA O   1 
HETATM 1219 O  O   . HOH P 5 .   ? -1.063  -15.066 10.206  1.000 19.806 0 340 HOH AAA O   1 
HETATM 1220 O  O   . HOH P 5 .   ? 8.505   -0.663  -10.314 1.000 9.331  0 341 HOH AAA O   1 
HETATM 1221 O  O   . HOH P 5 .   ? 20.335  -3.681  -1.572  1.000 31.881 0 342 HOH AAA O   1 
HETATM 1222 O  O   . HOH P 5 .   ? -0.541  11.622  -13.829 1.000 27.826 0 343 HOH AAA O   1 
HETATM 1223 O  O   . HOH P 5 .   ? -9.706  14.674  -8.275  1.000 33.197 0 344 HOH AAA O   1 
HETATM 1224 O  O   . HOH P 5 .   ? 13.533  -11.958 3.689   1.000 33.233 0 345 HOH AAA O   1 
HETATM 1225 O  O   . HOH P 5 .   ? -10.885 5.539   -11.091 1.000 10.598 0 346 HOH AAA O   1 
HETATM 1226 O  O   . HOH P 5 .   ? 10.170  -13.945 -6.928  1.000 21.696 0 347 HOH AAA O   1 
HETATM 1227 O  O   . HOH P 5 .   ? -3.245  11.872  -11.596 1.000 27.898 0 348 HOH AAA O   1 
HETATM 1228 O  O   . HOH P 5 .   ? 10.319  -15.882 -1.320  1.000 30.748 0 349 HOH AAA O   1 
HETATM 1229 O  O   . HOH P 5 .   ? 3.372   -10.554 -8.942  1.000 10.441 0 350 HOH AAA O   1 
HETATM 1230 O  O   . HOH P 5 .   ? 0.016   -15.794 2.406   1.000 8.919  0 351 HOH AAA O   1 
HETATM 1231 O  O   . HOH P 5 .   ? -2.565  -4.983  -8.094  1.000 17.496 0 352 HOH AAA O   1 
HETATM 1232 O  O   . HOH P 5 .   ? -5.066  -13.047 3.221   1.000 13.801 0 353 HOH AAA O   1 
HETATM 1233 O  O   . HOH P 5 .   ? 6.338   4.376   5.399   1.000 14.586 0 354 HOH AAA O   1 
HETATM 1234 O  O   . HOH P 5 .   ? -0.829  8.378   -18.564 1.000 39.304 0 355 HOH AAA O   1 
HETATM 1235 O  O   . HOH P 5 .   ? -7.162  -11.784 4.568   1.000 13.702 0 356 HOH AAA O   1 
HETATM 1236 O  O   . HOH P 5 .   ? 9.546   13.658  1.818   1.000 27.291 0 357 HOH AAA O   1 
HETATM 1237 O  O   . HOH P 5 .   ? -7.525  12.894  3.960   1.000 17.874 0 358 HOH AAA O   1 
HETATM 1238 O  O   . HOH P 5 .   ? 2.437   -12.522 2.076   1.000 9.392  0 359 HOH AAA O   1 
HETATM 1239 O  O   . HOH P 5 .   ? 13.543  9.860   -5.487  1.000 24.825 0 360 HOH AAA O   1 
HETATM 1240 O  O   . HOH P 5 .   ? 0.702   -0.209  7.926   1.000 22.272 0 361 HOH AAA O   1 
HETATM 1241 O  O   . HOH P 5 .   ? -3.856  -1.902  8.615   1.000 34.194 0 362 HOH AAA O   1 
HETATM 1242 O  O   . HOH P 5 .   ? 5.472   -14.205 -6.894  1.000 15.999 0 363 HOH AAA O   1 
HETATM 1243 O  O   . HOH P 5 .   ? 7.494   -1.637  -8.006  1.000 7.826  0 364 HOH AAA O   1 
HETATM 1244 O  O   . HOH P 5 .   ? -5.207  19.159  5.852   1.000 24.195 0 365 HOH AAA O   1 
HETATM 1245 O  O   . HOH P 5 .   ? -17.548 -1.032  1.519   1.000 19.801 0 366 HOH AAA O   1 
HETATM 1246 O  O   . HOH P 5 .   ? -8.713  -9.207  -3.999  1.000 19.587 0 367 HOH AAA O   1 
HETATM 1247 O  O   . HOH P 5 .   ? -17.080 2.659   8.162   1.000 30.033 0 368 HOH AAA O   1 
HETATM 1248 O  O   . HOH P 5 .   ? 5.031   -20.822 -7.029  1.000 42.496 0 369 HOH AAA O   1 
HETATM 1249 O  O   . HOH P 5 .   ? -1.486  22.464  -0.932  1.000 30.062 0 370 HOH AAA O   1 
HETATM 1250 O  O   . HOH P 5 .   ? 4.644   12.660  2.403   1.000 12.562 0 371 HOH AAA O   1 
HETATM 1251 O  O   . HOH P 5 .   ? 0.428   -4.211  -16.520 1.000 44.682 0 372 HOH AAA O   1 
HETATM 1252 O  O   . HOH P 5 .   ? 9.113   -16.944 8.379   1.000 32.720 0 373 HOH AAA O   1 
HETATM 1253 O  O   . HOH P 5 .   ? -14.037 6.402   9.377   1.000 26.659 0 374 HOH AAA O   1 
HETATM 1254 O  O   . HOH P 5 .   ? -14.498 7.898   2.271   1.000 22.916 0 375 HOH AAA O   1 
HETATM 1255 O  O   . HOH P 5 .   ? 0.070   12.318  9.855   1.000 19.985 0 376 HOH AAA O   1 
HETATM 1256 O  O   . HOH P 5 .   ? -7.508  -7.865  8.571   1.000 33.227 0 377 HOH AAA O   1 
HETATM 1257 O  O   . HOH P 5 .   ? -2.094  -4.607  -13.472 1.000 37.691 0 378 HOH AAA O   1 
HETATM 1258 O  O   . HOH P 5 .   ? 11.486  -5.594  7.139   1.000 31.679 0 379 HOH AAA O   1 
HETATM 1259 O  O   . HOH P 5 .   ? -1.822  -0.379  6.961   1.000 9.971  0 380 HOH AAA O   1 
HETATM 1260 O  O   . HOH P 5 .   ? 9.420   11.429  -1.809  1.000 23.365 0 381 HOH AAA O   1 
HETATM 1261 O  O   . HOH P 5 .   ? -3.316  13.941  -5.462  1.000 17.333 0 382 HOH AAA O   1 
HETATM 1262 O  O   . HOH P 5 .   ? 4.647   -6.956  3.728   1.000 27.059 0 383 HOH AAA O   1 
HETATM 1263 O  O   . HOH P 5 .   ? 4.551   15.377  2.116   1.000 15.474 0 384 HOH AAA O   1 
HETATM 1264 O  O   . HOH P 5 .   ? -11.945 -5.648  -5.923  1.000 16.753 0 385 HOH AAA O   1 
HETATM 1265 O  O   . HOH P 5 .   ? 11.330  9.829   -4.004  1.000 18.402 0 386 HOH AAA O   1 
HETATM 1266 O  O   . HOH P 5 .   ? -8.595  5.924   -12.920 1.000 10.712 0 387 HOH AAA O   1 
HETATM 1267 O  O   . HOH P 5 .   ? -6.775  14.539  11.748  1.000 21.733 0 388 HOH AAA O   1 
HETATM 1268 O  O   . HOH P 5 .   ? -10.107 2.816   15.126  1.000 33.595 0 389 HOH AAA O   1 
HETATM 1269 O  O   . HOH P 5 .   ? -7.367  9.270   15.148  1.000 24.759 0 390 HOH AAA O   1 
HETATM 1270 O  O   . HOH P 5 .   ? -8.968  13.077  11.140  1.000 26.808 0 391 HOH AAA O   1 
HETATM 1271 O  O   . HOH P 5 .   ? 12.626  -13.994 -1.065  1.000 37.551 0 392 HOH AAA O   1 
HETATM 1272 O  O   . HOH P 5 .   ? 15.230  1.490   -0.170  1.000 14.437 0 393 HOH AAA O   1 
HETATM 1273 O  O   . HOH P 5 .   ? -2.461  11.647  11.994  1.000 20.950 0 394 HOH AAA O   1 
HETATM 1274 O  O   . HOH P 5 .   ? 8.550   -7.296  -13.170 1.000 12.530 0 395 HOH AAA O   1 
HETATM 1275 O  O   . HOH P 5 .   ? 13.584  4.977   1.425   1.000 21.353 0 396 HOH AAA O   1 
HETATM 1276 O  O   . HOH P 5 .   ? 1.494   -20.330 14.519  1.000 28.550 0 397 HOH AAA O   1 
HETATM 1277 O  O   . HOH P 5 .   ? -13.951 -10.424 2.172   1.000 32.800 0 398 HOH AAA O   1 
HETATM 1278 O  O   . HOH P 5 .   ? -18.004 -8.341  -0.103  1.000 27.183 0 399 HOH AAA O   1 
HETATM 1279 O  O   . HOH P 5 .   ? -12.281 -9.320  -0.578  1.000 24.324 0 400 HOH AAA O   1 
HETATM 1280 O  O   . HOH P 5 .   ? 4.237   -1.421  -13.917 1.000 20.681 0 401 HOH AAA O   1 
HETATM 1281 O  O   . HOH P 5 .   ? 0.602   -12.819 8.957   1.000 15.783 0 402 HOH AAA O   1 
HETATM 1282 O  O   . HOH P 5 .   ? -15.091 10.115  -3.816  1.000 38.065 0 403 HOH AAA O   1 
HETATM 1283 O  O   . HOH P 5 .   ? 5.817   -14.818 17.159  1.000 28.997 0 404 HOH AAA O   1 
HETATM 1284 O  O   . HOH P 5 .   ? 6.477   -23.648 9.822   1.000 35.417 0 405 HOH AAA O   1 
HETATM 1285 O  O   . HOH P 5 .   ? -18.129 -0.371  8.646   1.000 28.515 0 406 HOH AAA O   1 
HETATM 1286 O  O   . HOH P 5 .   ? -15.851 -3.635  8.214   1.000 30.291 0 407 HOH AAA O   1 
HETATM 1287 O  O   . HOH P 5 .   ? -2.815  -0.199  -14.123 1.000 14.607 0 408 HOH AAA O   1 
HETATM 1288 O  O   . HOH P 5 .   ? 3.878   4.991   -12.168 1.000 13.487 0 409 HOH AAA O   1 
HETATM 1289 O  O   . HOH P 5 .   ? 3.675   0.968   -14.060 1.000 36.262 0 410 HOH AAA O   1 
HETATM 1290 O  O   . HOH P 5 .   ? 2.657   5.309   -14.525 1.000 23.463 0 411 HOH AAA O   1 
HETATM 1291 O  O   . HOH P 5 .   ? -10.846 5.523   12.773  1.000 15.778 0 412 HOH AAA O   1 
HETATM 1292 O  O   . HOH P 5 .   ? 17.313  6.332   -2.437  1.000 34.025 0 413 HOH AAA O   1 
HETATM 1293 O  O   . HOH P 5 .   ? 1.396   -1.374  -14.265 1.000 31.902 0 414 HOH AAA O   1 
HETATM 1294 O  O   . HOH P 5 .   ? -13.619 -4.404  -7.798  1.000 20.092 0 415 HOH AAA O   1 
HETATM 1295 O  O   . HOH P 5 .   ? -6.877  17.530  0.228   1.000 25.059 0 416 HOH AAA O   1 
HETATM 1296 O  O   . HOH P 5 .   ? 10.416  -25.119 8.742   1.000 34.965 0 417 HOH AAA O   1 
HETATM 1297 O  O   . HOH P 5 .   ? 8.878   -17.583 3.223   1.000 39.703 0 418 HOH AAA O   1 
HETATM 1298 O  O   . HOH P 5 .   ? -6.207  21.551  -4.188  1.000 31.691 0 419 HOH AAA O   1 
HETATM 1299 O  O   . HOH P 5 .   ? 8.838   -11.947 -9.991  1.000 34.037 0 420 HOH AAA O   1 
HETATM 1300 O  O   . HOH P 5 .   ? -9.576  -9.556  -2.164  1.000 23.311 0 421 HOH AAA O   1 
HETATM 1301 O  O   . HOH P 5 .   ? 15.808  -10.205 -3.241  1.000 29.674 0 422 HOH AAA O   1 
HETATM 1302 O  O   . HOH P 5 .   ? 3.606   -11.989 9.522   1.000 11.830 0 423 HOH AAA O   1 
HETATM 1303 O  O   . HOH P 5 .   ? 11.464  -13.608 1.712   1.000 33.465 0 424 HOH AAA O   1 
HETATM 1304 O  O   . HOH P 5 .   ? 14.922  -12.579 -3.673  1.000 38.885 0 425 HOH AAA O   1 
HETATM 1305 O  O   . HOH P 5 .   ? -17.077 6.968   1.748   1.000 32.007 0 426 HOH AAA O   1 
HETATM 1306 O  O   . HOH P 5 .   ? -13.492 10.544  6.431   1.000 30.731 0 427 HOH AAA O   1 
HETATM 1307 O  O   . HOH P 5 .   ? 5.227   -12.591 -9.097  1.000 24.887 0 428 HOH AAA O   1 
HETATM 1308 O  O   . HOH P 5 .   ? -1.172  14.261  -7.841  1.000 27.271 0 429 HOH AAA O   1 
HETATM 1309 O  O   . HOH P 5 .   ? -9.647  -7.089  -6.869  1.000 33.657 0 430 HOH AAA O   1 
HETATM 1310 O  O   . HOH P 5 .   ? -5.325  8.472   16.648  1.000 21.389 0 431 HOH AAA O   1 
HETATM 1311 O  O   . HOH P 5 .   ? -6.541  -4.765  8.396   1.000 31.812 0 432 HOH AAA O   1 
HETATM 1312 O  O   . HOH P 5 .   ? 10.671  12.658  -3.867  1.000 45.049 0 433 HOH AAA O   1 
HETATM 1313 O  O   . HOH P 5 .   ? -10.297 13.512  4.370   1.000 29.725 0 434 HOH AAA O   1 
HETATM 1314 O  O   . HOH P 5 .   ? -10.906 13.374  9.044   1.000 25.521 0 435 HOH AAA O   1 
HETATM 1315 O  O   . HOH P 5 .   ? -14.377 10.505  3.804   1.000 30.143 0 436 HOH AAA O   1 
HETATM 1316 O  O   . HOH P 5 .   ? -3.596  17.919  -11.875 1.000 42.005 0 437 HOH AAA O   1 
HETATM 1317 O  O   . HOH P 5 .   ? -5.084  -5.933  -8.050  1.000 31.130 0 438 HOH AAA O   1 
HETATM 1318 O  O   . HOH P 5 .   ? -18.932 3.081   -2.369  1.000 28.369 0 439 HOH AAA O   1 
HETATM 1319 O  O   . HOH P 5 .   ? -3.268  14.225  -10.210 1.000 35.724 0 440 HOH AAA O   1 
# 
